data_6HI8
# 
_entry.id   6HI8 
# 
_audit_conform.dict_name       mmcif_pdbx.dic 
_audit_conform.dict_version    5.383 
_audit_conform.dict_location   http://mmcif.pdb.org/dictionaries/ascii/mmcif_pdbx.dic 
# 
loop_
_database_2.database_id 
_database_2.database_code 
_database_2.pdbx_database_accession 
_database_2.pdbx_DOI 
PDB   6HI8         pdb_00006hi8 10.2210/pdb6hi8/pdb 
WWPDB D_1200011628 ?            ?                   
# 
loop_
_pdbx_audit_revision_history.ordinal 
_pdbx_audit_revision_history.data_content_type 
_pdbx_audit_revision_history.major_revision 
_pdbx_audit_revision_history.minor_revision 
_pdbx_audit_revision_history.revision_date 
1 'Structure model' 1 0 2019-10-16 
2 'Structure model' 1 1 2020-11-04 
3 'Structure model' 1 2 2024-01-17 
# 
_pdbx_audit_revision_details.ordinal             1 
_pdbx_audit_revision_details.revision_ordinal    1 
_pdbx_audit_revision_details.data_content_type   'Structure model' 
_pdbx_audit_revision_details.provider            repository 
_pdbx_audit_revision_details.type                'Initial release' 
_pdbx_audit_revision_details.description         ? 
_pdbx_audit_revision_details.details             ? 
# 
loop_
_pdbx_audit_revision_group.ordinal 
_pdbx_audit_revision_group.revision_ordinal 
_pdbx_audit_revision_group.data_content_type 
_pdbx_audit_revision_group.group 
1 2 'Structure model' 'Database references'    
2 3 'Structure model' 'Data collection'        
3 3 'Structure model' 'Database references'    
4 3 'Structure model' 'Refinement description' 
# 
loop_
_pdbx_audit_revision_category.ordinal 
_pdbx_audit_revision_category.revision_ordinal 
_pdbx_audit_revision_category.data_content_type 
_pdbx_audit_revision_category.category 
1 2 'Structure model' citation                      
2 2 'Structure model' citation_author               
3 3 'Structure model' chem_comp_atom                
4 3 'Structure model' chem_comp_bond                
5 3 'Structure model' database_2                    
6 3 'Structure model' pdbx_initial_refinement_model 
# 
loop_
_pdbx_audit_revision_item.ordinal 
_pdbx_audit_revision_item.revision_ordinal 
_pdbx_audit_revision_item.data_content_type 
_pdbx_audit_revision_item.item 
1  2 'Structure model' '_citation.country'                   
2  2 'Structure model' '_citation.journal_abbrev'            
3  2 'Structure model' '_citation.journal_id_CSD'            
4  2 'Structure model' '_citation.journal_id_ISSN'           
5  2 'Structure model' '_citation.journal_volume'            
6  2 'Structure model' '_citation.page_first'                
7  2 'Structure model' '_citation.page_last'                 
8  2 'Structure model' '_citation.pdbx_database_id_DOI'      
9  2 'Structure model' '_citation.pdbx_database_id_PubMed'   
10 2 'Structure model' '_citation.title'                     
11 2 'Structure model' '_citation.year'                      
12 3 'Structure model' '_database_2.pdbx_DOI'                
13 3 'Structure model' '_database_2.pdbx_database_accession' 
# 
_pdbx_database_status.status_code                     REL 
_pdbx_database_status.status_code_sf                  REL 
_pdbx_database_status.status_code_mr                  ? 
_pdbx_database_status.entry_id                        6HI8 
_pdbx_database_status.recvd_initial_deposition_date   2018-08-29 
_pdbx_database_status.SG_entry                        N 
_pdbx_database_status.deposit_site                    PDBE 
_pdbx_database_status.process_site                    PDBE 
_pdbx_database_status.status_code_cs                  ? 
_pdbx_database_status.methods_development_category    ? 
_pdbx_database_status.pdb_format_compatible           Y 
_pdbx_database_status.status_code_nmr_data            ? 
# 
loop_
_audit_author.name 
_audit_author.pdbx_ordinal 
_audit_author.identifier_ORCID 
'Sledz, P.'    1 ? 
'Caflisch, A.' 2 ? 
# 
_citation.abstract                  ? 
_citation.abstract_id_CAS           ? 
_citation.book_id_ISBN              ? 
_citation.book_publisher            ? 
_citation.book_publisher_city       ? 
_citation.book_title                ? 
_citation.coordinate_linkage        ? 
_citation.country                   US 
_citation.database_id_Medline       ? 
_citation.details                   ? 
_citation.id                        primary 
_citation.journal_abbrev            'Acs Med.Chem.Lett.' 
_citation.journal_id_ASTM           ? 
_citation.journal_id_CSD            ? 
_citation.journal_id_ISSN           1948-5875 
_citation.journal_full              ? 
_citation.journal_issue             ? 
_citation.journal_volume            11 
_citation.language                  ? 
_citation.page_first                1573 
_citation.page_last                 1580 
_citation.title                     'Hitting a Moving Target: Simulation and Crystallography Study of ATAD2 Bromodomain Blockers.' 
_citation.year                      2020 
_citation.database_id_CSD           ? 
_citation.pdbx_database_id_DOI      10.1021/acsmedchemlett.0c00080 
_citation.pdbx_database_id_PubMed   32832026 
_citation.unpublished_flag          ? 
# 
loop_
_citation_author.citation_id 
_citation_author.name 
_citation_author.ordinal 
_citation_author.identifier_ORCID 
primary 'Dolbois, A.'        1  ? 
primary 'Batiste, L.'        2  ? 
primary 'Wiedmer, L.'        3  ? 
primary 'Dong, J.'           4  ? 
primary 'Brutsch, M.'        5  ? 
primary 'Huang, D.'          6  ? 
primary 'Deerain, N.M.'      7  ? 
primary 'Spiliotopoulos, D.' 8  ? 
primary 'Cheng-Sanchez, I.'  9  ? 
primary 'Laul, E.'           10 ? 
primary 'Nevado, C.'         11 ? 
primary 'Sledz, P.'          12 ? 
primary 'Caflisch, A.'       13 ? 
# 
loop_
_entity.id 
_entity.type 
_entity.src_method 
_entity.pdbx_description 
_entity.formula_weight 
_entity.pdbx_number_of_molecules 
_entity.pdbx_ec 
_entity.pdbx_mutation 
_entity.pdbx_fragment 
_entity.details 
1 polymer     man 'ATPase family AAA domain-containing protein 2'                                             15453.514 1   ? ? ? 
? 
2 non-polymer syn 'SULFATE ION'                                                                               96.063    1   ? ? ? 
? 
3 non-polymer syn '2-azanyl-~{N}-[5-(5-azanylpyridin-3-yl)-4-ethanoyl-1,3-thiazol-2-yl]-2-methyl-propanamide' 319.382   1   ? ? ? 
? 
4 water       nat water                                                                                       18.015    181 ? ? ? 
? 
# 
_entity_name_com.entity_id   1 
_entity_name_com.name        'Bromodomain of ATAD2' 
# 
_entity_poly.entity_id                      1 
_entity_poly.type                           'polypeptide(L)' 
_entity_poly.nstd_linkage                   no 
_entity_poly.nstd_monomer                   no 
_entity_poly.pdbx_seq_one_letter_code       
;SMQEEDTFRELRIFLRNVTHRLAIDKRFRVFTKPVDPDEVPDYVTVIKQPMDLSSVISKIDLHKYLTVKDYLRDIDLICS
NALEYNPDRDPGDRLIRHRACALRDTAYAIIKEELDEDFEQLCEEIQESR
;
_entity_poly.pdbx_seq_one_letter_code_can   
;SMQEEDTFRELRIFLRNVTHRLAIDKRFRVFTKPVDPDEVPDYVTVIKQPMDLSSVISKIDLHKYLTVKDYLRDIDLICS
NALEYNPDRDPGDRLIRHRACALRDTAYAIIKEELDEDFEQLCEEIQESR
;
_entity_poly.pdbx_strand_id                 A 
_entity_poly.pdbx_target_identifier         ? 
# 
loop_
_pdbx_entity_nonpoly.entity_id 
_pdbx_entity_nonpoly.name 
_pdbx_entity_nonpoly.comp_id 
2 'SULFATE ION'                                                                               SO4 
3 '2-azanyl-~{N}-[5-(5-azanylpyridin-3-yl)-4-ethanoyl-1,3-thiazol-2-yl]-2-methyl-propanamide' G6W 
4 water                                                                                       HOH 
# 
loop_
_entity_poly_seq.entity_id 
_entity_poly_seq.num 
_entity_poly_seq.mon_id 
_entity_poly_seq.hetero 
1 1   SER n 
1 2   MET n 
1 3   GLN n 
1 4   GLU n 
1 5   GLU n 
1 6   ASP n 
1 7   THR n 
1 8   PHE n 
1 9   ARG n 
1 10  GLU n 
1 11  LEU n 
1 12  ARG n 
1 13  ILE n 
1 14  PHE n 
1 15  LEU n 
1 16  ARG n 
1 17  ASN n 
1 18  VAL n 
1 19  THR n 
1 20  HIS n 
1 21  ARG n 
1 22  LEU n 
1 23  ALA n 
1 24  ILE n 
1 25  ASP n 
1 26  LYS n 
1 27  ARG n 
1 28  PHE n 
1 29  ARG n 
1 30  VAL n 
1 31  PHE n 
1 32  THR n 
1 33  LYS n 
1 34  PRO n 
1 35  VAL n 
1 36  ASP n 
1 37  PRO n 
1 38  ASP n 
1 39  GLU n 
1 40  VAL n 
1 41  PRO n 
1 42  ASP n 
1 43  TYR n 
1 44  VAL n 
1 45  THR n 
1 46  VAL n 
1 47  ILE n 
1 48  LYS n 
1 49  GLN n 
1 50  PRO n 
1 51  MET n 
1 52  ASP n 
1 53  LEU n 
1 54  SER n 
1 55  SER n 
1 56  VAL n 
1 57  ILE n 
1 58  SER n 
1 59  LYS n 
1 60  ILE n 
1 61  ASP n 
1 62  LEU n 
1 63  HIS n 
1 64  LYS n 
1 65  TYR n 
1 66  LEU n 
1 67  THR n 
1 68  VAL n 
1 69  LYS n 
1 70  ASP n 
1 71  TYR n 
1 72  LEU n 
1 73  ARG n 
1 74  ASP n 
1 75  ILE n 
1 76  ASP n 
1 77  LEU n 
1 78  ILE n 
1 79  CYS n 
1 80  SER n 
1 81  ASN n 
1 82  ALA n 
1 83  LEU n 
1 84  GLU n 
1 85  TYR n 
1 86  ASN n 
1 87  PRO n 
1 88  ASP n 
1 89  ARG n 
1 90  ASP n 
1 91  PRO n 
1 92  GLY n 
1 93  ASP n 
1 94  ARG n 
1 95  LEU n 
1 96  ILE n 
1 97  ARG n 
1 98  HIS n 
1 99  ARG n 
1 100 ALA n 
1 101 CYS n 
1 102 ALA n 
1 103 LEU n 
1 104 ARG n 
1 105 ASP n 
1 106 THR n 
1 107 ALA n 
1 108 TYR n 
1 109 ALA n 
1 110 ILE n 
1 111 ILE n 
1 112 LYS n 
1 113 GLU n 
1 114 GLU n 
1 115 LEU n 
1 116 ASP n 
1 117 GLU n 
1 118 ASP n 
1 119 PHE n 
1 120 GLU n 
1 121 GLN n 
1 122 LEU n 
1 123 CYS n 
1 124 GLU n 
1 125 GLU n 
1 126 ILE n 
1 127 GLN n 
1 128 GLU n 
1 129 SER n 
1 130 ARG n 
# 
_entity_src_gen.entity_id                          1 
_entity_src_gen.pdbx_src_id                        1 
_entity_src_gen.pdbx_alt_source_flag               sample 
_entity_src_gen.pdbx_seq_type                      ? 
_entity_src_gen.pdbx_beg_seq_num                   ? 
_entity_src_gen.pdbx_end_seq_num                   ? 
_entity_src_gen.gene_src_common_name               Human 
_entity_src_gen.gene_src_genus                     ? 
_entity_src_gen.pdbx_gene_src_gene                 ? 
_entity_src_gen.gene_src_species                   ? 
_entity_src_gen.gene_src_strain                    ? 
_entity_src_gen.gene_src_tissue                    ? 
_entity_src_gen.gene_src_tissue_fraction           ? 
_entity_src_gen.gene_src_details                   ? 
_entity_src_gen.pdbx_gene_src_fragment             ? 
_entity_src_gen.pdbx_gene_src_scientific_name      'Homo sapiens' 
_entity_src_gen.pdbx_gene_src_ncbi_taxonomy_id     9606 
_entity_src_gen.pdbx_gene_src_variant              ? 
_entity_src_gen.pdbx_gene_src_cell_line            ? 
_entity_src_gen.pdbx_gene_src_atcc                 ? 
_entity_src_gen.pdbx_gene_src_organ                ? 
_entity_src_gen.pdbx_gene_src_organelle            ? 
_entity_src_gen.pdbx_gene_src_cell                 ? 
_entity_src_gen.pdbx_gene_src_cellular_location    ? 
_entity_src_gen.host_org_common_name               ? 
_entity_src_gen.pdbx_host_org_scientific_name      'Escherichia coli' 
_entity_src_gen.pdbx_host_org_ncbi_taxonomy_id     562 
_entity_src_gen.host_org_genus                     ? 
_entity_src_gen.pdbx_host_org_gene                 ? 
_entity_src_gen.pdbx_host_org_organ                ? 
_entity_src_gen.host_org_species                   ? 
_entity_src_gen.pdbx_host_org_tissue               ? 
_entity_src_gen.pdbx_host_org_tissue_fraction      ? 
_entity_src_gen.pdbx_host_org_strain               ? 
_entity_src_gen.pdbx_host_org_variant              ? 
_entity_src_gen.pdbx_host_org_cell_line            ? 
_entity_src_gen.pdbx_host_org_atcc                 ? 
_entity_src_gen.pdbx_host_org_culture_collection   ? 
_entity_src_gen.pdbx_host_org_cell                 ? 
_entity_src_gen.pdbx_host_org_organelle            ? 
_entity_src_gen.pdbx_host_org_cellular_location    ? 
_entity_src_gen.pdbx_host_org_vector_type          ? 
_entity_src_gen.pdbx_host_org_vector               ? 
_entity_src_gen.host_org_details                   ? 
_entity_src_gen.expression_system_id               ? 
_entity_src_gen.plasmid_name                       ? 
_entity_src_gen.plasmid_details                    ? 
_entity_src_gen.pdbx_description                   ? 
# 
loop_
_chem_comp.id 
_chem_comp.type 
_chem_comp.mon_nstd_flag 
_chem_comp.name 
_chem_comp.pdbx_synonyms 
_chem_comp.formula 
_chem_comp.formula_weight 
ALA 'L-peptide linking' y ALANINE                                                                                     ? 
'C3 H7 N O2'      89.093  
ARG 'L-peptide linking' y ARGININE                                                                                    ? 
'C6 H15 N4 O2 1'  175.209 
ASN 'L-peptide linking' y ASPARAGINE                                                                                  ? 
'C4 H8 N2 O3'     132.118 
ASP 'L-peptide linking' y 'ASPARTIC ACID'                                                                             ? 
'C4 H7 N O4'      133.103 
CYS 'L-peptide linking' y CYSTEINE                                                                                    ? 
'C3 H7 N O2 S'    121.158 
G6W non-polymer         . '2-azanyl-~{N}-[5-(5-azanylpyridin-3-yl)-4-ethanoyl-1,3-thiazol-2-yl]-2-methyl-propanamide' ? 
'C14 H17 N5 O2 S' 319.382 
GLN 'L-peptide linking' y GLUTAMINE                                                                                   ? 
'C5 H10 N2 O3'    146.144 
GLU 'L-peptide linking' y 'GLUTAMIC ACID'                                                                             ? 
'C5 H9 N O4'      147.129 
GLY 'peptide linking'   y GLYCINE                                                                                     ? 
'C2 H5 N O2'      75.067  
HIS 'L-peptide linking' y HISTIDINE                                                                                   ? 
'C6 H10 N3 O2 1'  156.162 
HOH non-polymer         . WATER                                                                                       ? 'H2 O' 
18.015  
ILE 'L-peptide linking' y ISOLEUCINE                                                                                  ? 
'C6 H13 N O2'     131.173 
LEU 'L-peptide linking' y LEUCINE                                                                                     ? 
'C6 H13 N O2'     131.173 
LYS 'L-peptide linking' y LYSINE                                                                                      ? 
'C6 H15 N2 O2 1'  147.195 
MET 'L-peptide linking' y METHIONINE                                                                                  ? 
'C5 H11 N O2 S'   149.211 
PHE 'L-peptide linking' y PHENYLALANINE                                                                               ? 
'C9 H11 N O2'     165.189 
PRO 'L-peptide linking' y PROLINE                                                                                     ? 
'C5 H9 N O2'      115.130 
SER 'L-peptide linking' y SERINE                                                                                      ? 
'C3 H7 N O3'      105.093 
SO4 non-polymer         . 'SULFATE ION'                                                                               ? 'O4 S -2' 
96.063  
THR 'L-peptide linking' y THREONINE                                                                                   ? 
'C4 H9 N O3'      119.119 
TYR 'L-peptide linking' y TYROSINE                                                                                    ? 
'C9 H11 N O3'     181.189 
VAL 'L-peptide linking' y VALINE                                                                                      ? 
'C5 H11 N O2'     117.146 
# 
loop_
_pdbx_poly_seq_scheme.asym_id 
_pdbx_poly_seq_scheme.entity_id 
_pdbx_poly_seq_scheme.seq_id 
_pdbx_poly_seq_scheme.mon_id 
_pdbx_poly_seq_scheme.ndb_seq_num 
_pdbx_poly_seq_scheme.pdb_seq_num 
_pdbx_poly_seq_scheme.auth_seq_num 
_pdbx_poly_seq_scheme.pdb_mon_id 
_pdbx_poly_seq_scheme.auth_mon_id 
_pdbx_poly_seq_scheme.pdb_strand_id 
_pdbx_poly_seq_scheme.pdb_ins_code 
_pdbx_poly_seq_scheme.hetero 
A 1 1   SER 1   979  979  SER SER A . n 
A 1 2   MET 2   980  980  MET MET A . n 
A 1 3   GLN 3   981  981  GLN GLN A . n 
A 1 4   GLU 4   982  982  GLU GLU A . n 
A 1 5   GLU 5   983  983  GLU GLU A . n 
A 1 6   ASP 6   984  984  ASP ASP A . n 
A 1 7   THR 7   985  985  THR THR A . n 
A 1 8   PHE 8   986  986  PHE PHE A . n 
A 1 9   ARG 9   987  987  ARG ARG A . n 
A 1 10  GLU 10  988  988  GLU GLU A . n 
A 1 11  LEU 11  989  989  LEU LEU A . n 
A 1 12  ARG 12  990  990  ARG ARG A . n 
A 1 13  ILE 13  991  991  ILE ILE A . n 
A 1 14  PHE 14  992  992  PHE PHE A . n 
A 1 15  LEU 15  993  993  LEU LEU A . n 
A 1 16  ARG 16  994  994  ARG ARG A . n 
A 1 17  ASN 17  995  995  ASN ASN A . n 
A 1 18  VAL 18  996  996  VAL VAL A . n 
A 1 19  THR 19  997  997  THR THR A . n 
A 1 20  HIS 20  998  998  HIS HIS A . n 
A 1 21  ARG 21  999  999  ARG ARG A . n 
A 1 22  LEU 22  1000 1000 LEU LEU A . n 
A 1 23  ALA 23  1001 1001 ALA ALA A . n 
A 1 24  ILE 24  1002 1002 ILE ILE A . n 
A 1 25  ASP 25  1003 1003 ASP ASP A . n 
A 1 26  LYS 26  1004 1004 LYS LYS A . n 
A 1 27  ARG 27  1005 1005 ARG ARG A . n 
A 1 28  PHE 28  1006 1006 PHE PHE A . n 
A 1 29  ARG 29  1007 1007 ARG ARG A . n 
A 1 30  VAL 30  1008 1008 VAL VAL A . n 
A 1 31  PHE 31  1009 1009 PHE PHE A . n 
A 1 32  THR 32  1010 1010 THR THR A . n 
A 1 33  LYS 33  1011 1011 LYS LYS A . n 
A 1 34  PRO 34  1012 1012 PRO PRO A . n 
A 1 35  VAL 35  1013 1013 VAL VAL A . n 
A 1 36  ASP 36  1014 1014 ASP ASP A . n 
A 1 37  PRO 37  1015 1015 PRO PRO A . n 
A 1 38  ASP 38  1016 1016 ASP ASP A . n 
A 1 39  GLU 39  1017 1017 GLU GLU A . n 
A 1 40  VAL 40  1018 1018 VAL VAL A . n 
A 1 41  PRO 41  1019 1019 PRO PRO A . n 
A 1 42  ASP 42  1020 1020 ASP ASP A . n 
A 1 43  TYR 43  1021 1021 TYR TYR A . n 
A 1 44  VAL 44  1022 1022 VAL VAL A . n 
A 1 45  THR 45  1023 1023 THR THR A . n 
A 1 46  VAL 46  1024 1024 VAL VAL A . n 
A 1 47  ILE 47  1025 1025 ILE ILE A . n 
A 1 48  LYS 48  1026 1026 LYS LYS A . n 
A 1 49  GLN 49  1027 1027 GLN GLN A . n 
A 1 50  PRO 50  1028 1028 PRO PRO A . n 
A 1 51  MET 51  1029 1029 MET MET A . n 
A 1 52  ASP 52  1030 1030 ASP ASP A . n 
A 1 53  LEU 53  1031 1031 LEU LEU A . n 
A 1 54  SER 54  1032 1032 SER SER A . n 
A 1 55  SER 55  1033 1033 SER SER A . n 
A 1 56  VAL 56  1034 1034 VAL VAL A . n 
A 1 57  ILE 57  1035 1035 ILE ILE A . n 
A 1 58  SER 58  1036 1036 SER SER A . n 
A 1 59  LYS 59  1037 1037 LYS LYS A . n 
A 1 60  ILE 60  1038 1038 ILE ILE A . n 
A 1 61  ASP 61  1039 1039 ASP ASP A . n 
A 1 62  LEU 62  1040 1040 LEU LEU A . n 
A 1 63  HIS 63  1041 1041 HIS HIS A . n 
A 1 64  LYS 64  1042 1042 LYS LYS A . n 
A 1 65  TYR 65  1043 1043 TYR TYR A . n 
A 1 66  LEU 66  1044 1044 LEU LEU A . n 
A 1 67  THR 67  1045 1045 THR THR A . n 
A 1 68  VAL 68  1046 1046 VAL VAL A . n 
A 1 69  LYS 69  1047 1047 LYS LYS A . n 
A 1 70  ASP 70  1048 1048 ASP ASP A . n 
A 1 71  TYR 71  1049 1049 TYR TYR A . n 
A 1 72  LEU 72  1050 1050 LEU LEU A . n 
A 1 73  ARG 73  1051 1051 ARG ARG A . n 
A 1 74  ASP 74  1052 1052 ASP ASP A . n 
A 1 75  ILE 75  1053 1053 ILE ILE A . n 
A 1 76  ASP 76  1054 1054 ASP ASP A . n 
A 1 77  LEU 77  1055 1055 LEU LEU A . n 
A 1 78  ILE 78  1056 1056 ILE ILE A . n 
A 1 79  CYS 79  1057 1057 CYS CYS A . n 
A 1 80  SER 80  1058 1058 SER SER A . n 
A 1 81  ASN 81  1059 1059 ASN ASN A . n 
A 1 82  ALA 82  1060 1060 ALA ALA A . n 
A 1 83  LEU 83  1061 1061 LEU LEU A . n 
A 1 84  GLU 84  1062 1062 GLU GLU A . n 
A 1 85  TYR 85  1063 1063 TYR TYR A . n 
A 1 86  ASN 86  1064 1064 ASN ASN A . n 
A 1 87  PRO 87  1065 1065 PRO PRO A . n 
A 1 88  ASP 88  1066 1066 ASP ASP A . n 
A 1 89  ARG 89  1067 1067 ARG ARG A . n 
A 1 90  ASP 90  1068 1068 ASP ASP A . n 
A 1 91  PRO 91  1069 1069 PRO PRO A . n 
A 1 92  GLY 92  1070 1070 GLY GLY A . n 
A 1 93  ASP 93  1071 1071 ASP ASP A . n 
A 1 94  ARG 94  1072 1072 ARG ARG A . n 
A 1 95  LEU 95  1073 1073 LEU LEU A . n 
A 1 96  ILE 96  1074 1074 ILE ILE A . n 
A 1 97  ARG 97  1075 1075 ARG ARG A . n 
A 1 98  HIS 98  1076 1076 HIS HIS A . n 
A 1 99  ARG 99  1077 1077 ARG ARG A . n 
A 1 100 ALA 100 1078 1078 ALA ALA A . n 
A 1 101 CYS 101 1079 1079 CYS CYS A . n 
A 1 102 ALA 102 1080 1080 ALA ALA A . n 
A 1 103 LEU 103 1081 1081 LEU LEU A . n 
A 1 104 ARG 104 1082 1082 ARG ARG A . n 
A 1 105 ASP 105 1083 1083 ASP ASP A . n 
A 1 106 THR 106 1084 1084 THR THR A . n 
A 1 107 ALA 107 1085 1085 ALA ALA A . n 
A 1 108 TYR 108 1086 1086 TYR TYR A . n 
A 1 109 ALA 109 1087 1087 ALA ALA A . n 
A 1 110 ILE 110 1088 1088 ILE ILE A . n 
A 1 111 ILE 111 1089 1089 ILE ILE A . n 
A 1 112 LYS 112 1090 1090 LYS LYS A . n 
A 1 113 GLU 113 1091 1091 GLU GLU A . n 
A 1 114 GLU 114 1092 1092 GLU GLU A . n 
A 1 115 LEU 115 1093 1093 LEU LEU A . n 
A 1 116 ASP 116 1094 1094 ASP ASP A . n 
A 1 117 GLU 117 1095 1095 GLU GLU A . n 
A 1 118 ASP 118 1096 1096 ASP ASP A . n 
A 1 119 PHE 119 1097 1097 PHE PHE A . n 
A 1 120 GLU 120 1098 1098 GLU GLU A . n 
A 1 121 GLN 121 1099 1099 GLN GLN A . n 
A 1 122 LEU 122 1100 1100 LEU LEU A . n 
A 1 123 CYS 123 1101 1101 CYS CYS A . n 
A 1 124 GLU 124 1102 1102 GLU GLU A . n 
A 1 125 GLU 125 1103 1103 GLU GLU A . n 
A 1 126 ILE 126 1104 1104 ILE ILE A . n 
A 1 127 GLN 127 1105 1105 GLN GLN A . n 
A 1 128 GLU 128 1106 1106 GLU GLU A . n 
A 1 129 SER 129 1107 1107 SER SER A . n 
A 1 130 ARG 130 1108 1108 ARG ARG A . n 
# 
loop_
_pdbx_nonpoly_scheme.asym_id 
_pdbx_nonpoly_scheme.entity_id 
_pdbx_nonpoly_scheme.mon_id 
_pdbx_nonpoly_scheme.ndb_seq_num 
_pdbx_nonpoly_scheme.pdb_seq_num 
_pdbx_nonpoly_scheme.auth_seq_num 
_pdbx_nonpoly_scheme.pdb_mon_id 
_pdbx_nonpoly_scheme.auth_mon_id 
_pdbx_nonpoly_scheme.pdb_strand_id 
_pdbx_nonpoly_scheme.pdb_ins_code 
B 2 SO4 1   1201 1   SO4 SO4 A . 
C 3 G6W 1   1202 1   G6W DRG A . 
D 4 HOH 1   1301 171 HOH HOH A . 
D 4 HOH 2   1302 153 HOH HOH A . 
D 4 HOH 3   1303 162 HOH HOH A . 
D 4 HOH 4   1304 123 HOH HOH A . 
D 4 HOH 5   1305 91  HOH HOH A . 
D 4 HOH 6   1306 19  HOH HOH A . 
D 4 HOH 7   1307 113 HOH HOH A . 
D 4 HOH 8   1308 131 HOH HOH A . 
D 4 HOH 9   1309 98  HOH HOH A . 
D 4 HOH 10  1310 101 HOH HOH A . 
D 4 HOH 11  1311 35  HOH HOH A . 
D 4 HOH 12  1312 80  HOH HOH A . 
D 4 HOH 13  1313 43  HOH HOH A . 
D 4 HOH 14  1314 63  HOH HOH A . 
D 4 HOH 15  1315 128 HOH HOH A . 
D 4 HOH 16  1316 117 HOH HOH A . 
D 4 HOH 17  1317 13  HOH HOH A . 
D 4 HOH 18  1318 42  HOH HOH A . 
D 4 HOH 19  1319 138 HOH HOH A . 
D 4 HOH 20  1320 70  HOH HOH A . 
D 4 HOH 21  1321 28  HOH HOH A . 
D 4 HOH 22  1322 172 HOH HOH A . 
D 4 HOH 23  1323 24  HOH HOH A . 
D 4 HOH 24  1324 73  HOH HOH A . 
D 4 HOH 25  1325 104 HOH HOH A . 
D 4 HOH 26  1326 32  HOH HOH A . 
D 4 HOH 27  1327 16  HOH HOH A . 
D 4 HOH 28  1328 122 HOH HOH A . 
D 4 HOH 29  1329 46  HOH HOH A . 
D 4 HOH 30  1330 125 HOH HOH A . 
D 4 HOH 31  1331 77  HOH HOH A . 
D 4 HOH 32  1332 54  HOH HOH A . 
D 4 HOH 33  1333 57  HOH HOH A . 
D 4 HOH 34  1334 93  HOH HOH A . 
D 4 HOH 35  1335 2   HOH HOH A . 
D 4 HOH 36  1336 82  HOH HOH A . 
D 4 HOH 37  1337 34  HOH HOH A . 
D 4 HOH 38  1338 94  HOH HOH A . 
D 4 HOH 39  1339 148 HOH HOH A . 
D 4 HOH 40  1340 37  HOH HOH A . 
D 4 HOH 41  1341 39  HOH HOH A . 
D 4 HOH 42  1342 14  HOH HOH A . 
D 4 HOH 43  1343 178 HOH HOH A . 
D 4 HOH 44  1344 81  HOH HOH A . 
D 4 HOH 45  1345 9   HOH HOH A . 
D 4 HOH 46  1346 137 HOH HOH A . 
D 4 HOH 47  1347 55  HOH HOH A . 
D 4 HOH 48  1348 120 HOH HOH A . 
D 4 HOH 49  1349 72  HOH HOH A . 
D 4 HOH 50  1350 149 HOH HOH A . 
D 4 HOH 51  1351 1   HOH HOH A . 
D 4 HOH 52  1352 160 HOH HOH A . 
D 4 HOH 53  1353 114 HOH HOH A . 
D 4 HOH 54  1354 22  HOH HOH A . 
D 4 HOH 55  1355 158 HOH HOH A . 
D 4 HOH 56  1356 78  HOH HOH A . 
D 4 HOH 57  1357 30  HOH HOH A . 
D 4 HOH 58  1358 79  HOH HOH A . 
D 4 HOH 59  1359 110 HOH HOH A . 
D 4 HOH 60  1360 8   HOH HOH A . 
D 4 HOH 61  1361 95  HOH HOH A . 
D 4 HOH 62  1362 52  HOH HOH A . 
D 4 HOH 63  1363 156 HOH HOH A . 
D 4 HOH 64  1364 31  HOH HOH A . 
D 4 HOH 65  1365 29  HOH HOH A . 
D 4 HOH 66  1366 40  HOH HOH A . 
D 4 HOH 67  1367 41  HOH HOH A . 
D 4 HOH 68  1368 36  HOH HOH A . 
D 4 HOH 69  1369 56  HOH HOH A . 
D 4 HOH 70  1370 23  HOH HOH A . 
D 4 HOH 71  1371 173 HOH HOH A . 
D 4 HOH 72  1372 71  HOH HOH A . 
D 4 HOH 73  1373 169 HOH HOH A . 
D 4 HOH 74  1374 47  HOH HOH A . 
D 4 HOH 75  1375 5   HOH HOH A . 
D 4 HOH 76  1376 18  HOH HOH A . 
D 4 HOH 77  1377 7   HOH HOH A . 
D 4 HOH 78  1378 17  HOH HOH A . 
D 4 HOH 79  1379 26  HOH HOH A . 
D 4 HOH 80  1380 48  HOH HOH A . 
D 4 HOH 81  1381 155 HOH HOH A . 
D 4 HOH 82  1382 25  HOH HOH A . 
D 4 HOH 83  1383 76  HOH HOH A . 
D 4 HOH 84  1384 107 HOH HOH A . 
D 4 HOH 85  1385 33  HOH HOH A . 
D 4 HOH 86  1386 69  HOH HOH A . 
D 4 HOH 87  1387 163 HOH HOH A . 
D 4 HOH 88  1388 150 HOH HOH A . 
D 4 HOH 89  1389 103 HOH HOH A . 
D 4 HOH 90  1390 4   HOH HOH A . 
D 4 HOH 91  1391 10  HOH HOH A . 
D 4 HOH 92  1392 20  HOH HOH A . 
D 4 HOH 93  1393 115 HOH HOH A . 
D 4 HOH 94  1394 3   HOH HOH A . 
D 4 HOH 95  1395 12  HOH HOH A . 
D 4 HOH 96  1396 85  HOH HOH A . 
D 4 HOH 97  1397 159 HOH HOH A . 
D 4 HOH 98  1398 21  HOH HOH A . 
D 4 HOH 99  1399 50  HOH HOH A . 
D 4 HOH 100 1400 167 HOH HOH A . 
D 4 HOH 101 1401 11  HOH HOH A . 
D 4 HOH 102 1402 84  HOH HOH A . 
D 4 HOH 103 1403 6   HOH HOH A . 
D 4 HOH 104 1404 132 HOH HOH A . 
D 4 HOH 105 1405 44  HOH HOH A . 
D 4 HOH 106 1406 136 HOH HOH A . 
D 4 HOH 107 1407 142 HOH HOH A . 
D 4 HOH 108 1408 105 HOH HOH A . 
D 4 HOH 109 1409 154 HOH HOH A . 
D 4 HOH 110 1410 88  HOH HOH A . 
D 4 HOH 111 1411 92  HOH HOH A . 
D 4 HOH 112 1412 90  HOH HOH A . 
D 4 HOH 113 1413 111 HOH HOH A . 
D 4 HOH 114 1414 83  HOH HOH A . 
D 4 HOH 115 1415 102 HOH HOH A . 
D 4 HOH 116 1416 181 HOH HOH A . 
D 4 HOH 117 1417 51  HOH HOH A . 
D 4 HOH 118 1418 170 HOH HOH A . 
D 4 HOH 119 1419 74  HOH HOH A . 
D 4 HOH 120 1420 108 HOH HOH A . 
D 4 HOH 121 1421 99  HOH HOH A . 
D 4 HOH 122 1422 176 HOH HOH A . 
D 4 HOH 123 1423 165 HOH HOH A . 
D 4 HOH 124 1424 86  HOH HOH A . 
D 4 HOH 125 1425 100 HOH HOH A . 
D 4 HOH 126 1426 27  HOH HOH A . 
D 4 HOH 127 1427 38  HOH HOH A . 
D 4 HOH 128 1428 141 HOH HOH A . 
D 4 HOH 129 1429 179 HOH HOH A . 
D 4 HOH 130 1430 175 HOH HOH A . 
D 4 HOH 131 1431 62  HOH HOH A . 
D 4 HOH 132 1432 124 HOH HOH A . 
D 4 HOH 133 1433 45  HOH HOH A . 
D 4 HOH 134 1434 119 HOH HOH A . 
D 4 HOH 135 1435 152 HOH HOH A . 
D 4 HOH 136 1436 151 HOH HOH A . 
D 4 HOH 137 1437 97  HOH HOH A . 
D 4 HOH 138 1438 143 HOH HOH A . 
D 4 HOH 139 1439 121 HOH HOH A . 
D 4 HOH 140 1440 15  HOH HOH A . 
D 4 HOH 141 1441 134 HOH HOH A . 
D 4 HOH 142 1442 161 HOH HOH A . 
D 4 HOH 143 1443 59  HOH HOH A . 
D 4 HOH 144 1444 118 HOH HOH A . 
D 4 HOH 145 1445 68  HOH HOH A . 
D 4 HOH 146 1446 166 HOH HOH A . 
D 4 HOH 147 1447 126 HOH HOH A . 
D 4 HOH 148 1448 139 HOH HOH A . 
D 4 HOH 149 1449 140 HOH HOH A . 
D 4 HOH 150 1450 49  HOH HOH A . 
D 4 HOH 151 1451 164 HOH HOH A . 
D 4 HOH 152 1452 157 HOH HOH A . 
D 4 HOH 153 1453 65  HOH HOH A . 
D 4 HOH 154 1454 130 HOH HOH A . 
D 4 HOH 155 1455 89  HOH HOH A . 
D 4 HOH 156 1456 180 HOH HOH A . 
D 4 HOH 157 1457 53  HOH HOH A . 
D 4 HOH 158 1458 75  HOH HOH A . 
D 4 HOH 159 1459 66  HOH HOH A . 
D 4 HOH 160 1460 64  HOH HOH A . 
D 4 HOH 161 1461 145 HOH HOH A . 
D 4 HOH 162 1462 146 HOH HOH A . 
D 4 HOH 163 1463 61  HOH HOH A . 
D 4 HOH 164 1464 147 HOH HOH A . 
D 4 HOH 165 1465 116 HOH HOH A . 
D 4 HOH 166 1466 58  HOH HOH A . 
D 4 HOH 167 1467 144 HOH HOH A . 
D 4 HOH 168 1468 127 HOH HOH A . 
D 4 HOH 169 1469 67  HOH HOH A . 
D 4 HOH 170 1470 106 HOH HOH A . 
D 4 HOH 171 1471 177 HOH HOH A . 
D 4 HOH 172 1472 168 HOH HOH A . 
D 4 HOH 173 1473 133 HOH HOH A . 
D 4 HOH 174 1474 87  HOH HOH A . 
D 4 HOH 175 1475 174 HOH HOH A . 
D 4 HOH 176 1476 135 HOH HOH A . 
D 4 HOH 177 1477 60  HOH HOH A . 
D 4 HOH 178 1478 109 HOH HOH A . 
D 4 HOH 179 1479 112 HOH HOH A . 
D 4 HOH 180 1480 129 HOH HOH A . 
D 4 HOH 181 1481 96  HOH HOH A . 
# 
loop_
_pdbx_unobs_or_zero_occ_atoms.id 
_pdbx_unobs_or_zero_occ_atoms.PDB_model_num 
_pdbx_unobs_or_zero_occ_atoms.polymer_flag 
_pdbx_unobs_or_zero_occ_atoms.occupancy_flag 
_pdbx_unobs_or_zero_occ_atoms.auth_asym_id 
_pdbx_unobs_or_zero_occ_atoms.auth_comp_id 
_pdbx_unobs_or_zero_occ_atoms.auth_seq_id 
_pdbx_unobs_or_zero_occ_atoms.PDB_ins_code 
_pdbx_unobs_or_zero_occ_atoms.auth_atom_id 
_pdbx_unobs_or_zero_occ_atoms.label_alt_id 
_pdbx_unobs_or_zero_occ_atoms.label_asym_id 
_pdbx_unobs_or_zero_occ_atoms.label_comp_id 
_pdbx_unobs_or_zero_occ_atoms.label_seq_id 
_pdbx_unobs_or_zero_occ_atoms.label_atom_id 
1  1 Y 1 A MET 980  ? CG  ? A MET 2  CG  
2  1 Y 1 A MET 980  ? SD  ? A MET 2  SD  
3  1 Y 1 A MET 980  ? CE  ? A MET 2  CE  
4  1 Y 1 A LYS 1004 ? CG  ? A LYS 26 CG  
5  1 Y 1 A LYS 1004 ? CD  ? A LYS 26 CD  
6  1 Y 1 A LYS 1004 ? CE  ? A LYS 26 CE  
7  1 Y 1 A LYS 1004 ? NZ  ? A LYS 26 NZ  
8  1 Y 1 A GLU 1017 ? CG  ? A GLU 39 CG  
9  1 Y 1 A GLU 1017 ? CD  ? A GLU 39 CD  
10 1 Y 1 A GLU 1017 ? OE1 ? A GLU 39 OE1 
11 1 Y 1 A GLU 1017 ? OE2 ? A GLU 39 OE2 
12 1 Y 1 A ARG 1072 ? CG  ? A ARG 94 CG  
13 1 Y 1 A ARG 1072 ? CD  ? A ARG 94 CD  
14 1 Y 1 A ARG 1072 ? NE  ? A ARG 94 NE  
15 1 Y 1 A ARG 1072 ? CZ  ? A ARG 94 CZ  
16 1 Y 1 A ARG 1072 ? NH1 ? A ARG 94 NH1 
17 1 Y 1 A ARG 1072 ? NH2 ? A ARG 94 NH2 
18 1 N 1 A G6W 1202 ? C1  ? C G6W 1  C1  
19 1 N 1 A G6W 1202 ? C2  ? C G6W 1  C2  
20 1 N 1 A G6W 1202 ? N1  ? C G6W 1  N1  
21 1 N 1 A G6W 1202 ? C4  ? C G6W 1  C4  
22 1 N 1 A G6W 1202 ? C5  ? C G6W 1  C5  
23 1 N 1 A G6W 1202 ? N2  ? C G6W 1  N2  
# 
loop_
_software.citation_id 
_software.classification 
_software.compiler_name 
_software.compiler_version 
_software.contact_author 
_software.contact_author_email 
_software.date 
_software.description 
_software.dependencies 
_software.hardware 
_software.language 
_software.location 
_software.mods 
_software.name 
_software.os 
_software.os_version 
_software.type 
_software.version 
_software.pdbx_ordinal 
? refinement       ? ? ? ? ? ? ? ? ? ? ? PHENIX ? ? ? '(1.14_3211: ???)' 1 
? 'data reduction' ? ? ? ? ? ? ? ? ? ? ? XDS    ? ? ? .                  2 
? 'data scaling'   ? ? ? ? ? ? ? ? ? ? ? XDS    ? ? ? .                  3 
? phasing          ? ? ? ? ? ? ? ? ? ? ? PHASER ? ? ? .                  4 
# 
_cell.angle_alpha                  90.00 
_cell.angle_alpha_esd              ? 
_cell.angle_beta                   90.00 
_cell.angle_beta_esd               ? 
_cell.angle_gamma                  120.00 
_cell.angle_gamma_esd              ? 
_cell.entry_id                     6HI8 
_cell.details                      ? 
_cell.formula_units_Z              ? 
_cell.length_a                     79.413 
_cell.length_a_esd                 ? 
_cell.length_b                     79.413 
_cell.length_b_esd                 ? 
_cell.length_c                     137.344 
_cell.length_c_esd                 ? 
_cell.volume                       ? 
_cell.volume_esd                   ? 
_cell.Z_PDB                        12 
_cell.reciprocal_angle_alpha       ? 
_cell.reciprocal_angle_beta        ? 
_cell.reciprocal_angle_gamma       ? 
_cell.reciprocal_angle_alpha_esd   ? 
_cell.reciprocal_angle_beta_esd    ? 
_cell.reciprocal_angle_gamma_esd   ? 
_cell.reciprocal_length_a          ? 
_cell.reciprocal_length_b          ? 
_cell.reciprocal_length_c          ? 
_cell.reciprocal_length_a_esd      ? 
_cell.reciprocal_length_b_esd      ? 
_cell.reciprocal_length_c_esd      ? 
_cell.pdbx_unique_axis             ? 
# 
_symmetry.entry_id                         6HI8 
_symmetry.cell_setting                     ? 
_symmetry.Int_Tables_number                179 
_symmetry.space_group_name_Hall            ? 
_symmetry.space_group_name_H-M             'P 65 2 2' 
_symmetry.pdbx_full_space_group_name_H-M   ? 
# 
_exptl.absorpt_coefficient_mu     ? 
_exptl.absorpt_correction_T_max   ? 
_exptl.absorpt_correction_T_min   ? 
_exptl.absorpt_correction_type    ? 
_exptl.absorpt_process_details    ? 
_exptl.entry_id                   6HI8 
_exptl.crystals_number            1 
_exptl.details                    ? 
_exptl.method                     'X-RAY DIFFRACTION' 
_exptl.method_details             ? 
# 
_exptl_crystal.colour                      ? 
_exptl_crystal.density_diffrn              ? 
_exptl_crystal.density_Matthews            4.04 
_exptl_crystal.density_method              ? 
_exptl_crystal.density_percent_sol         69.59 
_exptl_crystal.description                 ? 
_exptl_crystal.F_000                       ? 
_exptl_crystal.id                          1 
_exptl_crystal.preparation                 ? 
_exptl_crystal.size_max                    ? 
_exptl_crystal.size_mid                    ? 
_exptl_crystal.size_min                    ? 
_exptl_crystal.size_rad                    ? 
_exptl_crystal.colour_lustre               ? 
_exptl_crystal.colour_modifier             ? 
_exptl_crystal.colour_primary              ? 
_exptl_crystal.density_meas                ? 
_exptl_crystal.density_meas_esd            ? 
_exptl_crystal.density_meas_gt             ? 
_exptl_crystal.density_meas_lt             ? 
_exptl_crystal.density_meas_temp           ? 
_exptl_crystal.density_meas_temp_esd       ? 
_exptl_crystal.density_meas_temp_gt        ? 
_exptl_crystal.density_meas_temp_lt        ? 
_exptl_crystal.pdbx_crystal_image_url      ? 
_exptl_crystal.pdbx_crystal_image_format   ? 
_exptl_crystal.pdbx_mosaicity              ? 
_exptl_crystal.pdbx_mosaicity_esd          ? 
# 
_exptl_crystal_grow.apparatus       ? 
_exptl_crystal_grow.atmosphere      ? 
_exptl_crystal_grow.crystal_id      1 
_exptl_crystal_grow.details         ? 
_exptl_crystal_grow.method          'VAPOR DIFFUSION, HANGING DROP' 
_exptl_crystal_grow.method_ref      ? 
_exptl_crystal_grow.pH              5.5 
_exptl_crystal_grow.pressure        ? 
_exptl_crystal_grow.pressure_esd    ? 
_exptl_crystal_grow.seeding         ? 
_exptl_crystal_grow.seeding_ref     ? 
_exptl_crystal_grow.temp            277 
_exptl_crystal_grow.temp_details    ? 
_exptl_crystal_grow.temp_esd        ? 
_exptl_crystal_grow.time            ? 
_exptl_crystal_grow.pdbx_details    '2M (NH4)2SO4, 0.1M Bis-Tris pH 5.5' 
_exptl_crystal_grow.pdbx_pH_range   ? 
# 
_diffrn.ambient_environment              ? 
_diffrn.ambient_temp                     100 
_diffrn.ambient_temp_details             ? 
_diffrn.ambient_temp_esd                 ? 
_diffrn.crystal_id                       1 
_diffrn.crystal_support                  ? 
_diffrn.crystal_treatment                ? 
_diffrn.details                          ? 
_diffrn.id                               1 
_diffrn.ambient_pressure                 ? 
_diffrn.ambient_pressure_esd             ? 
_diffrn.ambient_pressure_gt              ? 
_diffrn.ambient_pressure_lt              ? 
_diffrn.ambient_temp_gt                  ? 
_diffrn.ambient_temp_lt                  ? 
_diffrn.pdbx_serial_crystal_experiment   ? 
# 
_diffrn_detector.details                      ? 
_diffrn_detector.detector                     PIXEL 
_diffrn_detector.diffrn_id                    1 
_diffrn_detector.type                         'DECTRIS PILATUS 2M-F' 
_diffrn_detector.area_resol_mean              ? 
_diffrn_detector.dtime                        ? 
_diffrn_detector.pdbx_frames_total            ? 
_diffrn_detector.pdbx_collection_time_total   ? 
_diffrn_detector.pdbx_collection_date         2017-10-27 
_diffrn_detector.pdbx_frequency               ? 
# 
_diffrn_radiation.collimation                      ? 
_diffrn_radiation.diffrn_id                        1 
_diffrn_radiation.filter_edge                      ? 
_diffrn_radiation.inhomogeneity                    ? 
_diffrn_radiation.monochromator                    ? 
_diffrn_radiation.polarisn_norm                    ? 
_diffrn_radiation.polarisn_ratio                   ? 
_diffrn_radiation.probe                            ? 
_diffrn_radiation.type                             ? 
_diffrn_radiation.xray_symbol                      ? 
_diffrn_radiation.wavelength_id                    1 
_diffrn_radiation.pdbx_monochromatic_or_laue_m_l   M 
_diffrn_radiation.pdbx_wavelength_list             ? 
_diffrn_radiation.pdbx_wavelength                  ? 
_diffrn_radiation.pdbx_diffrn_protocol             'SINGLE WAVELENGTH' 
_diffrn_radiation.pdbx_analyzer                    ? 
_diffrn_radiation.pdbx_scattering_type             x-ray 
# 
_diffrn_radiation_wavelength.id           1 
_diffrn_radiation_wavelength.wavelength   1.000030 
_diffrn_radiation_wavelength.wt           1.0 
# 
_diffrn_source.current                     ? 
_diffrn_source.details                     ? 
_diffrn_source.diffrn_id                   1 
_diffrn_source.power                       ? 
_diffrn_source.size                        ? 
_diffrn_source.source                      SYNCHROTRON 
_diffrn_source.target                      ? 
_diffrn_source.type                        'SLS BEAMLINE X06DA' 
_diffrn_source.voltage                     ? 
_diffrn_source.take-off_angle              ? 
_diffrn_source.pdbx_wavelength_list        1.000030 
_diffrn_source.pdbx_wavelength             ? 
_diffrn_source.pdbx_synchrotron_beamline   X06DA 
_diffrn_source.pdbx_synchrotron_site       SLS 
# 
_reflns.B_iso_Wilson_estimate            ? 
_reflns.entry_id                         6HI8 
_reflns.data_reduction_details           ? 
_reflns.data_reduction_method            ? 
_reflns.d_resolution_high                1.90 
_reflns.d_resolution_low                 39.71 
_reflns.details                          ? 
_reflns.limit_h_max                      ? 
_reflns.limit_h_min                      ? 
_reflns.limit_k_max                      ? 
_reflns.limit_k_min                      ? 
_reflns.limit_l_max                      ? 
_reflns.limit_l_min                      ? 
_reflns.number_all                       ? 
_reflns.number_obs                       38218 
_reflns.observed_criterion               ? 
_reflns.observed_criterion_F_max         ? 
_reflns.observed_criterion_F_min         ? 
_reflns.observed_criterion_I_max         ? 
_reflns.observed_criterion_I_min         ? 
_reflns.observed_criterion_sigma_F       ? 
_reflns.observed_criterion_sigma_I       ? 
_reflns.percent_possible_obs             99.8 
_reflns.R_free_details                   ? 
_reflns.Rmerge_F_all                     ? 
_reflns.Rmerge_F_obs                     ? 
_reflns.Friedel_coverage                 ? 
_reflns.number_gt                        ? 
_reflns.threshold_expression             ? 
_reflns.pdbx_redundancy                  5.75 
_reflns.pdbx_Rmerge_I_obs                ? 
_reflns.pdbx_Rmerge_I_all                ? 
_reflns.pdbx_Rsym_value                  ? 
_reflns.pdbx_netI_over_av_sigmaI         ? 
_reflns.pdbx_netI_over_sigmaI            19.33 
_reflns.pdbx_res_netI_over_av_sigmaI_2   ? 
_reflns.pdbx_res_netI_over_sigmaI_2      ? 
_reflns.pdbx_chi_squared                 ? 
_reflns.pdbx_scaling_rejects             ? 
_reflns.pdbx_d_res_high_opt              ? 
_reflns.pdbx_d_res_low_opt               ? 
_reflns.pdbx_d_res_opt_method            ? 
_reflns.phase_calculation_details        ? 
_reflns.pdbx_Rrim_I_all                  0.069 
_reflns.pdbx_Rpim_I_all                  ? 
_reflns.pdbx_d_opt                       ? 
_reflns.pdbx_number_measured_all         ? 
_reflns.pdbx_diffrn_id                   1 
_reflns.pdbx_ordinal                     1 
_reflns.pdbx_CC_half                     0.999 
_reflns.pdbx_R_split                     ? 
# 
_reflns_shell.d_res_high                  1.90 
_reflns_shell.d_res_low                   2.01 
_reflns_shell.meanI_over_sigI_all         ? 
_reflns_shell.meanI_over_sigI_obs         1.63 
_reflns_shell.number_measured_all         ? 
_reflns_shell.number_measured_obs         ? 
_reflns_shell.number_possible             ? 
_reflns_shell.number_unique_all           ? 
_reflns_shell.number_unique_obs           6119 
_reflns_shell.percent_possible_all        99.1 
_reflns_shell.percent_possible_obs        ? 
_reflns_shell.Rmerge_F_all                ? 
_reflns_shell.Rmerge_F_obs                ? 
_reflns_shell.Rmerge_I_all                ? 
_reflns_shell.Rmerge_I_obs                ? 
_reflns_shell.meanI_over_sigI_gt          ? 
_reflns_shell.meanI_over_uI_all           ? 
_reflns_shell.meanI_over_uI_gt            ? 
_reflns_shell.number_measured_gt          ? 
_reflns_shell.number_unique_gt            ? 
_reflns_shell.percent_possible_gt         ? 
_reflns_shell.Rmerge_F_gt                 ? 
_reflns_shell.Rmerge_I_gt                 ? 
_reflns_shell.pdbx_redundancy             5.29 
_reflns_shell.pdbx_Rsym_value             ? 
_reflns_shell.pdbx_chi_squared            ? 
_reflns_shell.pdbx_netI_over_sigmaI_all   ? 
_reflns_shell.pdbx_netI_over_sigmaI_obs   ? 
_reflns_shell.pdbx_Rrim_I_all             1.065 
_reflns_shell.pdbx_Rpim_I_all             ? 
_reflns_shell.pdbx_rejects                ? 
_reflns_shell.pdbx_ordinal                1 
_reflns_shell.pdbx_diffrn_id              1 
_reflns_shell.pdbx_CC_half                0.603 
_reflns_shell.pdbx_R_split                ? 
# 
_refine.aniso_B[1][1]                            ? 
_refine.aniso_B[1][2]                            ? 
_refine.aniso_B[1][3]                            ? 
_refine.aniso_B[2][2]                            ? 
_refine.aniso_B[2][3]                            ? 
_refine.aniso_B[3][3]                            ? 
_refine.B_iso_max                                ? 
_refine.B_iso_mean                               ? 
_refine.B_iso_min                                ? 
_refine.correlation_coeff_Fo_to_Fc               ? 
_refine.correlation_coeff_Fo_to_Fc_free          ? 
_refine.details                                  ? 
_refine.diff_density_max                         ? 
_refine.diff_density_max_esd                     ? 
_refine.diff_density_min                         ? 
_refine.diff_density_min_esd                     ? 
_refine.diff_density_rms                         ? 
_refine.diff_density_rms_esd                     ? 
_refine.entry_id                                 6HI8 
_refine.pdbx_refine_id                           'X-RAY DIFFRACTION' 
_refine.ls_abs_structure_details                 ? 
_refine.ls_abs_structure_Flack                   ? 
_refine.ls_abs_structure_Flack_esd               ? 
_refine.ls_abs_structure_Rogers                  ? 
_refine.ls_abs_structure_Rogers_esd              ? 
_refine.ls_d_res_high                            1.900 
_refine.ls_d_res_low                             39.706 
_refine.ls_extinction_coef                       ? 
_refine.ls_extinction_coef_esd                   ? 
_refine.ls_extinction_expression                 ? 
_refine.ls_extinction_method                     ? 
_refine.ls_goodness_of_fit_all                   ? 
_refine.ls_goodness_of_fit_all_esd               ? 
_refine.ls_goodness_of_fit_obs                   ? 
_refine.ls_goodness_of_fit_obs_esd               ? 
_refine.ls_hydrogen_treatment                    ? 
_refine.ls_matrix_type                           ? 
_refine.ls_number_constraints                    ? 
_refine.ls_number_parameters                     ? 
_refine.ls_number_reflns_all                     ? 
_refine.ls_number_reflns_obs                     24853 
_refine.ls_number_reflns_R_free                  1999 
_refine.ls_number_reflns_R_work                  ? 
_refine.ls_number_restraints                     ? 
_refine.ls_percent_reflns_obs                    99.96 
_refine.ls_percent_reflns_R_free                 8.04 
_refine.ls_R_factor_all                          ? 
_refine.ls_R_factor_obs                          0.1946 
_refine.ls_R_factor_R_free                       0.2070 
_refine.ls_R_factor_R_free_error                 ? 
_refine.ls_R_factor_R_free_error_details         ? 
_refine.ls_R_factor_R_work                       0.1935 
_refine.ls_R_Fsqd_factor_obs                     ? 
_refine.ls_R_I_factor_obs                        ? 
_refine.ls_redundancy_reflns_all                 ? 
_refine.ls_redundancy_reflns_obs                 ? 
_refine.ls_restrained_S_all                      ? 
_refine.ls_restrained_S_obs                      ? 
_refine.ls_shift_over_esd_max                    ? 
_refine.ls_shift_over_esd_mean                   ? 
_refine.ls_structure_factor_coef                 ? 
_refine.ls_weighting_details                     ? 
_refine.ls_weighting_scheme                      ? 
_refine.ls_wR_factor_all                         ? 
_refine.ls_wR_factor_obs                         ? 
_refine.ls_wR_factor_R_free                      ? 
_refine.ls_wR_factor_R_work                      ? 
_refine.occupancy_max                            ? 
_refine.occupancy_min                            ? 
_refine.solvent_model_details                    ? 
_refine.solvent_model_param_bsol                 ? 
_refine.solvent_model_param_ksol                 ? 
_refine.ls_R_factor_gt                           ? 
_refine.ls_goodness_of_fit_gt                    ? 
_refine.ls_goodness_of_fit_ref                   ? 
_refine.ls_shift_over_su_max                     ? 
_refine.ls_shift_over_su_max_lt                  ? 
_refine.ls_shift_over_su_mean                    ? 
_refine.ls_shift_over_su_mean_lt                 ? 
_refine.pdbx_ls_sigma_I                          ? 
_refine.pdbx_ls_sigma_F                          1.36 
_refine.pdbx_ls_sigma_Fsqd                       ? 
_refine.pdbx_data_cutoff_high_absF               ? 
_refine.pdbx_data_cutoff_high_rms_absF           ? 
_refine.pdbx_data_cutoff_low_absF                ? 
_refine.pdbx_isotropic_thermal_model             ? 
_refine.pdbx_ls_cross_valid_method               'FREE R-VALUE' 
_refine.pdbx_method_to_determine_struct          'MOLECULAR REPLACEMENT' 
_refine.pdbx_starting_model                      5f36 
_refine.pdbx_stereochemistry_target_values       ? 
_refine.pdbx_R_Free_selection_details            ? 
_refine.pdbx_stereochem_target_val_spec_case     ? 
_refine.pdbx_overall_ESU_R                       ? 
_refine.pdbx_overall_ESU_R_Free                  ? 
_refine.pdbx_solvent_vdw_probe_radii             1.11 
_refine.pdbx_solvent_ion_probe_radii             ? 
_refine.pdbx_solvent_shrinkage_radii             0.90 
_refine.pdbx_real_space_R                        ? 
_refine.pdbx_density_correlation                 ? 
_refine.pdbx_pd_number_of_powder_patterns        ? 
_refine.pdbx_pd_number_of_points                 ? 
_refine.pdbx_pd_meas_number_of_points            ? 
_refine.pdbx_pd_proc_ls_prof_R_factor            ? 
_refine.pdbx_pd_proc_ls_prof_wR_factor           ? 
_refine.pdbx_pd_Marquardt_correlation_coeff      ? 
_refine.pdbx_pd_Fsqrd_R_factor                   ? 
_refine.pdbx_pd_ls_matrix_band_width             ? 
_refine.pdbx_overall_phase_error                 21.58 
_refine.pdbx_overall_SU_R_free_Cruickshank_DPI   ? 
_refine.pdbx_overall_SU_R_free_Blow_DPI          ? 
_refine.pdbx_overall_SU_R_Blow_DPI               ? 
_refine.pdbx_TLS_residual_ADP_flag               ? 
_refine.pdbx_diffrn_id                           1 
_refine.overall_SU_B                             ? 
_refine.overall_SU_ML                            0.23 
_refine.overall_SU_R_Cruickshank_DPI             ? 
_refine.overall_SU_R_free                        ? 
_refine.overall_FOM_free_R_set                   ? 
_refine.overall_FOM_work_R_set                   ? 
_refine.pdbx_average_fsc_overall                 ? 
_refine.pdbx_average_fsc_work                    ? 
_refine.pdbx_average_fsc_free                    ? 
# 
_refine_hist.pdbx_refine_id                   'X-RAY DIFFRACTION' 
_refine_hist.cycle_id                         LAST 
_refine_hist.pdbx_number_atoms_protein        1067 
_refine_hist.pdbx_number_atoms_nucleic_acid   0 
_refine_hist.pdbx_number_atoms_ligand         21 
_refine_hist.number_atoms_solvent             181 
_refine_hist.number_atoms_total               1269 
_refine_hist.d_res_high                       1.900 
_refine_hist.d_res_low                        39.706 
# 
loop_
_refine_ls_restr.pdbx_refine_id 
_refine_ls_restr.criterion 
_refine_ls_restr.dev_ideal 
_refine_ls_restr.dev_ideal_target 
_refine_ls_restr.number 
_refine_ls_restr.rejects 
_refine_ls_restr.type 
_refine_ls_restr.weight 
_refine_ls_restr.pdbx_restraint_function 
'X-RAY DIFFRACTION' ? 0.008 ? 1114 ? f_bond_d           ? ? 
'X-RAY DIFFRACTION' ? 0.987 ? 1514 ? f_angle_d          ? ? 
'X-RAY DIFFRACTION' ? 8.565 ? 971  ? f_dihedral_angle_d ? ? 
'X-RAY DIFFRACTION' ? 0.043 ? 170  ? f_chiral_restr     ? ? 
'X-RAY DIFFRACTION' ? 0.005 ? 200  ? f_plane_restr      ? ? 
# 
loop_
_refine_ls_shell.pdbx_refine_id 
_refine_ls_shell.pdbx_total_number_of_bins_used 
_refine_ls_shell.d_res_high 
_refine_ls_shell.d_res_low 
_refine_ls_shell.number_reflns_R_work 
_refine_ls_shell.R_factor_R_work 
_refine_ls_shell.percent_reflns_obs 
_refine_ls_shell.R_factor_R_free 
_refine_ls_shell.R_factor_R_free_error 
_refine_ls_shell.percent_reflns_R_free 
_refine_ls_shell.number_reflns_R_free 
_refine_ls_shell.number_reflns_all 
_refine_ls_shell.R_factor_all 
'X-RAY DIFFRACTION' . 1.8995 1.9470  2542 0.3349 98.00  0.3486 . . 134 . . 
'X-RAY DIFFRACTION' . 1.9470 1.9996  2612 0.2722 100.00 0.3206 . . 136 . . 
'X-RAY DIFFRACTION' . 1.9996 2.0584  2584 0.2484 100.00 0.2758 . . 139 . . 
'X-RAY DIFFRACTION' . 2.0584 2.1249  2571 0.2325 100.00 0.2413 . . 136 . . 
'X-RAY DIFFRACTION' . 2.1249 2.2008  2600 0.2053 100.00 0.2452 . . 134 . . 
'X-RAY DIFFRACTION' . 2.2008 2.2889  2604 0.2057 100.00 0.1948 . . 135 . . 
'X-RAY DIFFRACTION' . 2.2889 2.3931  2574 0.1900 100.00 0.2494 . . 136 . . 
'X-RAY DIFFRACTION' . 2.3931 2.5192  2595 0.1976 100.00 0.1992 . . 138 . . 
'X-RAY DIFFRACTION' . 2.5192 2.6770  2588 0.1982 100.00 0.2673 . . 135 . . 
'X-RAY DIFFRACTION' . 2.6770 2.8837  2610 0.1893 100.00 0.2657 . . 131 . . 
'X-RAY DIFFRACTION' . 2.8837 3.1738  2607 0.1934 100.00 0.2257 . . 138 . . 
'X-RAY DIFFRACTION' . 3.1738 3.6327  2574 0.1786 100.00 0.2076 . . 139 . . 
'X-RAY DIFFRACTION' . 3.6327 4.5758  2592 0.1500 100.00 0.1850 . . 135 . . 
'X-RAY DIFFRACTION' . 4.5758 39.7107 2593 0.1758 100.00 0.1841 . . 148 . . 
# 
_struct.entry_id                     6HI8 
_struct.title                        'The ATAD2 bromodomain in complex with compound 11' 
_struct.pdbx_model_details           ? 
_struct.pdbx_formula_weight          ? 
_struct.pdbx_formula_weight_method   ? 
_struct.pdbx_model_type_details      ? 
_struct.pdbx_CASP_flag               N 
# 
_struct_keywords.entry_id        6HI8 
_struct_keywords.text            'Bromodomain, ATAD2, inhibitor, complex, CYTOSOLIC PROTEIN' 
_struct_keywords.pdbx_keywords   'CYTOSOLIC PROTEIN' 
# 
loop_
_struct_asym.id 
_struct_asym.pdbx_blank_PDB_chainid_flag 
_struct_asym.pdbx_modified 
_struct_asym.entity_id 
_struct_asym.details 
A N N 1 ? 
B N N 2 ? 
C N N 3 ? 
D N N 4 ? 
# 
_struct_ref.entity_id                  1 
_struct_ref.pdbx_db_accession          Q6PL18 
_struct_ref.pdbx_db_isoform            ? 
_struct_ref.pdbx_seq_one_letter_code   
;QEEDTFRELRIFLRNVTHRLAIDKRFRVFTKPVDPDEVPDYVTVIKQPMDLSSVISKIDLHKYLTVKDYLRDIDLICSNA
LEYNPDRDPGDRLIRHRACALRDTAYAIIKEELDEDFEQLCEEIQESR
;
_struct_ref.id                         1 
_struct_ref.pdbx_align_begin           981 
_struct_ref.db_name                    UNP 
_struct_ref.db_code                    ATAD2_HUMAN 
# 
_struct_ref_seq.align_id                      1 
_struct_ref_seq.ref_id                        1 
_struct_ref_seq.pdbx_PDB_id_code              6HI8 
_struct_ref_seq.pdbx_strand_id                A 
_struct_ref_seq.seq_align_beg                 3 
_struct_ref_seq.pdbx_seq_align_beg_ins_code   ? 
_struct_ref_seq.seq_align_end                 130 
_struct_ref_seq.pdbx_seq_align_end_ins_code   ? 
_struct_ref_seq.pdbx_db_accession             Q6PL18 
_struct_ref_seq.db_align_beg                  981 
_struct_ref_seq.pdbx_db_align_beg_ins_code    ? 
_struct_ref_seq.db_align_end                  1108 
_struct_ref_seq.pdbx_db_align_end_ins_code    ? 
_struct_ref_seq.pdbx_auth_seq_align_beg       981 
_struct_ref_seq.pdbx_auth_seq_align_end       1108 
# 
loop_
_struct_ref_seq_dif.align_id 
_struct_ref_seq_dif.pdbx_pdb_id_code 
_struct_ref_seq_dif.mon_id 
_struct_ref_seq_dif.pdbx_pdb_strand_id 
_struct_ref_seq_dif.seq_num 
_struct_ref_seq_dif.pdbx_pdb_ins_code 
_struct_ref_seq_dif.pdbx_seq_db_name 
_struct_ref_seq_dif.pdbx_seq_db_accession_code 
_struct_ref_seq_dif.db_mon_id 
_struct_ref_seq_dif.pdbx_seq_db_seq_num 
_struct_ref_seq_dif.details 
_struct_ref_seq_dif.pdbx_auth_seq_num 
_struct_ref_seq_dif.pdbx_ordinal 
1 6HDN SER A 1 ? UNP Q6PL18 ? ? 'expression tag' 979 1 
1 6HDN MET A 2 ? UNP Q6PL18 ? ? 'expression tag' 980 2 
# 
_pdbx_struct_assembly.id                   1 
_pdbx_struct_assembly.details              author_and_software_defined_assembly 
_pdbx_struct_assembly.method_details       PISA 
_pdbx_struct_assembly.oligomeric_details   monomeric 
_pdbx_struct_assembly.oligomeric_count     1 
# 
loop_
_pdbx_struct_assembly_prop.biol_id 
_pdbx_struct_assembly_prop.type 
_pdbx_struct_assembly_prop.value 
_pdbx_struct_assembly_prop.details 
1 'ABSA (A^2)' 180  ? 
1 MORE         -13  ? 
1 'SSA (A^2)'  7940 ? 
# 
_pdbx_struct_assembly_gen.assembly_id       1 
_pdbx_struct_assembly_gen.oper_expression   1 
_pdbx_struct_assembly_gen.asym_id_list      A,B,C,D 
# 
_pdbx_struct_assembly_auth_evidence.id                     1 
_pdbx_struct_assembly_auth_evidence.assembly_id            1 
_pdbx_struct_assembly_auth_evidence.experimental_support   'gel filtration' 
_pdbx_struct_assembly_auth_evidence.details                ? 
# 
_pdbx_struct_oper_list.id                   1 
_pdbx_struct_oper_list.type                 'identity operation' 
_pdbx_struct_oper_list.name                 1_555 
_pdbx_struct_oper_list.symmetry_operation   x,y,z 
_pdbx_struct_oper_list.matrix[1][1]         1.0000000000 
_pdbx_struct_oper_list.matrix[1][2]         0.0000000000 
_pdbx_struct_oper_list.matrix[1][3]         0.0000000000 
_pdbx_struct_oper_list.vector[1]            0.0000000000 
_pdbx_struct_oper_list.matrix[2][1]         0.0000000000 
_pdbx_struct_oper_list.matrix[2][2]         1.0000000000 
_pdbx_struct_oper_list.matrix[2][3]         0.0000000000 
_pdbx_struct_oper_list.vector[2]            0.0000000000 
_pdbx_struct_oper_list.matrix[3][1]         0.0000000000 
_pdbx_struct_oper_list.matrix[3][2]         0.0000000000 
_pdbx_struct_oper_list.matrix[3][3]         1.0000000000 
_pdbx_struct_oper_list.vector[3]            0.0000000000 
# 
loop_
_struct_conf.conf_type_id 
_struct_conf.id 
_struct_conf.pdbx_PDB_helix_id 
_struct_conf.beg_label_comp_id 
_struct_conf.beg_label_asym_id 
_struct_conf.beg_label_seq_id 
_struct_conf.pdbx_beg_PDB_ins_code 
_struct_conf.end_label_comp_id 
_struct_conf.end_label_asym_id 
_struct_conf.end_label_seq_id 
_struct_conf.pdbx_end_PDB_ins_code 
_struct_conf.beg_auth_comp_id 
_struct_conf.beg_auth_asym_id 
_struct_conf.beg_auth_seq_id 
_struct_conf.end_auth_comp_id 
_struct_conf.end_auth_asym_id 
_struct_conf.end_auth_seq_id 
_struct_conf.pdbx_PDB_helix_class 
_struct_conf.details 
_struct_conf.pdbx_PDB_helix_length 
HELX_P HELX_P1 AA1 SER A 1   ? ILE A 24  ? SER A 979  ILE A 1002 1 ? 24 
HELX_P HELX_P2 AA2 ASP A 25  ? THR A 32  ? ASP A 1003 THR A 1010 5 ? 8  
HELX_P HELX_P3 AA3 ASP A 42  ? ILE A 47  ? ASP A 1020 ILE A 1025 1 ? 6  
HELX_P HELX_P4 AA4 ASP A 52  ? LEU A 62  ? ASP A 1030 LEU A 1040 1 ? 11 
HELX_P HELX_P5 AA5 THR A 67  ? ASN A 86  ? THR A 1045 ASN A 1064 1 ? 20 
HELX_P HELX_P6 AA6 ASP A 90  ? LEU A 115 ? ASP A 1068 LEU A 1093 1 ? 26 
HELX_P HELX_P7 AA7 ASP A 116 ? SER A 129 ? ASP A 1094 SER A 1107 1 ? 14 
# 
_struct_conf_type.id          HELX_P 
_struct_conf_type.criteria    ? 
_struct_conf_type.reference   ? 
# 
loop_
_struct_site.id 
_struct_site.pdbx_evidence_code 
_struct_site.pdbx_auth_asym_id 
_struct_site.pdbx_auth_comp_id 
_struct_site.pdbx_auth_seq_id 
_struct_site.pdbx_auth_ins_code 
_struct_site.pdbx_num_residues 
_struct_site.details 
AC1 Software A SO4 1201 ? 6 'binding site for residue SO4 A 1201' 
AC2 Software A G6W 1202 ? 6 'binding site for residue G6W A 1202' 
# 
loop_
_struct_site_gen.id 
_struct_site_gen.site_id 
_struct_site_gen.pdbx_num_res 
_struct_site_gen.label_comp_id 
_struct_site_gen.label_asym_id 
_struct_site_gen.label_seq_id 
_struct_site_gen.pdbx_auth_ins_code 
_struct_site_gen.auth_comp_id 
_struct_site_gen.auth_asym_id 
_struct_site_gen.auth_seq_id 
_struct_site_gen.label_atom_id 
_struct_site_gen.label_alt_id 
_struct_site_gen.symmetry 
_struct_site_gen.details 
1  AC1 6 ARG A 9  ? ARG A 987  . ? 1_555 ? 
2  AC1 6 ARG A 12 ? ARG A 990  . ? 1_555 ? 
3  AC1 6 ARG A 16 ? ARG A 994  . ? 1_555 ? 
4  AC1 6 ARG A 89 ? ARG A 1067 . ? 6_444 ? 
5  AC1 6 HOH D .  ? HOH A 1320 . ? 1_555 ? 
6  AC1 6 HOH D .  ? HOH A 1387 . ? 1_555 ? 
7  AC2 6 VAL A 30 ? VAL A 1008 . ? 1_555 ? 
8  AC2 6 TYR A 85 ? TYR A 1063 . ? 1_555 ? 
9  AC2 6 ASN A 86 ? ASN A 1064 . ? 1_555 ? 
10 AC2 6 GLY A 92 ? GLY A 1070 . ? 1_555 ? 
11 AC2 6 ASP A 93 ? ASP A 1071 . ? 1_555 ? 
12 AC2 6 HOH D .  ? HOH A 1313 . ? 1_555 ? 
# 
loop_
_pdbx_validate_close_contact.id 
_pdbx_validate_close_contact.PDB_model_num 
_pdbx_validate_close_contact.auth_atom_id_1 
_pdbx_validate_close_contact.auth_asym_id_1 
_pdbx_validate_close_contact.auth_comp_id_1 
_pdbx_validate_close_contact.auth_seq_id_1 
_pdbx_validate_close_contact.PDB_ins_code_1 
_pdbx_validate_close_contact.label_alt_id_1 
_pdbx_validate_close_contact.auth_atom_id_2 
_pdbx_validate_close_contact.auth_asym_id_2 
_pdbx_validate_close_contact.auth_comp_id_2 
_pdbx_validate_close_contact.auth_seq_id_2 
_pdbx_validate_close_contact.PDB_ins_code_2 
_pdbx_validate_close_contact.label_alt_id_2 
_pdbx_validate_close_contact.dist 
1 1 OE1 A GLU 1106 ? ? O A HOH 1301 ? ? 1.84 
2 1 O   A HOH 1301 ? ? O A HOH 1355 ? ? 1.94 
3 1 ND2 A ASN 995  ? ? O A HOH 1302 ? ? 1.99 
4 1 O   A HOH 1475 ? ? O A HOH 1481 ? ? 2.02 
5 1 O   A HOH 1371 ? ? O A HOH 1424 ? ? 2.10 
6 1 O   A HOH 1363 ? ? O A HOH 1397 ? ? 2.12 
7 1 O   A HOH 1381 ? ? O A HOH 1435 ? ? 2.15 
# 
_pdbx_validate_symm_contact.id                1 
_pdbx_validate_symm_contact.PDB_model_num     1 
_pdbx_validate_symm_contact.auth_atom_id_1    O 
_pdbx_validate_symm_contact.auth_asym_id_1    A 
_pdbx_validate_symm_contact.auth_comp_id_1    HOH 
_pdbx_validate_symm_contact.auth_seq_id_1     1341 
_pdbx_validate_symm_contact.PDB_ins_code_1    ? 
_pdbx_validate_symm_contact.label_alt_id_1    ? 
_pdbx_validate_symm_contact.site_symmetry_1   1_555 
_pdbx_validate_symm_contact.auth_atom_id_2    O 
_pdbx_validate_symm_contact.auth_asym_id_2    A 
_pdbx_validate_symm_contact.auth_comp_id_2    HOH 
_pdbx_validate_symm_contact.auth_seq_id_2     1415 
_pdbx_validate_symm_contact.PDB_ins_code_2    ? 
_pdbx_validate_symm_contact.label_alt_id_2    ? 
_pdbx_validate_symm_contact.site_symmetry_2   12_546 
_pdbx_validate_symm_contact.dist              2.12 
# 
_pdbx_struct_special_symmetry.id              1 
_pdbx_struct_special_symmetry.PDB_model_num   1 
_pdbx_struct_special_symmetry.auth_asym_id    A 
_pdbx_struct_special_symmetry.auth_comp_id    HOH 
_pdbx_struct_special_symmetry.auth_seq_id     1370 
_pdbx_struct_special_symmetry.PDB_ins_code    ? 
_pdbx_struct_special_symmetry.label_asym_id   D 
_pdbx_struct_special_symmetry.label_comp_id   HOH 
_pdbx_struct_special_symmetry.label_seq_id    . 
# 
loop_
_pdbx_distant_solvent_atoms.id 
_pdbx_distant_solvent_atoms.PDB_model_num 
_pdbx_distant_solvent_atoms.auth_atom_id 
_pdbx_distant_solvent_atoms.label_alt_id 
_pdbx_distant_solvent_atoms.auth_asym_id 
_pdbx_distant_solvent_atoms.auth_comp_id 
_pdbx_distant_solvent_atoms.auth_seq_id 
_pdbx_distant_solvent_atoms.PDB_ins_code 
_pdbx_distant_solvent_atoms.neighbor_macromolecule_distance 
_pdbx_distant_solvent_atoms.neighbor_ligand_distance 
1 1 O ? A HOH 1480 ? 5.98 . 
2 1 O ? A HOH 1481 ? 6.35 . 
# 
loop_
_chem_comp_atom.comp_id 
_chem_comp_atom.atom_id 
_chem_comp_atom.type_symbol 
_chem_comp_atom.pdbx_aromatic_flag 
_chem_comp_atom.pdbx_stereo_config 
_chem_comp_atom.pdbx_ordinal 
ALA N    N N N 1   
ALA CA   C N S 2   
ALA C    C N N 3   
ALA O    O N N 4   
ALA CB   C N N 5   
ALA OXT  O N N 6   
ALA H    H N N 7   
ALA H2   H N N 8   
ALA HA   H N N 9   
ALA HB1  H N N 10  
ALA HB2  H N N 11  
ALA HB3  H N N 12  
ALA HXT  H N N 13  
ARG N    N N N 14  
ARG CA   C N S 15  
ARG C    C N N 16  
ARG O    O N N 17  
ARG CB   C N N 18  
ARG CG   C N N 19  
ARG CD   C N N 20  
ARG NE   N N N 21  
ARG CZ   C N N 22  
ARG NH1  N N N 23  
ARG NH2  N N N 24  
ARG OXT  O N N 25  
ARG H    H N N 26  
ARG H2   H N N 27  
ARG HA   H N N 28  
ARG HB2  H N N 29  
ARG HB3  H N N 30  
ARG HG2  H N N 31  
ARG HG3  H N N 32  
ARG HD2  H N N 33  
ARG HD3  H N N 34  
ARG HE   H N N 35  
ARG HH11 H N N 36  
ARG HH12 H N N 37  
ARG HH21 H N N 38  
ARG HH22 H N N 39  
ARG HXT  H N N 40  
ASN N    N N N 41  
ASN CA   C N S 42  
ASN C    C N N 43  
ASN O    O N N 44  
ASN CB   C N N 45  
ASN CG   C N N 46  
ASN OD1  O N N 47  
ASN ND2  N N N 48  
ASN OXT  O N N 49  
ASN H    H N N 50  
ASN H2   H N N 51  
ASN HA   H N N 52  
ASN HB2  H N N 53  
ASN HB3  H N N 54  
ASN HD21 H N N 55  
ASN HD22 H N N 56  
ASN HXT  H N N 57  
ASP N    N N N 58  
ASP CA   C N S 59  
ASP C    C N N 60  
ASP O    O N N 61  
ASP CB   C N N 62  
ASP CG   C N N 63  
ASP OD1  O N N 64  
ASP OD2  O N N 65  
ASP OXT  O N N 66  
ASP H    H N N 67  
ASP H2   H N N 68  
ASP HA   H N N 69  
ASP HB2  H N N 70  
ASP HB3  H N N 71  
ASP HD2  H N N 72  
ASP HXT  H N N 73  
CYS N    N N N 74  
CYS CA   C N R 75  
CYS C    C N N 76  
CYS O    O N N 77  
CYS CB   C N N 78  
CYS SG   S N N 79  
CYS OXT  O N N 80  
CYS H    H N N 81  
CYS H2   H N N 82  
CYS HA   H N N 83  
CYS HB2  H N N 84  
CYS HB3  H N N 85  
CYS HG   H N N 86  
CYS HXT  H N N 87  
G6W CAA  C N N 88  
G6W CAB  C N N 89  
G6W CAC  C N N 90  
G6W CAO  C N N 91  
G6W CAP  C N N 92  
G6W CAR  C Y N 93  
G6W CAS  C Y N 94  
G6W CAT  C Y N 95  
G6W CAU  C Y N 96  
G6W CAV  C N N 97  
G6W NAE  N N N 98  
G6W NAL  N Y N 99  
G6W NAM  N N N 100 
G6W OAF  O N N 101 
G6W OAG  O N N 102 
G6W SAN  S Y N 103 
G6W H1   H N N 104 
G6W H2   H N N 105 
G6W H3   H N N 106 
G6W H4   H N N 107 
G6W H5   H N N 108 
G6W H6   H N N 109 
G6W H7   H N N 110 
G6W H8   H N N 111 
G6W H9   H N N 112 
G6W H13  H N N 113 
G6W H14  H N N 114 
G6W H16  H N N 115 
G6W C1   C Y N 116 
G6W C2   C Y N 117 
G6W N1   N Y N 118 
G6W C4   C Y N 119 
G6W C5   C Y N 120 
G6W N2   N N N 121 
G6W H10  H N N 122 
G6W H11  H N N 123 
G6W H12  H N N 124 
G6W H15  H N N 125 
G6W H17  H N N 126 
GLN N    N N N 127 
GLN CA   C N S 128 
GLN C    C N N 129 
GLN O    O N N 130 
GLN CB   C N N 131 
GLN CG   C N N 132 
GLN CD   C N N 133 
GLN OE1  O N N 134 
GLN NE2  N N N 135 
GLN OXT  O N N 136 
GLN H    H N N 137 
GLN H2   H N N 138 
GLN HA   H N N 139 
GLN HB2  H N N 140 
GLN HB3  H N N 141 
GLN HG2  H N N 142 
GLN HG3  H N N 143 
GLN HE21 H N N 144 
GLN HE22 H N N 145 
GLN HXT  H N N 146 
GLU N    N N N 147 
GLU CA   C N S 148 
GLU C    C N N 149 
GLU O    O N N 150 
GLU CB   C N N 151 
GLU CG   C N N 152 
GLU CD   C N N 153 
GLU OE1  O N N 154 
GLU OE2  O N N 155 
GLU OXT  O N N 156 
GLU H    H N N 157 
GLU H2   H N N 158 
GLU HA   H N N 159 
GLU HB2  H N N 160 
GLU HB3  H N N 161 
GLU HG2  H N N 162 
GLU HG3  H N N 163 
GLU HE2  H N N 164 
GLU HXT  H N N 165 
GLY N    N N N 166 
GLY CA   C N N 167 
GLY C    C N N 168 
GLY O    O N N 169 
GLY OXT  O N N 170 
GLY H    H N N 171 
GLY H2   H N N 172 
GLY HA2  H N N 173 
GLY HA3  H N N 174 
GLY HXT  H N N 175 
HIS N    N N N 176 
HIS CA   C N S 177 
HIS C    C N N 178 
HIS O    O N N 179 
HIS CB   C N N 180 
HIS CG   C Y N 181 
HIS ND1  N Y N 182 
HIS CD2  C Y N 183 
HIS CE1  C Y N 184 
HIS NE2  N Y N 185 
HIS OXT  O N N 186 
HIS H    H N N 187 
HIS H2   H N N 188 
HIS HA   H N N 189 
HIS HB2  H N N 190 
HIS HB3  H N N 191 
HIS HD1  H N N 192 
HIS HD2  H N N 193 
HIS HE1  H N N 194 
HIS HE2  H N N 195 
HIS HXT  H N N 196 
HOH O    O N N 197 
HOH H1   H N N 198 
HOH H2   H N N 199 
ILE N    N N N 200 
ILE CA   C N S 201 
ILE C    C N N 202 
ILE O    O N N 203 
ILE CB   C N S 204 
ILE CG1  C N N 205 
ILE CG2  C N N 206 
ILE CD1  C N N 207 
ILE OXT  O N N 208 
ILE H    H N N 209 
ILE H2   H N N 210 
ILE HA   H N N 211 
ILE HB   H N N 212 
ILE HG12 H N N 213 
ILE HG13 H N N 214 
ILE HG21 H N N 215 
ILE HG22 H N N 216 
ILE HG23 H N N 217 
ILE HD11 H N N 218 
ILE HD12 H N N 219 
ILE HD13 H N N 220 
ILE HXT  H N N 221 
LEU N    N N N 222 
LEU CA   C N S 223 
LEU C    C N N 224 
LEU O    O N N 225 
LEU CB   C N N 226 
LEU CG   C N N 227 
LEU CD1  C N N 228 
LEU CD2  C N N 229 
LEU OXT  O N N 230 
LEU H    H N N 231 
LEU H2   H N N 232 
LEU HA   H N N 233 
LEU HB2  H N N 234 
LEU HB3  H N N 235 
LEU HG   H N N 236 
LEU HD11 H N N 237 
LEU HD12 H N N 238 
LEU HD13 H N N 239 
LEU HD21 H N N 240 
LEU HD22 H N N 241 
LEU HD23 H N N 242 
LEU HXT  H N N 243 
LYS N    N N N 244 
LYS CA   C N S 245 
LYS C    C N N 246 
LYS O    O N N 247 
LYS CB   C N N 248 
LYS CG   C N N 249 
LYS CD   C N N 250 
LYS CE   C N N 251 
LYS NZ   N N N 252 
LYS OXT  O N N 253 
LYS H    H N N 254 
LYS H2   H N N 255 
LYS HA   H N N 256 
LYS HB2  H N N 257 
LYS HB3  H N N 258 
LYS HG2  H N N 259 
LYS HG3  H N N 260 
LYS HD2  H N N 261 
LYS HD3  H N N 262 
LYS HE2  H N N 263 
LYS HE3  H N N 264 
LYS HZ1  H N N 265 
LYS HZ2  H N N 266 
LYS HZ3  H N N 267 
LYS HXT  H N N 268 
MET N    N N N 269 
MET CA   C N S 270 
MET C    C N N 271 
MET O    O N N 272 
MET CB   C N N 273 
MET CG   C N N 274 
MET SD   S N N 275 
MET CE   C N N 276 
MET OXT  O N N 277 
MET H    H N N 278 
MET H2   H N N 279 
MET HA   H N N 280 
MET HB2  H N N 281 
MET HB3  H N N 282 
MET HG2  H N N 283 
MET HG3  H N N 284 
MET HE1  H N N 285 
MET HE2  H N N 286 
MET HE3  H N N 287 
MET HXT  H N N 288 
PHE N    N N N 289 
PHE CA   C N S 290 
PHE C    C N N 291 
PHE O    O N N 292 
PHE CB   C N N 293 
PHE CG   C Y N 294 
PHE CD1  C Y N 295 
PHE CD2  C Y N 296 
PHE CE1  C Y N 297 
PHE CE2  C Y N 298 
PHE CZ   C Y N 299 
PHE OXT  O N N 300 
PHE H    H N N 301 
PHE H2   H N N 302 
PHE HA   H N N 303 
PHE HB2  H N N 304 
PHE HB3  H N N 305 
PHE HD1  H N N 306 
PHE HD2  H N N 307 
PHE HE1  H N N 308 
PHE HE2  H N N 309 
PHE HZ   H N N 310 
PHE HXT  H N N 311 
PRO N    N N N 312 
PRO CA   C N S 313 
PRO C    C N N 314 
PRO O    O N N 315 
PRO CB   C N N 316 
PRO CG   C N N 317 
PRO CD   C N N 318 
PRO OXT  O N N 319 
PRO H    H N N 320 
PRO HA   H N N 321 
PRO HB2  H N N 322 
PRO HB3  H N N 323 
PRO HG2  H N N 324 
PRO HG3  H N N 325 
PRO HD2  H N N 326 
PRO HD3  H N N 327 
PRO HXT  H N N 328 
SER N    N N N 329 
SER CA   C N S 330 
SER C    C N N 331 
SER O    O N N 332 
SER CB   C N N 333 
SER OG   O N N 334 
SER OXT  O N N 335 
SER H    H N N 336 
SER H2   H N N 337 
SER HA   H N N 338 
SER HB2  H N N 339 
SER HB3  H N N 340 
SER HG   H N N 341 
SER HXT  H N N 342 
SO4 S    S N N 343 
SO4 O1   O N N 344 
SO4 O2   O N N 345 
SO4 O3   O N N 346 
SO4 O4   O N N 347 
THR N    N N N 348 
THR CA   C N S 349 
THR C    C N N 350 
THR O    O N N 351 
THR CB   C N R 352 
THR OG1  O N N 353 
THR CG2  C N N 354 
THR OXT  O N N 355 
THR H    H N N 356 
THR H2   H N N 357 
THR HA   H N N 358 
THR HB   H N N 359 
THR HG1  H N N 360 
THR HG21 H N N 361 
THR HG22 H N N 362 
THR HG23 H N N 363 
THR HXT  H N N 364 
TYR N    N N N 365 
TYR CA   C N S 366 
TYR C    C N N 367 
TYR O    O N N 368 
TYR CB   C N N 369 
TYR CG   C Y N 370 
TYR CD1  C Y N 371 
TYR CD2  C Y N 372 
TYR CE1  C Y N 373 
TYR CE2  C Y N 374 
TYR CZ   C Y N 375 
TYR OH   O N N 376 
TYR OXT  O N N 377 
TYR H    H N N 378 
TYR H2   H N N 379 
TYR HA   H N N 380 
TYR HB2  H N N 381 
TYR HB3  H N N 382 
TYR HD1  H N N 383 
TYR HD2  H N N 384 
TYR HE1  H N N 385 
TYR HE2  H N N 386 
TYR HH   H N N 387 
TYR HXT  H N N 388 
VAL N    N N N 389 
VAL CA   C N S 390 
VAL C    C N N 391 
VAL O    O N N 392 
VAL CB   C N N 393 
VAL CG1  C N N 394 
VAL CG2  C N N 395 
VAL OXT  O N N 396 
VAL H    H N N 397 
VAL H2   H N N 398 
VAL HA   H N N 399 
VAL HB   H N N 400 
VAL HG11 H N N 401 
VAL HG12 H N N 402 
VAL HG13 H N N 403 
VAL HG21 H N N 404 
VAL HG22 H N N 405 
VAL HG23 H N N 406 
VAL HXT  H N N 407 
# 
loop_
_chem_comp_bond.comp_id 
_chem_comp_bond.atom_id_1 
_chem_comp_bond.atom_id_2 
_chem_comp_bond.value_order 
_chem_comp_bond.pdbx_aromatic_flag 
_chem_comp_bond.pdbx_stereo_config 
_chem_comp_bond.pdbx_ordinal 
ALA N   CA   sing N N 1   
ALA N   H    sing N N 2   
ALA N   H2   sing N N 3   
ALA CA  C    sing N N 4   
ALA CA  CB   sing N N 5   
ALA CA  HA   sing N N 6   
ALA C   O    doub N N 7   
ALA C   OXT  sing N N 8   
ALA CB  HB1  sing N N 9   
ALA CB  HB2  sing N N 10  
ALA CB  HB3  sing N N 11  
ALA OXT HXT  sing N N 12  
ARG N   CA   sing N N 13  
ARG N   H    sing N N 14  
ARG N   H2   sing N N 15  
ARG CA  C    sing N N 16  
ARG CA  CB   sing N N 17  
ARG CA  HA   sing N N 18  
ARG C   O    doub N N 19  
ARG C   OXT  sing N N 20  
ARG CB  CG   sing N N 21  
ARG CB  HB2  sing N N 22  
ARG CB  HB3  sing N N 23  
ARG CG  CD   sing N N 24  
ARG CG  HG2  sing N N 25  
ARG CG  HG3  sing N N 26  
ARG CD  NE   sing N N 27  
ARG CD  HD2  sing N N 28  
ARG CD  HD3  sing N N 29  
ARG NE  CZ   sing N N 30  
ARG NE  HE   sing N N 31  
ARG CZ  NH1  sing N N 32  
ARG CZ  NH2  doub N N 33  
ARG NH1 HH11 sing N N 34  
ARG NH1 HH12 sing N N 35  
ARG NH2 HH21 sing N N 36  
ARG NH2 HH22 sing N N 37  
ARG OXT HXT  sing N N 38  
ASN N   CA   sing N N 39  
ASN N   H    sing N N 40  
ASN N   H2   sing N N 41  
ASN CA  C    sing N N 42  
ASN CA  CB   sing N N 43  
ASN CA  HA   sing N N 44  
ASN C   O    doub N N 45  
ASN C   OXT  sing N N 46  
ASN CB  CG   sing N N 47  
ASN CB  HB2  sing N N 48  
ASN CB  HB3  sing N N 49  
ASN CG  OD1  doub N N 50  
ASN CG  ND2  sing N N 51  
ASN ND2 HD21 sing N N 52  
ASN ND2 HD22 sing N N 53  
ASN OXT HXT  sing N N 54  
ASP N   CA   sing N N 55  
ASP N   H    sing N N 56  
ASP N   H2   sing N N 57  
ASP CA  C    sing N N 58  
ASP CA  CB   sing N N 59  
ASP CA  HA   sing N N 60  
ASP C   O    doub N N 61  
ASP C   OXT  sing N N 62  
ASP CB  CG   sing N N 63  
ASP CB  HB2  sing N N 64  
ASP CB  HB3  sing N N 65  
ASP CG  OD1  doub N N 66  
ASP CG  OD2  sing N N 67  
ASP OD2 HD2  sing N N 68  
ASP OXT HXT  sing N N 69  
CYS N   CA   sing N N 70  
CYS N   H    sing N N 71  
CYS N   H2   sing N N 72  
CYS CA  C    sing N N 73  
CYS CA  CB   sing N N 74  
CYS CA  HA   sing N N 75  
CYS C   O    doub N N 76  
CYS C   OXT  sing N N 77  
CYS CB  SG   sing N N 78  
CYS CB  HB2  sing N N 79  
CYS CB  HB3  sing N N 80  
CYS SG  HG   sing N N 81  
CYS OXT HXT  sing N N 82  
G6W CAR CAU  sing N N 83  
G6W CAA CAO  sing N N 84  
G6W CAU CAT  doub Y N 85  
G6W CAU SAN  sing Y N 86  
G6W CAO CAT  sing N N 87  
G6W CAO OAF  doub N N 88  
G6W CAT NAL  sing Y N 89  
G6W SAN CAS  sing Y N 90  
G6W NAL CAS  doub Y N 91  
G6W CAS NAM  sing N N 92  
G6W OAG CAP  doub N N 93  
G6W NAM CAP  sing N N 94  
G6W NAE CAV  sing N N 95  
G6W CAP CAV  sing N N 96  
G6W CAV CAC  sing N N 97  
G6W CAV CAB  sing N N 98  
G6W CAA H1   sing N N 99  
G6W CAA H2   sing N N 100 
G6W CAA H3   sing N N 101 
G6W CAB H4   sing N N 102 
G6W CAB H5   sing N N 103 
G6W CAB H6   sing N N 104 
G6W CAC H7   sing N N 105 
G6W CAC H8   sing N N 106 
G6W CAC H9   sing N N 107 
G6W NAE H13  sing N N 108 
G6W NAE H14  sing N N 109 
G6W NAM H16  sing N N 110 
G6W CAR C1   sing Y N 111 
G6W CAR C2   doub Y N 112 
G6W C1  N1   doub Y N 113 
G6W C2  C4   sing Y N 114 
G6W C4  C5   doub Y N 115 
G6W N1  C5   sing Y N 116 
G6W C4  N2   sing N N 117 
G6W C1  H10  sing N N 118 
G6W C2  H11  sing N N 119 
G6W C5  H12  sing N N 120 
G6W N2  H15  sing N N 121 
G6W N2  H17  sing N N 122 
GLN N   CA   sing N N 123 
GLN N   H    sing N N 124 
GLN N   H2   sing N N 125 
GLN CA  C    sing N N 126 
GLN CA  CB   sing N N 127 
GLN CA  HA   sing N N 128 
GLN C   O    doub N N 129 
GLN C   OXT  sing N N 130 
GLN CB  CG   sing N N 131 
GLN CB  HB2  sing N N 132 
GLN CB  HB3  sing N N 133 
GLN CG  CD   sing N N 134 
GLN CG  HG2  sing N N 135 
GLN CG  HG3  sing N N 136 
GLN CD  OE1  doub N N 137 
GLN CD  NE2  sing N N 138 
GLN NE2 HE21 sing N N 139 
GLN NE2 HE22 sing N N 140 
GLN OXT HXT  sing N N 141 
GLU N   CA   sing N N 142 
GLU N   H    sing N N 143 
GLU N   H2   sing N N 144 
GLU CA  C    sing N N 145 
GLU CA  CB   sing N N 146 
GLU CA  HA   sing N N 147 
GLU C   O    doub N N 148 
GLU C   OXT  sing N N 149 
GLU CB  CG   sing N N 150 
GLU CB  HB2  sing N N 151 
GLU CB  HB3  sing N N 152 
GLU CG  CD   sing N N 153 
GLU CG  HG2  sing N N 154 
GLU CG  HG3  sing N N 155 
GLU CD  OE1  doub N N 156 
GLU CD  OE2  sing N N 157 
GLU OE2 HE2  sing N N 158 
GLU OXT HXT  sing N N 159 
GLY N   CA   sing N N 160 
GLY N   H    sing N N 161 
GLY N   H2   sing N N 162 
GLY CA  C    sing N N 163 
GLY CA  HA2  sing N N 164 
GLY CA  HA3  sing N N 165 
GLY C   O    doub N N 166 
GLY C   OXT  sing N N 167 
GLY OXT HXT  sing N N 168 
HIS N   CA   sing N N 169 
HIS N   H    sing N N 170 
HIS N   H2   sing N N 171 
HIS CA  C    sing N N 172 
HIS CA  CB   sing N N 173 
HIS CA  HA   sing N N 174 
HIS C   O    doub N N 175 
HIS C   OXT  sing N N 176 
HIS CB  CG   sing N N 177 
HIS CB  HB2  sing N N 178 
HIS CB  HB3  sing N N 179 
HIS CG  ND1  sing Y N 180 
HIS CG  CD2  doub Y N 181 
HIS ND1 CE1  doub Y N 182 
HIS ND1 HD1  sing N N 183 
HIS CD2 NE2  sing Y N 184 
HIS CD2 HD2  sing N N 185 
HIS CE1 NE2  sing Y N 186 
HIS CE1 HE1  sing N N 187 
HIS NE2 HE2  sing N N 188 
HIS OXT HXT  sing N N 189 
HOH O   H1   sing N N 190 
HOH O   H2   sing N N 191 
ILE N   CA   sing N N 192 
ILE N   H    sing N N 193 
ILE N   H2   sing N N 194 
ILE CA  C    sing N N 195 
ILE CA  CB   sing N N 196 
ILE CA  HA   sing N N 197 
ILE C   O    doub N N 198 
ILE C   OXT  sing N N 199 
ILE CB  CG1  sing N N 200 
ILE CB  CG2  sing N N 201 
ILE CB  HB   sing N N 202 
ILE CG1 CD1  sing N N 203 
ILE CG1 HG12 sing N N 204 
ILE CG1 HG13 sing N N 205 
ILE CG2 HG21 sing N N 206 
ILE CG2 HG22 sing N N 207 
ILE CG2 HG23 sing N N 208 
ILE CD1 HD11 sing N N 209 
ILE CD1 HD12 sing N N 210 
ILE CD1 HD13 sing N N 211 
ILE OXT HXT  sing N N 212 
LEU N   CA   sing N N 213 
LEU N   H    sing N N 214 
LEU N   H2   sing N N 215 
LEU CA  C    sing N N 216 
LEU CA  CB   sing N N 217 
LEU CA  HA   sing N N 218 
LEU C   O    doub N N 219 
LEU C   OXT  sing N N 220 
LEU CB  CG   sing N N 221 
LEU CB  HB2  sing N N 222 
LEU CB  HB3  sing N N 223 
LEU CG  CD1  sing N N 224 
LEU CG  CD2  sing N N 225 
LEU CG  HG   sing N N 226 
LEU CD1 HD11 sing N N 227 
LEU CD1 HD12 sing N N 228 
LEU CD1 HD13 sing N N 229 
LEU CD2 HD21 sing N N 230 
LEU CD2 HD22 sing N N 231 
LEU CD2 HD23 sing N N 232 
LEU OXT HXT  sing N N 233 
LYS N   CA   sing N N 234 
LYS N   H    sing N N 235 
LYS N   H2   sing N N 236 
LYS CA  C    sing N N 237 
LYS CA  CB   sing N N 238 
LYS CA  HA   sing N N 239 
LYS C   O    doub N N 240 
LYS C   OXT  sing N N 241 
LYS CB  CG   sing N N 242 
LYS CB  HB2  sing N N 243 
LYS CB  HB3  sing N N 244 
LYS CG  CD   sing N N 245 
LYS CG  HG2  sing N N 246 
LYS CG  HG3  sing N N 247 
LYS CD  CE   sing N N 248 
LYS CD  HD2  sing N N 249 
LYS CD  HD3  sing N N 250 
LYS CE  NZ   sing N N 251 
LYS CE  HE2  sing N N 252 
LYS CE  HE3  sing N N 253 
LYS NZ  HZ1  sing N N 254 
LYS NZ  HZ2  sing N N 255 
LYS NZ  HZ3  sing N N 256 
LYS OXT HXT  sing N N 257 
MET N   CA   sing N N 258 
MET N   H    sing N N 259 
MET N   H2   sing N N 260 
MET CA  C    sing N N 261 
MET CA  CB   sing N N 262 
MET CA  HA   sing N N 263 
MET C   O    doub N N 264 
MET C   OXT  sing N N 265 
MET CB  CG   sing N N 266 
MET CB  HB2  sing N N 267 
MET CB  HB3  sing N N 268 
MET CG  SD   sing N N 269 
MET CG  HG2  sing N N 270 
MET CG  HG3  sing N N 271 
MET SD  CE   sing N N 272 
MET CE  HE1  sing N N 273 
MET CE  HE2  sing N N 274 
MET CE  HE3  sing N N 275 
MET OXT HXT  sing N N 276 
PHE N   CA   sing N N 277 
PHE N   H    sing N N 278 
PHE N   H2   sing N N 279 
PHE CA  C    sing N N 280 
PHE CA  CB   sing N N 281 
PHE CA  HA   sing N N 282 
PHE C   O    doub N N 283 
PHE C   OXT  sing N N 284 
PHE CB  CG   sing N N 285 
PHE CB  HB2  sing N N 286 
PHE CB  HB3  sing N N 287 
PHE CG  CD1  doub Y N 288 
PHE CG  CD2  sing Y N 289 
PHE CD1 CE1  sing Y N 290 
PHE CD1 HD1  sing N N 291 
PHE CD2 CE2  doub Y N 292 
PHE CD2 HD2  sing N N 293 
PHE CE1 CZ   doub Y N 294 
PHE CE1 HE1  sing N N 295 
PHE CE2 CZ   sing Y N 296 
PHE CE2 HE2  sing N N 297 
PHE CZ  HZ   sing N N 298 
PHE OXT HXT  sing N N 299 
PRO N   CA   sing N N 300 
PRO N   CD   sing N N 301 
PRO N   H    sing N N 302 
PRO CA  C    sing N N 303 
PRO CA  CB   sing N N 304 
PRO CA  HA   sing N N 305 
PRO C   O    doub N N 306 
PRO C   OXT  sing N N 307 
PRO CB  CG   sing N N 308 
PRO CB  HB2  sing N N 309 
PRO CB  HB3  sing N N 310 
PRO CG  CD   sing N N 311 
PRO CG  HG2  sing N N 312 
PRO CG  HG3  sing N N 313 
PRO CD  HD2  sing N N 314 
PRO CD  HD3  sing N N 315 
PRO OXT HXT  sing N N 316 
SER N   CA   sing N N 317 
SER N   H    sing N N 318 
SER N   H2   sing N N 319 
SER CA  C    sing N N 320 
SER CA  CB   sing N N 321 
SER CA  HA   sing N N 322 
SER C   O    doub N N 323 
SER C   OXT  sing N N 324 
SER CB  OG   sing N N 325 
SER CB  HB2  sing N N 326 
SER CB  HB3  sing N N 327 
SER OG  HG   sing N N 328 
SER OXT HXT  sing N N 329 
SO4 S   O1   doub N N 330 
SO4 S   O2   doub N N 331 
SO4 S   O3   sing N N 332 
SO4 S   O4   sing N N 333 
THR N   CA   sing N N 334 
THR N   H    sing N N 335 
THR N   H2   sing N N 336 
THR CA  C    sing N N 337 
THR CA  CB   sing N N 338 
THR CA  HA   sing N N 339 
THR C   O    doub N N 340 
THR C   OXT  sing N N 341 
THR CB  OG1  sing N N 342 
THR CB  CG2  sing N N 343 
THR CB  HB   sing N N 344 
THR OG1 HG1  sing N N 345 
THR CG2 HG21 sing N N 346 
THR CG2 HG22 sing N N 347 
THR CG2 HG23 sing N N 348 
THR OXT HXT  sing N N 349 
TYR N   CA   sing N N 350 
TYR N   H    sing N N 351 
TYR N   H2   sing N N 352 
TYR CA  C    sing N N 353 
TYR CA  CB   sing N N 354 
TYR CA  HA   sing N N 355 
TYR C   O    doub N N 356 
TYR C   OXT  sing N N 357 
TYR CB  CG   sing N N 358 
TYR CB  HB2  sing N N 359 
TYR CB  HB3  sing N N 360 
TYR CG  CD1  doub Y N 361 
TYR CG  CD2  sing Y N 362 
TYR CD1 CE1  sing Y N 363 
TYR CD1 HD1  sing N N 364 
TYR CD2 CE2  doub Y N 365 
TYR CD2 HD2  sing N N 366 
TYR CE1 CZ   doub Y N 367 
TYR CE1 HE1  sing N N 368 
TYR CE2 CZ   sing Y N 369 
TYR CE2 HE2  sing N N 370 
TYR CZ  OH   sing N N 371 
TYR OH  HH   sing N N 372 
TYR OXT HXT  sing N N 373 
VAL N   CA   sing N N 374 
VAL N   H    sing N N 375 
VAL N   H2   sing N N 376 
VAL CA  C    sing N N 377 
VAL CA  CB   sing N N 378 
VAL CA  HA   sing N N 379 
VAL C   O    doub N N 380 
VAL C   OXT  sing N N 381 
VAL CB  CG1  sing N N 382 
VAL CB  CG2  sing N N 383 
VAL CB  HB   sing N N 384 
VAL CG1 HG11 sing N N 385 
VAL CG1 HG12 sing N N 386 
VAL CG1 HG13 sing N N 387 
VAL CG2 HG21 sing N N 388 
VAL CG2 HG22 sing N N 389 
VAL CG2 HG23 sing N N 390 
VAL OXT HXT  sing N N 391 
# 
_pdbx_entity_instance_feature.ordinal        1 
_pdbx_entity_instance_feature.comp_id        G6W 
_pdbx_entity_instance_feature.asym_id        ? 
_pdbx_entity_instance_feature.seq_num        ? 
_pdbx_entity_instance_feature.auth_comp_id   G6W 
_pdbx_entity_instance_feature.auth_asym_id   ? 
_pdbx_entity_instance_feature.auth_seq_num   ? 
_pdbx_entity_instance_feature.feature_type   'SUBJECT OF INVESTIGATION' 
_pdbx_entity_instance_feature.details        ? 
# 
_pdbx_initial_refinement_model.id               1 
_pdbx_initial_refinement_model.entity_id_list   ? 
_pdbx_initial_refinement_model.type             'experimental model' 
_pdbx_initial_refinement_model.source_name      PDB 
_pdbx_initial_refinement_model.accession_code   5F36 
_pdbx_initial_refinement_model.details          ? 
# 
_atom_sites.entry_id                    6HI8 
_atom_sites.fract_transf_matrix[1][1]   -0.01085249 
_atom_sites.fract_transf_matrix[1][2]   0.00801741 
_atom_sites.fract_transf_matrix[1][3]   0.00541811 
_atom_sites.fract_transf_matrix[2][1]   -0.01318083 
_atom_sites.fract_transf_matrix[2][2]   -0.00052427 
_atom_sites.fract_transf_matrix[2][3]   -0.00611575 
_atom_sites.fract_transf_matrix[3][1]   -0.00183695 
_atom_sites.fract_transf_matrix[3][2]   -0.00547946 
_atom_sites.fract_transf_matrix[3][3]   0.00442878 
_atom_sites.fract_transf_vector[1]      -0.137553 
_atom_sites.fract_transf_vector[2]      -0.598716 
_atom_sites.fract_transf_vector[3]      1.027100 
# 
loop_
_atom_type.symbol 
C 
N 
O 
S 
# 
loop_
_atom_site.group_PDB 
_atom_site.id 
_atom_site.type_symbol 
_atom_site.label_atom_id 
_atom_site.label_alt_id 
_atom_site.label_comp_id 
_atom_site.label_asym_id 
_atom_site.label_entity_id 
_atom_site.label_seq_id 
_atom_site.pdbx_PDB_ins_code 
_atom_site.Cartn_x 
_atom_site.Cartn_y 
_atom_site.Cartn_z 
_atom_site.occupancy 
_atom_site.B_iso_or_equiv 
_atom_site.pdbx_formal_charge 
_atom_site.auth_seq_id 
_atom_site.auth_comp_id 
_atom_site.auth_asym_id 
_atom_site.auth_atom_id 
_atom_site.pdbx_PDB_model_num 
ATOM   1    N N   . SER A 1 1   ? 14.402  -11.621 -19.126 1.00 51.72 ? 979  SER A N   1 
ATOM   2    C CA  . SER A 1 1   ? 15.212  -10.909 -20.104 1.00 48.11 ? 979  SER A CA  1 
ATOM   3    C C   . SER A 1 1   ? 15.490  -9.481  -19.664 1.00 56.29 ? 979  SER A C   1 
ATOM   4    O O   . SER A 1 1   ? 14.934  -9.005  -18.671 1.00 53.55 ? 979  SER A O   1 
ATOM   5    C CB  . SER A 1 1   ? 14.516  -10.889 -21.463 1.00 58.38 ? 979  SER A CB  1 
ATOM   6    O OG  . SER A 1 1   ? 13.404  -10.009 -21.437 1.00 53.27 ? 979  SER A OG  1 
ATOM   7    N N   . MET A 1 2   ? 16.343  -8.793  -20.425 1.00 54.03 ? 980  MET A N   1 
ATOM   8    C CA  . MET A 1 2   ? 16.577  -7.378  -20.169 1.00 59.16 ? 980  MET A CA  1 
ATOM   9    C C   . MET A 1 2   ? 15.298  -6.567  -20.357 1.00 55.46 ? 980  MET A C   1 
ATOM   10   O O   . MET A 1 2   ? 15.002  -5.678  -19.550 1.00 52.16 ? 980  MET A O   1 
ATOM   11   C CB  . MET A 1 2   ? 17.690  -6.855  -21.079 1.00 63.65 ? 980  MET A CB  1 
ATOM   12   N N   . GLN A 1 3   ? 14.522  -6.861  -21.408 1.00 50.08 ? 981  GLN A N   1 
ATOM   13   C CA  . GLN A 1 3   ? 13.271  -6.138  -21.619 1.00 53.19 ? 981  GLN A CA  1 
ATOM   14   C C   . GLN A 1 3   ? 12.280  -6.366  -20.484 1.00 49.38 ? 981  GLN A C   1 
ATOM   15   O O   . GLN A 1 3   ? 11.510  -5.458  -20.142 1.00 44.90 ? 981  GLN A O   1 
ATOM   16   C CB  . GLN A 1 3   ? 12.629  -6.537  -22.947 1.00 52.28 ? 981  GLN A CB  1 
ATOM   17   C CG  . GLN A 1 3   ? 13.093  -5.698  -24.121 1.00 65.56 ? 981  GLN A CG  1 
ATOM   18   C CD  . GLN A 1 3   ? 13.180  -6.497  -25.399 1.00 72.16 ? 981  GLN A CD  1 
ATOM   19   O OE1 . GLN A 1 3   ? 14.116  -6.329  -26.190 1.00 74.61 ? 981  GLN A OE1 1 
ATOM   20   N NE2 . GLN A 1 3   ? 12.202  -7.377  -25.614 1.00 67.52 ? 981  GLN A NE2 1 
ATOM   21   N N   . GLU A 1 4   ? 12.259  -7.570  -19.905 1.00 40.31 ? 982  GLU A N   1 
ATOM   22   C CA  . GLU A 1 4   ? 11.365  -7.807  -18.781 1.00 36.63 ? 982  GLU A CA  1 
ATOM   23   C C   . GLU A 1 4   ? 11.814  -7.028  -17.551 1.00 38.59 ? 982  GLU A C   1 
ATOM   24   O O   . GLU A 1 4   ? 10.981  -6.473  -16.823 1.00 31.18 ? 982  GLU A O   1 
ATOM   25   C CB  . GLU A 1 4   ? 11.279  -9.299  -18.491 1.00 38.78 ? 982  GLU A CB  1 
ATOM   26   C CG  . GLU A 1 4   ? 10.568  -10.058 -19.605 1.00 42.44 ? 982  GLU A CG  1 
ATOM   27   C CD  . GLU A 1 4   ? 10.551  -11.546 -19.371 1.00 44.52 ? 982  GLU A CD  1 
ATOM   28   O OE1 . GLU A 1 4   ? 11.410  -12.025 -18.604 1.00 46.26 ? 982  GLU A OE1 1 
ATOM   29   O OE2 . GLU A 1 4   ? 9.669   -12.226 -19.939 1.00 37.80 ? 982  GLU A OE2 1 
ATOM   30   N N   . GLU A 1 5   ? 13.124  -6.958  -17.310 1.00 34.35 ? 983  GLU A N   1 
ATOM   31   C CA  . GLU A 1 5   ? 13.604  -6.152  -16.192 1.00 37.51 ? 983  GLU A CA  1 
ATOM   32   C C   . GLU A 1 5   ? 13.289  -4.673  -16.393 1.00 36.16 ? 983  GLU A C   1 
ATOM   33   O O   . GLU A 1 5   ? 13.014  -3.962  -15.417 1.00 31.57 ? 983  GLU A O   1 
ATOM   34   C CB  . GLU A 1 5   ? 15.105  -6.363  -15.990 1.00 41.46 ? 983  GLU A CB  1 
ATOM   35   C CG  . GLU A 1 5   ? 15.478  -7.800  -15.585 1.00 50.45 ? 983  GLU A CG  1 
ATOM   36   C CD  . GLU A 1 5   ? 14.582  -8.377  -14.482 1.00 56.33 ? 983  GLU A CD  1 
ATOM   37   O OE1 . GLU A 1 5   ? 14.354  -7.692  -13.453 1.00 57.03 ? 983  GLU A OE1 1 
ATOM   38   O OE2 . GLU A 1 5   ? 14.096  -9.521  -14.652 1.00 58.61 ? 983  GLU A OE2 1 
ATOM   39   N N   . ASP A 1 6   ? 13.323  -4.190  -17.638 1.00 33.55 ? 984  ASP A N   1 
ATOM   40   C CA  . ASP A 1 6   ? 12.905  -2.813  -17.894 1.00 35.74 ? 984  ASP A CA  1 
ATOM   41   C C   . ASP A 1 6   ? 11.432  -2.614  -17.551 1.00 33.00 ? 984  ASP A C   1 
ATOM   42   O O   . ASP A 1 6   ? 11.039  -1.548  -17.061 1.00 31.03 ? 984  ASP A O   1 
ATOM   43   C CB  . ASP A 1 6   ? 13.148  -2.441  -19.353 1.00 41.82 ? 984  ASP A CB  1 
ATOM   44   C CG  . ASP A 1 6   ? 14.611  -2.190  -19.659 1.00 45.59 ? 984  ASP A CG  1 
ATOM   45   O OD1 . ASP A 1 6   ? 15.442  -2.209  -18.727 1.00 49.25 ? 984  ASP A OD1 1 
ATOM   46   O OD2 . ASP A 1 6   ? 14.919  -1.985  -20.846 1.00 54.77 ? 984  ASP A OD2 1 
ATOM   47   N N   . THR A 1 7   ? 10.599  -3.616  -17.831 1.00 28.85 ? 985  THR A N   1 
ATOM   48   C CA  . THR A 1 7   ? 9.184   -3.515  -17.499 1.00 30.76 ? 985  THR A CA  1 
ATOM   49   C C   . THR A 1 7   ? 8.990   -3.395  -15.994 1.00 28.59 ? 985  THR A C   1 
ATOM   50   O O   . THR A 1 7   ? 8.255   -2.525  -15.518 1.00 26.04 ? 985  THR A O   1 
ATOM   51   C CB  . THR A 1 7   ? 8.424   -4.724  -18.042 1.00 29.89 ? 985  THR A CB  1 
ATOM   52   O OG1 . THR A 1 7   ? 8.493   -4.721  -19.475 1.00 32.37 ? 985  THR A OG1 1 
ATOM   53   C CG2 . THR A 1 7   ? 6.966   -4.650  -17.618 1.00 28.05 ? 985  THR A CG2 1 
ATOM   54   N N   . PHE A 1 8   ? 9.648   -4.261  -15.225 1.00 26.24 ? 986  PHE A N   1 
ATOM   55   C CA  . PHE A 1 8   ? 9.513   -4.180  -13.777 1.00 27.64 ? 986  PHE A CA  1 
ATOM   56   C C   . PHE A 1 8   ? 10.105  -2.890  -13.228 1.00 27.49 ? 986  PHE A C   1 
ATOM   57   O O   . PHE A 1 8   ? 9.635   -2.377  -12.208 1.00 27.56 ? 986  PHE A O   1 
ATOM   58   C CB  . PHE A 1 8   ? 10.173  -5.392  -13.131 1.00 27.10 ? 986  PHE A CB  1 
ATOM   59   C CG  . PHE A 1 8   ? 9.435   -6.673  -13.373 1.00 30.28 ? 986  PHE A CG  1 
ATOM   60   C CD1 . PHE A 1 8   ? 8.055   -6.728  -13.230 1.00 28.23 ? 986  PHE A CD1 1 
ATOM   61   C CD2 . PHE A 1 8   ? 10.109  -7.816  -13.751 1.00 37.85 ? 986  PHE A CD2 1 
ATOM   62   C CE1 . PHE A 1 8   ? 7.359   -7.906  -13.447 1.00 34.56 ? 986  PHE A CE1 1 
ATOM   63   C CE2 . PHE A 1 8   ? 9.416   -9.007  -13.972 1.00 33.11 ? 986  PHE A CE2 1 
ATOM   64   C CZ  . PHE A 1 8   ? 8.050   -9.052  -13.820 1.00 35.44 ? 986  PHE A CZ  1 
ATOM   65   N N   . ARG A 1 9   ? 11.150  -2.360  -13.862 1.00 26.36 ? 987  ARG A N   1 
ATOM   66   C CA  . ARG A 1 9   ? 11.682  -1.092  -13.388 1.00 30.63 ? 987  ARG A CA  1 
ATOM   67   C C   . ARG A 1 9   ? 10.666  0.026   -13.567 1.00 29.02 ? 987  ARG A C   1 
ATOM   68   O O   . ARG A 1 9   ? 10.495  0.868   -12.675 1.00 26.19 ? 987  ARG A O   1 
ATOM   69   C CB  . ARG A 1 9   ? 12.983  -0.750  -14.107 1.00 31.46 ? 987  ARG A CB  1 
ATOM   70   C CG  . ARG A 1 9   ? 13.656  0.454   -13.499 1.00 32.98 ? 987  ARG A CG  1 
ATOM   71   C CD  . ARG A 1 9   ? 15.050  0.670   -14.010 1.00 39.25 ? 987  ARG A CD  1 
ATOM   72   N NE  . ARG A 1 9   ? 15.611  1.850   -13.362 1.00 43.96 ? 987  ARG A NE  1 
ATOM   73   C CZ  . ARG A 1 9   ? 15.759  3.034   -13.952 1.00 45.33 ? 987  ARG A CZ  1 
ATOM   74   N NH1 . ARG A 1 9   ? 15.404  3.207   -15.227 1.00 42.32 ? 987  ARG A NH1 1 
ATOM   75   N NH2 . ARG A 1 9   ? 16.269  4.048   -13.265 1.00 42.03 ? 987  ARG A NH2 1 
ATOM   76   N N   . GLU A 1 10  ? 9.990   0.062   -14.724 1.00 24.78 ? 988  GLU A N   1 
ATOM   77   C CA  . GLU A 1 10  ? 8.942   1.059   -14.918 1.00 25.99 ? 988  GLU A CA  1 
ATOM   78   C C   . GLU A 1 10  ? 7.842   0.905   -13.874 1.00 26.97 ? 988  GLU A C   1 
ATOM   79   O O   . GLU A 1 10  ? 7.352   1.903   -13.326 1.00 24.64 ? 988  GLU A O   1 
ATOM   80   C CB  . GLU A 1 10  ? 8.354   0.970   -16.332 1.00 27.00 ? 988  GLU A CB  1 
ATOM   81   C CG  . GLU A 1 10  ? 7.169   1.929   -16.494 1.00 28.22 ? 988  GLU A CG  1 
ATOM   82   C CD  . GLU A 1 10  ? 6.749   2.169   -17.923 1.00 37.02 ? 988  GLU A CD  1 
ATOM   83   O OE1 . GLU A 1 10  ? 5.659   2.753   -18.096 1.00 32.00 ? 988  GLU A OE1 1 
ATOM   84   O OE2 . GLU A 1 10  ? 7.491   1.785   -18.857 1.00 30.22 ? 988  GLU A OE2 1 
ATOM   85   N N   . LEU A 1 11  ? 7.446   -0.337  -13.574 1.00 24.21 ? 989  LEU A N   1 
ATOM   86   C CA  . LEU A 1 11  ? 6.470   -0.557  -12.511 1.00 25.57 ? 989  LEU A CA  1 
ATOM   87   C C   . LEU A 1 11  ? 6.950   0.053   -11.195 1.00 26.60 ? 989  LEU A C   1 
ATOM   88   O O   . LEU A 1 11  ? 6.199   0.757   -10.513 1.00 23.86 ? 989  LEU A O   1 
ATOM   89   C CB  . LEU A 1 11  ? 6.186   -2.056  -12.343 1.00 27.37 ? 989  LEU A CB  1 
ATOM   90   C CG  . LEU A 1 11  ? 5.207   -2.336  -11.187 1.00 28.13 ? 989  LEU A CG  1 
ATOM   91   C CD1 . LEU A 1 11  ? 3.843   -1.706  -11.480 1.00 26.55 ? 989  LEU A CD1 1 
ATOM   92   C CD2 . LEU A 1 11  ? 5.053   -3.834  -10.882 1.00 28.98 ? 989  LEU A CD2 1 
ATOM   93   N N   . ARG A 1 12  ? 8.208   -0.190  -10.826 1.00 25.07 ? 990  ARG A N   1 
ATOM   94   C CA  . ARG A 1 12  ? 8.710   0.336   -9.556  1.00 25.29 ? 990  ARG A CA  1 
ATOM   95   C C   . ARG A 1 12  ? 8.679   1.857   -9.532  1.00 25.01 ? 990  ARG A C   1 
ATOM   96   O O   . ARG A 1 12  ? 8.297   2.468   -8.519  1.00 23.88 ? 990  ARG A O   1 
ATOM   97   C CB  . ARG A 1 12  ? 10.135  -0.173  -9.301  1.00 25.38 ? 990  ARG A CB  1 
ATOM   98   C CG  . ARG A 1 12  ? 10.210  -1.683  -9.042  1.00 24.81 ? 990  ARG A CG  1 
ATOM   99   C CD  . ARG A 1 12  ? 11.578  -2.076  -8.455  1.00 27.19 ? 990  ARG A CD  1 
ATOM   100  N NE  . ARG A 1 12  ? 12.681  -1.826  -9.390  1.00 28.32 ? 990  ARG A NE  1 
ATOM   101  C CZ  . ARG A 1 12  ? 13.086  -2.701  -10.313 1.00 30.50 ? 990  ARG A CZ  1 
ATOM   102  N NH1 . ARG A 1 12  ? 12.487  -3.879  -10.424 1.00 28.48 ? 990  ARG A NH1 1 
ATOM   103  N NH2 . ARG A 1 12  ? 14.090  -2.400  -11.130 1.00 28.92 ? 990  ARG A NH2 1 
ATOM   104  N N   . ILE A 1 13  ? 9.099   2.487   -10.630 1.00 23.25 ? 991  ILE A N   1 
ATOM   105  C CA  . ILE A 1 13  ? 9.054   3.942   -10.730 1.00 21.92 ? 991  ILE A CA  1 
ATOM   106  C C   . ILE A 1 13  ? 7.622   4.443   -10.530 1.00 27.17 ? 991  ILE A C   1 
ATOM   107  O O   . ILE A 1 13  ? 7.373   5.394   -9.775  1.00 25.17 ? 991  ILE A O   1 
ATOM   108  C CB  . ILE A 1 13  ? 9.637   4.389   -12.083 1.00 23.39 ? 991  ILE A CB  1 
ATOM   109  C CG1 . ILE A 1 13  ? 11.140  4.097   -12.116 1.00 29.84 ? 991  ILE A CG1 1 
ATOM   110  C CG2 . ILE A 1 13  ? 9.382   5.874   -12.331 1.00 26.77 ? 991  ILE A CG2 1 
ATOM   111  C CD1 . ILE A 1 13  ? 11.726  4.150   -13.516 1.00 27.32 ? 991  ILE A CD1 1 
ATOM   112  N N   . PHE A 1 14  ? 6.668   3.796   -11.201 1.00 23.07 ? 992  PHE A N   1 
ATOM   113  C CA  . PHE A 1 14  ? 5.262   4.160   -11.038 1.00 24.67 ? 992  PHE A CA  1 
ATOM   114  C C   . PHE A 1 14  ? 4.818   3.992   -9.587  1.00 24.15 ? 992  PHE A C   1 
ATOM   115  O O   . PHE A 1 14  ? 4.174   4.879   -9.015  1.00 25.28 ? 992  PHE A O   1 
ATOM   116  C CB  . PHE A 1 14  ? 4.391   3.313   -11.966 1.00 25.76 ? 992  PHE A CB  1 
ATOM   117  C CG  . PHE A 1 14  ? 2.926   3.467   -11.706 1.00 27.04 ? 992  PHE A CG  1 
ATOM   118  C CD1 . PHE A 1 14  ? 2.243   4.593   -12.149 1.00 31.95 ? 992  PHE A CD1 1 
ATOM   119  C CD2 . PHE A 1 14  ? 2.232   2.494   -11.007 1.00 29.19 ? 992  PHE A CD2 1 
ATOM   120  C CE1 . PHE A 1 14  ? 0.870   4.747   -11.880 1.00 30.02 ? 992  PHE A CE1 1 
ATOM   121  C CE2 . PHE A 1 14  ? 0.874   2.632   -10.753 1.00 28.85 ? 992  PHE A CE2 1 
ATOM   122  C CZ  . PHE A 1 14  ? 0.197   3.759   -11.193 1.00 27.10 ? 992  PHE A CZ  1 
ATOM   123  N N   . LEU A 1 15  ? 5.182   2.869   -8.959  1.00 24.92 ? 993  LEU A N   1 
ATOM   124  C CA  . LEU A 1 15  ? 4.721   2.602   -7.597  1.00 23.48 ? 993  LEU A CA  1 
ATOM   125  C C   . LEU A 1 15  ? 5.337   3.574   -6.593  1.00 26.29 ? 993  LEU A C   1 
ATOM   126  O O   . LEU A 1 15  ? 4.658   4.000   -5.650  1.00 24.92 ? 993  LEU A O   1 
ATOM   127  C CB  . LEU A 1 15  ? 5.029   1.154   -7.203  1.00 26.96 ? 993  LEU A CB  1 
ATOM   128  C CG  . LEU A 1 15  ? 4.270   0.066   -7.965  1.00 26.04 ? 993  LEU A CG  1 
ATOM   129  C CD1 . LEU A 1 15  ? 4.659   -1.332  -7.456  1.00 26.67 ? 993  LEU A CD1 1 
ATOM   130  C CD2 . LEU A 1 15  ? 2.760   0.273   -7.840  1.00 23.43 ? 993  LEU A CD2 1 
ATOM   131  N N   . ARG A 1 16  ? 6.618   3.933   -6.768  1.00 21.87 ? 994  ARG A N   1 
ATOM   132  C CA  . ARG A 1 16  ? 7.223   4.932   -5.885  1.00 24.81 ? 994  ARG A CA  1 
ATOM   133  C C   . ARG A 1 16  ? 6.487   6.256   -5.995  1.00 25.54 ? 994  ARG A C   1 
ATOM   134  O O   . ARG A 1 16  ? 6.280   6.957   -4.998  1.00 24.58 ? 994  ARG A O   1 
ATOM   135  C CB  . ARG A 1 16  ? 8.699   5.159   -6.234  1.00 27.40 ? 994  ARG A CB  1 
ATOM   136  C CG  . ARG A 1 16  ? 9.639   4.086   -5.757  1.00 29.32 ? 994  ARG A CG  1 
ATOM   137  C CD  . ARG A 1 16  ? 11.115  4.460   -5.955  1.00 28.82 ? 994  ARG A CD  1 
ATOM   138  N NE  . ARG A 1 16  ? 11.864  3.215   -5.971  1.00 28.74 ? 994  ARG A NE  1 
ATOM   139  C CZ  . ARG A 1 16  ? 12.251  2.585   -7.074  1.00 30.73 ? 994  ARG A CZ  1 
ATOM   140  N NH1 . ARG A 1 16  ? 12.029  3.121   -8.274  1.00 27.32 ? 994  ARG A NH1 1 
ATOM   141  N NH2 . ARG A 1 16  ? 12.877  1.419   -6.971  1.00 30.79 ? 994  ARG A NH2 1 
ATOM   142  N N   . ASN A 1 17  ? 6.103   6.623   -7.210  1.00 22.76 ? 995  ASN A N   1 
ATOM   143  C CA  . ASN A 1 17  ? 5.421   7.897   -7.393  1.00 26.11 ? 995  ASN A CA  1 
ATOM   144  C C   . ASN A 1 17  ? 4.052   7.903   -6.713  1.00 23.59 ? 995  ASN A C   1 
ATOM   145  O O   . ASN A 1 17  ? 3.702   8.860   -6.012  1.00 24.99 ? 995  ASN A O   1 
ATOM   146  C CB  . ASN A 1 17  ? 5.304   8.206   -8.876  1.00 28.11 ? 995  ASN A CB  1 
ATOM   147  C CG  . ASN A 1 17  ? 4.494   9.441   -9.116  1.00 33.99 ? 995  ASN A CG  1 
ATOM   148  O OD1 . ASN A 1 17  ? 3.333   9.364   -9.469  1.00 31.66 ? 995  ASN A OD1 1 
ATOM   149  N ND2 . ASN A 1 17  ? 5.097   10.594  -8.891  1.00 38.12 ? 995  ASN A ND2 1 
ATOM   150  N N   . VAL A 1 18  ? 3.261   6.840   -6.902  1.00 23.52 ? 996  VAL A N   1 
ATOM   151  C CA  . VAL A 1 18  ? 1.962   6.750   -6.226  1.00 24.74 ? 996  VAL A CA  1 
ATOM   152  C C   . VAL A 1 18  ? 2.158   6.772   -4.716  1.00 25.56 ? 996  VAL A C   1 
ATOM   153  O O   . VAL A 1 18  ? 1.486   7.515   -3.986  1.00 24.24 ? 996  VAL A O   1 
ATOM   154  C CB  . VAL A 1 18  ? 1.201   5.481   -6.657  1.00 25.49 ? 996  VAL A CB  1 
ATOM   155  C CG1 . VAL A 1 18  ? -0.134  5.371   -5.899  1.00 24.28 ? 996  VAL A CG1 1 
ATOM   156  C CG2 . VAL A 1 18  ? 0.961   5.463   -8.170  1.00 24.26 ? 996  VAL A CG2 1 
ATOM   157  N N   . THR A 1 19  ? 3.091   5.961   -4.225  1.00 22.28 ? 997  THR A N   1 
ATOM   158  C CA  . THR A 1 19  ? 3.282   5.870   -2.779  1.00 24.22 ? 997  THR A CA  1 
ATOM   159  C C   . THR A 1 19  ? 3.720   7.205   -2.198  1.00 25.26 ? 997  THR A C   1 
ATOM   160  O O   . THR A 1 19  ? 3.274   7.597   -1.112  1.00 26.56 ? 997  THR A O   1 
ATOM   161  C CB  . THR A 1 19  ? 4.302   4.784   -2.460  1.00 25.30 ? 997  THR A CB  1 
ATOM   162  O OG1 . THR A 1 19  ? 3.900   3.576   -3.113  1.00 26.33 ? 997  THR A OG1 1 
ATOM   163  C CG2 . THR A 1 19  ? 4.371   4.544   -0.954  1.00 25.73 ? 997  THR A CG2 1 
ATOM   164  N N   . HIS A 1 20  ? 4.594   7.918   -2.904  1.00 24.64 ? 998  HIS A N   1 
ATOM   165  C CA  . HIS A 1 20  ? 4.993   9.244   -2.439  1.00 28.55 ? 998  HIS A CA  1 
ATOM   166  C C   . HIS A 1 20  ? 3.794   10.187  -2.359  1.00 27.48 ? 998  HIS A C   1 
ATOM   167  O O   . HIS A 1 20  ? 3.672   10.973  -1.413  1.00 28.57 ? 998  HIS A O   1 
ATOM   168  C CB  . HIS A 1 20  ? 6.073   9.817   -3.358  1.00 30.17 ? 998  HIS A CB  1 
ATOM   169  C CG  . HIS A 1 20  ? 6.565   11.169  -2.935  1.00 39.74 ? 998  HIS A CG  1 
ATOM   170  N ND1 . HIS A 1 20  ? 6.244   12.328  -3.611  1.00 50.32 ? 998  HIS A ND1 1 
ATOM   171  C CD2 . HIS A 1 20  ? 7.340   11.547  -1.888  1.00 38.16 ? 998  HIS A CD2 1 
ATOM   172  C CE1 . HIS A 1 20  ? 6.807   13.363  -3.005  1.00 43.20 ? 998  HIS A CE1 1 
ATOM   173  N NE2 . HIS A 1 20  ? 7.476   12.916  -1.957  1.00 49.06 ? 998  HIS A NE2 1 
ATOM   174  N N   . ARG A 1 21  ? 2.904   10.137  -3.351  1.00 24.75 ? 999  ARG A N   1 
ATOM   175  C CA  . ARG A 1 21  ? 1.750   11.035  -3.334  1.00 26.59 ? 999  ARG A CA  1 
ATOM   176  C C   . ARG A 1 21  ? 0.804   10.711  -2.186  1.00 30.27 ? 999  ARG A C   1 
ATOM   177  O O   . ARG A 1 21  ? 0.188   11.619  -1.609  1.00 28.07 ? 999  ARG A O   1 
ATOM   178  C CB  . ARG A 1 21  ? 1.023   10.971  -4.677  1.00 25.87 ? 999  ARG A CB  1 
ATOM   179  C CG  . ARG A 1 21  ? 1.738   11.783  -5.770  1.00 26.43 ? 999  ARG A CG  1 
ATOM   180  C CD  . ARG A 1 21  ? 1.558   11.141  -7.154  1.00 28.64 ? 999  ARG A CD  1 
ATOM   181  N NE  . ARG A 1 21  ? 0.212   11.364  -7.645  1.00 30.88 ? 999  ARG A NE  1 
ATOM   182  C CZ  . ARG A 1 21  ? -0.288  10.823  -8.750  1.00 30.80 ? 999  ARG A CZ  1 
ATOM   183  N NH1 . ARG A 1 21  ? 0.455   10.022  -9.502  1.00 28.23 ? 999  ARG A NH1 1 
ATOM   184  N NH2 . ARG A 1 21  ? -1.536  11.094  -9.098  1.00 26.08 ? 999  ARG A NH2 1 
ATOM   185  N N   . LEU A 1 22  ? 0.686   9.432   -1.828  1.00 26.43 ? 1000 LEU A N   1 
ATOM   186  C CA  . LEU A 1 22  ? -0.085  9.074   -0.646  1.00 28.20 ? 1000 LEU A CA  1 
ATOM   187  C C   . LEU A 1 22  ? 0.615   9.530   0.624   1.00 29.00 ? 1000 LEU A C   1 
ATOM   188  O O   . LEU A 1 22  ? -0.033  10.056  1.539   1.00 26.25 ? 1000 LEU A O   1 
ATOM   189  C CB  . LEU A 1 22  ? -0.310  7.562   -0.606  1.00 28.14 ? 1000 LEU A CB  1 
ATOM   190  C CG  . LEU A 1 22  ? -1.000  6.953   -1.819  1.00 27.44 ? 1000 LEU A CG  1 
ATOM   191  C CD1 . LEU A 1 22  ? -1.025  5.425   -1.703  1.00 25.18 ? 1000 LEU A CD1 1 
ATOM   192  C CD2 . LEU A 1 22  ? -2.415  7.515   -1.938  1.00 28.58 ? 1000 LEU A CD2 1 
ATOM   193  N N   . ALA A 1 23  ? 1.939   9.351   0.692   1.00 25.57 ? 1001 ALA A N   1 
ATOM   194  C CA  . ALA A 1 23  ? 2.673   9.580   1.932   1.00 27.71 ? 1001 ALA A CA  1 
ATOM   195  C C   . ALA A 1 23  ? 2.753   11.055  2.304   1.00 31.13 ? 1001 ALA A C   1 
ATOM   196  O O   . ALA A 1 23  ? 2.915   11.377  3.484   1.00 31.99 ? 1001 ALA A O   1 
ATOM   197  C CB  . ALA A 1 23  ? 4.084   9.005   1.827   1.00 28.60 ? 1001 ALA A CB  1 
ATOM   198  N N   . ILE A 1 24  ? 2.669   11.968  1.332   1.00 29.69 ? 1002 ILE A N   1 
ATOM   199  C CA  . ILE A 1 24  ? 2.705   13.387  1.666   1.00 30.78 ? 1002 ILE A CA  1 
ATOM   200  C C   . ILE A 1 24  ? 1.321   13.956  1.933   1.00 36.07 ? 1002 ILE A C   1 
ATOM   201  O O   . ILE A 1 24  ? 1.205   15.139  2.274   1.00 36.84 ? 1002 ILE A O   1 
ATOM   202  C CB  . ILE A 1 24  ? 3.403   14.212  0.568   1.00 32.57 ? 1002 ILE A CB  1 
ATOM   203  C CG1 . ILE A 1 24  ? 2.547   14.245  -0.697  1.00 33.03 ? 1002 ILE A CG1 1 
ATOM   204  C CG2 . ILE A 1 24  ? 4.789   13.645  0.284   1.00 34.53 ? 1002 ILE A CG2 1 
ATOM   205  C CD1 . ILE A 1 24  ? 3.284   14.787  -1.914  1.00 45.28 ? 1002 ILE A CD1 1 
ATOM   206  N N   . ASP A 1 25  ? 0.269   13.159  1.792   1.00 31.37 ? 1003 ASP A N   1 
ATOM   207  C CA  . ASP A 1 25  ? -1.082  13.628  2.086   1.00 32.45 ? 1003 ASP A CA  1 
ATOM   208  C C   . ASP A 1 25  ? -1.291  13.683  3.600   1.00 35.29 ? 1003 ASP A C   1 
ATOM   209  O O   . ASP A 1 25  ? -1.120  12.674  4.292   1.00 31.15 ? 1003 ASP A O   1 
ATOM   210  C CB  . ASP A 1 25  ? -2.093  12.707  1.408   1.00 31.92 ? 1003 ASP A CB  1 
ATOM   211  C CG  . ASP A 1 25  ? -3.497  13.272  1.401   1.00 32.73 ? 1003 ASP A CG  1 
ATOM   212  O OD1 . ASP A 1 25  ? -3.941  13.763  2.456   1.00 34.48 ? 1003 ASP A OD1 1 
ATOM   213  O OD2 . ASP A 1 25  ? -4.171  13.193  0.347   1.00 34.59 ? 1003 ASP A OD2 1 
ATOM   214  N N   . LYS A 1 26  ? -1.666  14.864  4.118   1.00 34.99 ? 1004 LYS A N   1 
ATOM   215  C CA  . LYS A 1 26  ? -1.808  15.046  5.565   1.00 34.48 ? 1004 LYS A CA  1 
ATOM   216  C C   . LYS A 1 26  ? -2.751  14.017  6.190   1.00 28.44 ? 1004 LYS A C   1 
ATOM   217  O O   . LYS A 1 26  ? -2.535  13.571  7.321   1.00 31.58 ? 1004 LYS A O   1 
ATOM   218  C CB  . LYS A 1 26  ? -2.310  16.469  5.861   1.00 35.95 ? 1004 LYS A CB  1 
ATOM   219  N N   . ARG A 1 27  ? -3.796  13.628  5.464   1.00 29.51 ? 1005 ARG A N   1 
ATOM   220  C CA  . ARG A 1 27  ? -4.766  12.668  5.982   1.00 33.61 ? 1005 ARG A CA  1 
ATOM   221  C C   . ARG A 1 27  ? -4.142  11.316  6.302   1.00 35.70 ? 1005 ARG A C   1 
ATOM   222  O O   . ARG A 1 27  ? -4.674  10.571  7.130   1.00 32.89 ? 1005 ARG A O   1 
ATOM   223  C CB  . ARG A 1 27  ? -5.876  12.448  4.968   1.00 32.13 ? 1005 ARG A CB  1 
ATOM   224  C CG  . ARG A 1 27  ? -6.676  13.669  4.638   1.00 37.83 ? 1005 ARG A CG  1 
ATOM   225  C CD  . ARG A 1 27  ? -7.649  13.328  3.557   1.00 32.51 ? 1005 ARG A CD  1 
ATOM   226  N NE  . ARG A 1 27  ? -6.977  13.096  2.291   1.00 35.69 ? 1005 ARG A NE  1 
ATOM   227  C CZ  . ARG A 1 27  ? -7.582  12.619  1.211   1.00 39.17 ? 1005 ARG A CZ  1 
ATOM   228  N NH1 . ARG A 1 27  ? -8.871  12.313  1.264   1.00 37.68 ? 1005 ARG A NH1 1 
ATOM   229  N NH2 . ARG A 1 27  ? -6.902  12.449  0.087   1.00 34.86 ? 1005 ARG A NH2 1 
ATOM   230  N N   . PHE A 1 28  ? -3.050  10.962  5.629   1.00 31.69 ? 1006 PHE A N   1 
ATOM   231  C CA  . PHE A 1 28  ? -2.521  9.606   5.687   1.00 29.23 ? 1006 PHE A CA  1 
ATOM   232  C C   . PHE A 1 28  ? -1.277  9.516   6.557   1.00 33.24 ? 1006 PHE A C   1 
ATOM   233  O O   . PHE A 1 28  ? -0.614  8.472   6.578   1.00 30.25 ? 1006 PHE A O   1 
ATOM   234  C CB  . PHE A 1 28  ? -2.262  9.100   4.258   1.00 24.53 ? 1006 PHE A CB  1 
ATOM   235  C CG  . PHE A 1 28  ? -3.488  9.191   3.355   1.00 29.53 ? 1006 PHE A CG  1 
ATOM   236  C CD1 . PHE A 1 28  ? -4.767  9.033   3.884   1.00 26.10 ? 1006 PHE A CD1 1 
ATOM   237  C CD2 . PHE A 1 28  ? -3.361  9.432   1.984   1.00 25.04 ? 1006 PHE A CD2 1 
ATOM   238  C CE1 . PHE A 1 28  ? -5.890  9.120   3.069   1.00 28.18 ? 1006 PHE A CE1 1 
ATOM   239  C CE2 . PHE A 1 28  ? -4.474  9.518   1.168   1.00 25.34 ? 1006 PHE A CE2 1 
ATOM   240  C CZ  . PHE A 1 28  ? -5.745  9.367   1.707   1.00 28.18 ? 1006 PHE A CZ  1 
ATOM   241  N N   . ARG A 1 29  ? -0.972  10.576  7.315   1.00 30.59 ? 1007 ARG A N   1 
ATOM   242  C CA  . ARG A 1 29  ? 0.235   10.588  8.137   1.00 31.60 ? 1007 ARG A CA  1 
ATOM   243  C C   . ARG A 1 29  ? 0.283   9.394   9.079   1.00 31.18 ? 1007 ARG A C   1 
ATOM   244  O O   . ARG A 1 29  ? 1.359   8.849   9.346   1.00 33.83 ? 1007 ARG A O   1 
ATOM   245  C CB  . ARG A 1 29  ? 0.314   11.898  8.925   1.00 37.33 ? 1007 ARG A CB  1 
ATOM   246  C CG  . ARG A 1 29  ? 1.618   12.099  9.686   1.00 44.82 ? 1007 ARG A CG  1 
ATOM   247  C CD  . ARG A 1 29  ? 1.616   13.406  10.492  1.00 55.74 ? 1007 ARG A CD  1 
ATOM   248  N NE  . ARG A 1 29  ? 1.347   13.197  11.917  1.00 66.44 ? 1007 ARG A NE  1 
ATOM   249  C CZ  . ARG A 1 29  ? 1.111   14.176  12.793  1.00 77.90 ? 1007 ARG A CZ  1 
ATOM   250  N NH1 . ARG A 1 29  ? 1.110   15.443  12.395  1.00 73.31 ? 1007 ARG A NH1 1 
ATOM   251  N NH2 . ARG A 1 29  ? 0.876   13.890  14.072  1.00 82.01 ? 1007 ARG A NH2 1 
ATOM   252  N N   . VAL A 1 30  ? -0.871  8.973   9.596   1.00 31.89 ? 1008 VAL A N   1 
ATOM   253  C CA  . VAL A 1 30  ? -0.898  7.869   10.545  1.00 33.52 ? 1008 VAL A CA  1 
ATOM   254  C C   . VAL A 1 30  ? -0.477  6.559   9.884   1.00 38.70 ? 1008 VAL A C   1 
ATOM   255  O O   . VAL A 1 30  ? -0.070  5.618   10.572  1.00 35.68 ? 1008 VAL A O   1 
ATOM   256  C CB  . VAL A 1 30  ? -2.296  7.761   11.177  1.00 33.93 ? 1008 VAL A CB  1 
ATOM   257  C CG1 . VAL A 1 30  ? -3.342  7.362   10.141  1.00 33.44 ? 1008 VAL A CG1 1 
ATOM   258  C CG2 . VAL A 1 30  ? -2.286  6.791   12.341  1.00 50.36 ? 1008 VAL A CG2 1 
ATOM   259  N N   . PHE A 1 31  ? -0.517  6.494   8.555   1.00 32.30 ? 1009 PHE A N   1 
ATOM   260  C CA  . PHE A 1 31  ? -0.134  5.291   7.829   1.00 32.15 ? 1009 PHE A CA  1 
ATOM   261  C C   . PHE A 1 31  ? 1.275   5.354   7.254   1.00 31.55 ? 1009 PHE A C   1 
ATOM   262  O O   . PHE A 1 31  ? 1.663   4.443   6.517   1.00 30.91 ? 1009 PHE A O   1 
ATOM   263  C CB  . PHE A 1 31  ? -1.127  5.022   6.701   1.00 30.62 ? 1009 PHE A CB  1 
ATOM   264  C CG  . PHE A 1 31  ? -2.550  5.031   7.140   1.00 27.75 ? 1009 PHE A CG  1 
ATOM   265  C CD1 . PHE A 1 31  ? -2.994  4.152   8.113   1.00 28.49 ? 1009 PHE A CD1 1 
ATOM   266  C CD2 . PHE A 1 31  ? -3.442  5.928   6.585   1.00 30.01 ? 1009 PHE A CD2 1 
ATOM   267  C CE1 . PHE A 1 31  ? -4.325  4.166   8.529   1.00 33.23 ? 1009 PHE A CE1 1 
ATOM   268  C CE2 . PHE A 1 31  ? -4.770  5.955   6.991   1.00 30.66 ? 1009 PHE A CE2 1 
ATOM   269  C CZ  . PHE A 1 31  ? -5.215  5.069   7.961   1.00 31.99 ? 1009 PHE A CZ  1 
ATOM   270  N N   . THR A 1 32  ? 2.052   6.397   7.563   1.00 30.69 ? 1010 THR A N   1 
ATOM   271  C CA  . THR A 1 32  ? 3.352   6.561   6.924   1.00 31.41 ? 1010 THR A CA  1 
ATOM   272  C C   . THR A 1 32  ? 4.482   5.822   7.626   1.00 34.99 ? 1010 THR A C   1 
ATOM   273  O O   . THR A 1 32  ? 5.544   5.646   7.026   1.00 39.28 ? 1010 THR A O   1 
ATOM   274  C CB  . THR A 1 32  ? 3.746   8.039   6.846   1.00 38.65 ? 1010 THR A CB  1 
ATOM   275  O OG1 . THR A 1 32  ? 3.769   8.602   8.171   1.00 36.21 ? 1010 THR A OG1 1 
ATOM   276  C CG2 . THR A 1 32  ? 2.777   8.804   5.952   1.00 35.40 ? 1010 THR A CG2 1 
ATOM   277  N N   . LYS A 1 33  ? 4.303   5.416   8.874   1.00 38.37 ? 1011 LYS A N   1 
ATOM   278  C CA  . LYS A 1 33  ? 5.364   4.757   9.622   1.00 39.33 ? 1011 LYS A CA  1 
ATOM   279  C C   . LYS A 1 33  ? 4.761   3.615   10.412  1.00 36.07 ? 1011 LYS A C   1 
ATOM   280  O O   . LYS A 1 33  ? 3.560   3.632   10.715  1.00 37.81 ? 1011 LYS A O   1 
ATOM   281  C CB  . LYS A 1 33  ? 6.081   5.727   10.576  1.00 44.06 ? 1011 LYS A CB  1 
ATOM   282  C CG  . LYS A 1 33  ? 6.881   6.825   9.885   1.00 51.18 ? 1011 LYS A CG  1 
ATOM   283  C CD  . LYS A 1 33  ? 7.505   7.787   10.908  1.00 57.83 ? 1011 LYS A CD  1 
ATOM   284  C CE  . LYS A 1 33  ? 6.493   8.231   11.969  1.00 67.61 ? 1011 LYS A CE  1 
ATOM   285  N NZ  . LYS A 1 33  ? 7.101   9.080   13.043  1.00 72.54 ? 1011 LYS A NZ  1 
ATOM   286  N N   . PRO A 1 34  ? 5.552   2.594   10.746  1.00 41.98 ? 1012 PRO A N   1 
ATOM   287  C CA  . PRO A 1 34  ? 5.035   1.522   11.597  1.00 42.74 ? 1012 PRO A CA  1 
ATOM   288  C C   . PRO A 1 34  ? 4.537   2.097   12.916  1.00 46.97 ? 1012 PRO A C   1 
ATOM   289  O O   . PRO A 1 34  ? 4.983   3.155   13.367  1.00 47.48 ? 1012 PRO A O   1 
ATOM   290  C CB  . PRO A 1 34  ? 6.248   0.604   11.803  1.00 43.35 ? 1012 PRO A CB  1 
ATOM   291  C CG  . PRO A 1 34  ? 7.169   0.922   10.672  1.00 41.83 ? 1012 PRO A CG  1 
ATOM   292  C CD  . PRO A 1 34  ? 6.970   2.387   10.397  1.00 39.69 ? 1012 PRO A CD  1 
ATOM   293  N N   . VAL A 1 35  ? 3.585   1.400   13.526  1.00 49.11 ? 1013 VAL A N   1 
ATOM   294  C CA  . VAL A 1 35  ? 3.048   1.851   14.803  1.00 56.06 ? 1013 VAL A CA  1 
ATOM   295  C C   . VAL A 1 35  ? 4.092   1.646   15.894  1.00 64.09 ? 1013 VAL A C   1 
ATOM   296  O O   . VAL A 1 35  ? 4.654   0.552   16.041  1.00 66.62 ? 1013 VAL A O   1 
ATOM   297  C CB  . VAL A 1 35  ? 1.743   1.110   15.124  1.00 55.07 ? 1013 VAL A CB  1 
ATOM   298  C CG1 . VAL A 1 35  ? 1.205   1.571   16.456  1.00 56.56 ? 1013 VAL A CG1 1 
ATOM   299  C CG2 . VAL A 1 35  ? 0.724   1.346   14.010  1.00 48.58 ? 1013 VAL A CG2 1 
ATOM   300  N N   . ASP A 1 36  ? 4.353   2.704   16.663  1.00 67.87 ? 1014 ASP A N   1 
ATOM   301  C CA  . ASP A 1 36  ? 5.348   2.661   17.738  1.00 75.05 ? 1014 ASP A CA  1 
ATOM   302  C C   . ASP A 1 36  ? 4.795   1.902   18.940  1.00 78.38 ? 1014 ASP A C   1 
ATOM   303  O O   . ASP A 1 36  ? 3.766   2.307   19.495  1.00 75.67 ? 1014 ASP A O   1 
ATOM   304  C CB  . ASP A 1 36  ? 5.737   4.080   18.147  1.00 77.04 ? 1014 ASP A CB  1 
ATOM   305  C CG  . ASP A 1 36  ? 6.836   4.116   19.201  1.00 81.18 ? 1014 ASP A CG  1 
ATOM   306  O OD1 . ASP A 1 36  ? 7.050   5.199   19.787  1.00 82.04 ? 1014 ASP A OD1 1 
ATOM   307  O OD2 . ASP A 1 36  ? 7.494   3.079   19.436  1.00 82.41 ? 1014 ASP A OD2 1 
ATOM   308  N N   . PRO A 1 37  ? 5.440   0.812   19.378  1.00 80.88 ? 1015 PRO A N   1 
ATOM   309  C CA  . PRO A 1 37  ? 4.929   0.084   20.552  1.00 80.24 ? 1015 PRO A CA  1 
ATOM   310  C C   . PRO A 1 37  ? 4.882   0.936   21.807  1.00 83.46 ? 1015 PRO A C   1 
ATOM   311  O O   . PRO A 1 37  ? 4.037   0.693   22.681  1.00 83.88 ? 1015 PRO A O   1 
ATOM   312  C CB  . PRO A 1 37  ? 5.913   -1.086  20.697  1.00 81.72 ? 1015 PRO A CB  1 
ATOM   313  C CG  . PRO A 1 37  ? 6.558   -1.220  19.346  1.00 80.93 ? 1015 PRO A CG  1 
ATOM   314  C CD  . PRO A 1 37  ? 6.634   0.168   18.802  1.00 75.59 ? 1015 PRO A CD  1 
ATOM   315  N N   . ASP A 1 38  ? 5.775   1.924   21.921  1.00 83.78 ? 1016 ASP A N   1 
ATOM   316  C CA  . ASP A 1 38  ? 5.696   2.878   23.022  1.00 85.06 ? 1016 ASP A CA  1 
ATOM   317  C C   . ASP A 1 38  ? 4.365   3.617   23.002  1.00 85.25 ? 1016 ASP A C   1 
ATOM   318  O O   . ASP A 1 38  ? 3.645   3.650   24.007  1.00 84.88 ? 1016 ASP A O   1 
ATOM   319  C CB  . ASP A 1 38  ? 6.859   3.870   22.942  1.00 86.92 ? 1016 ASP A CB  1 
ATOM   320  C CG  . ASP A 1 38  ? 8.104   3.372   23.650  1.00 94.80 ? 1016 ASP A CG  1 
ATOM   321  O OD1 . ASP A 1 38  ? 9.067   4.162   23.778  1.00 98.31 ? 1016 ASP A OD1 1 
ATOM   322  O OD2 . ASP A 1 38  ? 8.124   2.193   24.071  1.00 92.79 ? 1016 ASP A OD2 1 
ATOM   323  N N   . GLU A 1 39  ? 4.020   4.212   21.856  1.00 84.06 ? 1017 GLU A N   1 
ATOM   324  C CA  . GLU A 1 39  ? 2.789   4.981   21.715  1.00 82.09 ? 1017 GLU A CA  1 
ATOM   325  C C   . GLU A 1 39  ? 1.576   4.123   22.061  1.00 82.51 ? 1017 GLU A C   1 
ATOM   326  O O   . GLU A 1 39  ? 0.903   4.385   23.063  1.00 84.36 ? 1017 GLU A O   1 
ATOM   327  C CB  . GLU A 1 39  ? 2.673   5.557   20.300  1.00 76.98 ? 1017 GLU A CB  1 
ATOM   328  N N   . VAL A 1 40  ? 1.293   3.101   21.265  1.00 82.11 ? 1018 VAL A N   1 
ATOM   329  C CA  . VAL A 1 40  ? 0.193   2.185   21.560  1.00 83.32 ? 1018 VAL A CA  1 
ATOM   330  C C   . VAL A 1 40  ? 0.784   0.803   21.802  1.00 81.53 ? 1018 VAL A C   1 
ATOM   331  O O   . VAL A 1 40  ? 1.551   0.292   20.980  1.00 81.13 ? 1018 VAL A O   1 
ATOM   332  C CB  . VAL A 1 40  ? -0.884  2.172   20.454  1.00 78.68 ? 1018 VAL A CB  1 
ATOM   333  C CG1 . VAL A 1 40  ? -1.199  3.600   19.996  1.00 74.99 ? 1018 VAL A CG1 1 
ATOM   334  C CG2 . VAL A 1 40  ? -0.543  1.288   19.279  1.00 75.41 ? 1018 VAL A CG2 1 
ATOM   335  N N   . PRO A 1 41  ? 0.530   0.192   22.953  1.00 83.54 ? 1019 PRO A N   1 
ATOM   336  C CA  . PRO A 1 41  ? 1.213   -1.064  23.287  1.00 79.93 ? 1019 PRO A CA  1 
ATOM   337  C C   . PRO A 1 41  ? 0.491   -2.302  22.782  1.00 73.63 ? 1019 PRO A C   1 
ATOM   338  O O   . PRO A 1 41  ? 1.130   -3.321  22.510  1.00 74.00 ? 1019 PRO A O   1 
ATOM   339  C CB  . PRO A 1 41  ? 1.253   -1.032  24.819  1.00 78.29 ? 1019 PRO A CB  1 
ATOM   340  C CG  . PRO A 1 41  ? 0.016   -0.265  25.202  1.00 80.69 ? 1019 PRO A CG  1 
ATOM   341  C CD  . PRO A 1 41  ? -0.209  0.752   24.101  1.00 79.17 ? 1019 PRO A CD  1 
ATOM   342  N N   . ASP A 1 42  ? -0.833  -2.230  22.663  1.00 70.85 ? 1020 ASP A N   1 
ATOM   343  C CA  . ASP A 1 42  ? -1.658  -3.389  22.347  1.00 69.12 ? 1020 ASP A CA  1 
ATOM   344  C C   . ASP A 1 42  ? -1.806  -3.627  20.850  1.00 73.42 ? 1020 ASP A C   1 
ATOM   345  O O   . ASP A 1 42  ? -2.604  -4.485  20.453  1.00 66.23 ? 1020 ASP A O   1 
ATOM   346  C CB  . ASP A 1 42  ? -3.042  -3.224  22.979  1.00 69.06 ? 1020 ASP A CB  1 
ATOM   347  C CG  . ASP A 1 42  ? -3.741  -1.960  22.519  1.00 77.75 ? 1020 ASP A CG  1 
ATOM   348  O OD1 . ASP A 1 42  ? -3.045  -1.039  22.038  1.00 79.21 ? 1020 ASP A OD1 1 
ATOM   349  O OD2 . ASP A 1 42  ? -4.982  -1.885  22.633  1.00 76.99 ? 1020 ASP A OD2 1 
ATOM   350  N N   . TYR A 1 43  ? -1.061  -2.895  20.016  1.00 70.17 ? 1021 TYR A N   1 
ATOM   351  C CA  . TYR A 1 43  ? -1.290  -2.966  18.576  1.00 68.26 ? 1021 TYR A CA  1 
ATOM   352  C C   . TYR A 1 43  ? -0.971  -4.350  18.023  1.00 64.94 ? 1021 TYR A C   1 
ATOM   353  O O   . TYR A 1 43  ? -1.674  -4.838  17.137  1.00 60.33 ? 1021 TYR A O   1 
ATOM   354  C CB  . TYR A 1 43  ? -0.474  -1.898  17.837  1.00 61.09 ? 1021 TYR A CB  1 
ATOM   355  C CG  . TYR A 1 43  ? -0.802  -1.812  16.351  1.00 55.86 ? 1021 TYR A CG  1 
ATOM   356  C CD1 . TYR A 1 43  ? -2.010  -1.271  15.912  1.00 54.76 ? 1021 TYR A CD1 1 
ATOM   357  C CD2 . TYR A 1 43  ? 0.083   -2.297  15.390  1.00 53.87 ? 1021 TYR A CD2 1 
ATOM   358  C CE1 . TYR A 1 43  ? -2.317  -1.200  14.559  1.00 49.32 ? 1021 TYR A CE1 1 
ATOM   359  C CE2 . TYR A 1 43  ? -0.221  -2.236  14.032  1.00 44.86 ? 1021 TYR A CE2 1 
ATOM   360  C CZ  . TYR A 1 43  ? -1.417  -1.691  13.625  1.00 44.75 ? 1021 TYR A CZ  1 
ATOM   361  O OH  . TYR A 1 43  ? -1.718  -1.630  12.278  1.00 42.10 ? 1021 TYR A OH  1 
ATOM   362  N N   . VAL A 1 44  ? 0.064   -5.012  18.536  1.00 69.38 ? 1022 VAL A N   1 
ATOM   363  C CA  . VAL A 1 44  ? 0.381   -6.344  18.029  1.00 68.52 ? 1022 VAL A CA  1 
ATOM   364  C C   . VAL A 1 44  ? -0.554  -7.428  18.560  1.00 69.23 ? 1022 VAL A C   1 
ATOM   365  O O   . VAL A 1 44  ? -0.614  -8.517  17.978  1.00 68.20 ? 1022 VAL A O   1 
ATOM   366  C CB  . VAL A 1 44  ? 1.839   -6.714  18.333  1.00 62.22 ? 1022 VAL A CB  1 
ATOM   367  C CG1 . VAL A 1 44  ? 2.276   -7.860  17.426  1.00 68.84 ? 1022 VAL A CG1 1 
ATOM   368  C CG2 . VAL A 1 44  ? 2.718   -5.500  18.120  1.00 60.75 ? 1022 VAL A CG2 1 
ATOM   369  N N   . THR A 1 45  ? -1.295  -7.181  19.644  1.00 68.58 ? 1023 THR A N   1 
ATOM   370  C CA  . THR A 1 45  ? -2.290  -8.169  20.050  1.00 73.80 ? 1023 THR A CA  1 
ATOM   371  C C   . THR A 1 45  ? -3.355  -8.333  18.980  1.00 71.85 ? 1023 THR A C   1 
ATOM   372  O O   . THR A 1 45  ? -3.863  -9.440  18.763  1.00 73.02 ? 1023 THR A O   1 
ATOM   373  C CB  . THR A 1 45  ? -2.951  -7.782  21.379  1.00 74.99 ? 1023 THR A CB  1 
ATOM   374  O OG1 . THR A 1 45  ? -1.952  -7.604  22.392  1.00 79.50 ? 1023 THR A OG1 1 
ATOM   375  C CG2 . THR A 1 45  ? -3.956  -8.862  21.822  1.00 68.28 ? 1023 THR A CG2 1 
ATOM   376  N N   . VAL A 1 46  ? -3.686  -7.248  18.288  1.00 62.40 ? 1024 VAL A N   1 
ATOM   377  C CA  . VAL A 1 46  ? -4.765  -7.245  17.318  1.00 62.19 ? 1024 VAL A CA  1 
ATOM   378  C C   . VAL A 1 46  ? -4.255  -7.487  15.901  1.00 57.84 ? 1024 VAL A C   1 
ATOM   379  O O   . VAL A 1 46  ? -4.882  -8.226  15.141  1.00 53.03 ? 1024 VAL A O   1 
ATOM   380  C CB  . VAL A 1 46  ? -5.547  -5.917  17.418  1.00 59.63 ? 1024 VAL A CB  1 
ATOM   381  C CG1 . VAL A 1 46  ? -6.782  -5.949  16.531  1.00 56.72 ? 1024 VAL A CG1 1 
ATOM   382  C CG2 . VAL A 1 46  ? -5.927  -5.634  18.868  1.00 63.23 ? 1024 VAL A CG2 1 
ATOM   383  N N   . ILE A 1 47  ? -3.117  -6.893  15.530  1.00 57.33 ? 1025 ILE A N   1 
ATOM   384  C CA  . ILE A 1 47  ? -2.676  -6.820  14.136  1.00 51.13 ? 1025 ILE A CA  1 
ATOM   385  C C   . ILE A 1 47  ? -1.481  -7.745  13.949  1.00 48.62 ? 1025 ILE A C   1 
ATOM   386  O O   . ILE A 1 47  ? -0.380  -7.461  14.437  1.00 51.50 ? 1025 ILE A O   1 
ATOM   387  C CB  . ILE A 1 47  ? -2.321  -5.385  13.718  1.00 45.99 ? 1025 ILE A CB  1 
ATOM   388  C CG1 . ILE A 1 47  ? -3.538  -4.465  13.850  1.00 45.57 ? 1025 ILE A CG1 1 
ATOM   389  C CG2 . ILE A 1 47  ? -1.810  -5.379  12.288  1.00 38.62 ? 1025 ILE A CG2 1 
ATOM   390  C CD1 . ILE A 1 47  ? -4.815  -5.019  13.228  1.00 42.30 ? 1025 ILE A CD1 1 
ATOM   391  N N   . LYS A 1 48  ? -1.681  -8.826  13.196  1.00 53.12 ? 1026 LYS A N   1 
ATOM   392  C CA  . LYS A 1 48  ? -0.647  -9.842  13.022  1.00 49.25 ? 1026 LYS A CA  1 
ATOM   393  C C   . LYS A 1 48  ? 0.341   -9.530  11.903  1.00 52.10 ? 1026 LYS A C   1 
ATOM   394  O O   . LYS A 1 48  ? 1.508   -9.928  12.004  1.00 49.91 ? 1026 LYS A O   1 
ATOM   395  C CB  . LYS A 1 48  ? -1.293  -11.210 12.772  1.00 52.80 ? 1026 LYS A CB  1 
ATOM   396  C CG  . LYS A 1 48  ? -2.038  -11.760 13.991  1.00 56.83 ? 1026 LYS A CG  1 
ATOM   397  C CD  . LYS A 1 48  ? -1.223  -11.569 15.275  1.00 61.30 ? 1026 LYS A CD  1 
ATOM   398  C CE  . LYS A 1 48  ? -2.048  -11.890 16.521  1.00 62.90 ? 1026 LYS A CE  1 
ATOM   399  N NZ  . LYS A 1 48  ? -1.586  -11.156 17.740  1.00 65.30 ? 1026 LYS A NZ  1 
ATOM   400  N N   . GLN A 1 49  ? -0.071  -8.849  10.828  1.00 45.48 ? 1027 GLN A N   1 
ATOM   401  C CA  A GLN A 1 49  ? 0.832   -8.462  9.747   0.54 41.18 ? 1027 GLN A CA  1 
ATOM   402  C CA  B GLN A 1 49  ? 0.858   -8.457  9.767   0.46 40.92 ? 1027 GLN A CA  1 
ATOM   403  C C   . GLN A 1 49  ? 0.752   -6.956  9.547   1.00 41.33 ? 1027 GLN A C   1 
ATOM   404  O O   . GLN A 1 49  ? -0.007  -6.483  8.685   1.00 37.65 ? 1027 GLN A O   1 
ATOM   405  C CB  A GLN A 1 49  ? 0.502   -9.203  8.452   0.54 41.08 ? 1027 GLN A CB  1 
ATOM   406  C CB  B GLN A 1 49  ? 0.646   -9.248  8.475   0.46 41.15 ? 1027 GLN A CB  1 
ATOM   407  C CG  A GLN A 1 49  ? 1.569   -9.034  7.380   0.54 37.16 ? 1027 GLN A CG  1 
ATOM   408  C CG  B GLN A 1 49  ? -0.770  -9.603  8.087   0.46 40.09 ? 1027 GLN A CG  1 
ATOM   409  C CD  A GLN A 1 49  ? 1.240   -9.741  6.079   0.54 40.44 ? 1027 GLN A CD  1 
ATOM   410  C CD  B GLN A 1 49  ? -0.824  -10.256 6.709   0.46 37.01 ? 1027 GLN A CD  1 
ATOM   411  O OE1 A GLN A 1 49  ? 0.171   -10.342 5.927   0.54 44.37 ? 1027 GLN A OE1 1 
ATOM   412  O OE1 B GLN A 1 49  ? 0.167   -10.274 5.980   0.46 43.80 ? 1027 GLN A OE1 1 
ATOM   413  N NE2 A GLN A 1 49  ? 2.164   -9.668  5.123   0.54 37.34 ? 1027 GLN A NE2 1 
ATOM   414  N NE2 B GLN A 1 49  ? -1.978  -10.793 6.350   0.46 35.21 ? 1027 GLN A NE2 1 
ATOM   415  N N   . PRO A 1 50  ? 1.505   -6.175  10.306  1.00 38.10 ? 1028 PRO A N   1 
ATOM   416  C CA  . PRO A 1 50  ? 1.477   -4.722  10.139  1.00 36.10 ? 1028 PRO A CA  1 
ATOM   417  C C   . PRO A 1 50  ? 1.993   -4.319  8.767   1.00 42.02 ? 1028 PRO A C   1 
ATOM   418  O O   . PRO A 1 50  ? 2.881   -4.958  8.205   1.00 34.49 ? 1028 PRO A O   1 
ATOM   419  C CB  . PRO A 1 50  ? 2.406   -4.215  11.250  1.00 39.51 ? 1028 PRO A CB  1 
ATOM   420  C CG  . PRO A 1 50  ? 3.244   -5.392  11.620  1.00 42.26 ? 1028 PRO A CG  1 
ATOM   421  C CD  . PRO A 1 50  ? 2.368   -6.587  11.430  1.00 39.29 ? 1028 PRO A CD  1 
ATOM   422  N N   . MET A 1 51  ? 1.428   -3.240  8.233   1.00 32.69 ? 1029 MET A N   1 
ATOM   423  C CA  . MET A 1 51  ? 1.882   -2.676  6.971   1.00 33.37 ? 1029 MET A CA  1 
ATOM   424  C C   . MET A 1 51  ? 1.715   -1.165  7.048   1.00 34.99 ? 1029 MET A C   1 
ATOM   425  O O   . MET A 1 51  ? 0.793   -0.664  7.700   1.00 32.95 ? 1029 MET A O   1 
ATOM   426  C CB  . MET A 1 51  ? 1.098   -3.262  5.787   1.00 30.92 ? 1029 MET A CB  1 
ATOM   427  C CG  . MET A 1 51  ? 1.640   -2.878  4.380   1.00 30.08 ? 1029 MET A CG  1 
ATOM   428  S SD  . MET A 1 51  ? 3.399   -3.222  4.135   1.00 36.43 ? 1029 MET A SD  1 
ATOM   429  C CE  . MET A 1 51  ? 3.375   -4.994  4.426   1.00 33.52 ? 1029 MET A CE  1 
ATOM   430  N N   . ASP A 1 52  ? 2.629   -0.447  6.404   1.00 30.67 ? 1030 ASP A N   1 
ATOM   431  C CA  . ASP A 1 52  ? 2.589   1.010   6.356   1.00 35.43 ? 1030 ASP A CA  1 
ATOM   432  C C   . ASP A 1 52  ? 3.289   1.459   5.084   1.00 34.72 ? 1030 ASP A C   1 
ATOM   433  O O   . ASP A 1 52  ? 3.924   0.658   4.392   1.00 32.36 ? 1030 ASP A O   1 
ATOM   434  C CB  . ASP A 1 52  ? 3.268   1.630   7.578   1.00 35.96 ? 1030 ASP A CB  1 
ATOM   435  C CG  . ASP A 1 52  ? 4.753   1.358   7.593   1.00 39.33 ? 1030 ASP A CG  1 
ATOM   436  O OD1 . ASP A 1 52  ? 5.161   0.285   8.078   1.00 44.28 ? 1030 ASP A OD1 1 
ATOM   437  O OD2 . ASP A 1 52  ? 5.512   2.195   7.092   1.00 40.72 ? 1030 ASP A OD2 1 
ATOM   438  N N   . LEU A 1 53  ? 3.204   2.762   4.798   1.00 29.78 ? 1031 LEU A N   1 
ATOM   439  C CA  . LEU A 1 53  ? 3.726   3.269   3.529   1.00 31.81 ? 1031 LEU A CA  1 
ATOM   440  C C   . LEU A 1 53  ? 5.250   3.248   3.483   1.00 31.10 ? 1031 LEU A C   1 
ATOM   441  O O   . LEU A 1 53  ? 5.823   3.104   2.397   1.00 30.99 ? 1031 LEU A O   1 
ATOM   442  C CB  . LEU A 1 53  ? 3.196   4.683   3.263   1.00 29.16 ? 1031 LEU A CB  1 
ATOM   443  C CG  . LEU A 1 53  ? 1.676   4.768   3.075   1.00 29.81 ? 1031 LEU A CG  1 
ATOM   444  C CD1 . LEU A 1 53  ? 1.216   6.239   2.960   1.00 29.02 ? 1031 LEU A CD1 1 
ATOM   445  C CD2 . LEU A 1 53  ? 1.193   3.934   1.875   1.00 24.23 ? 1031 LEU A CD2 1 
ATOM   446  N N   . SER A 1 54  ? 5.930   3.383   4.625   1.00 34.19 ? 1032 SER A N   1 
ATOM   447  C CA  . SER A 1 54  ? 7.388   3.275   4.594   1.00 35.73 ? 1032 SER A CA  1 
ATOM   448  C C   . SER A 1 54  ? 7.813   1.849   4.269   1.00 33.59 ? 1032 SER A C   1 
ATOM   449  O O   . SER A 1 54  ? 8.778   1.634   3.529   1.00 33.30 ? 1032 SER A O   1 
ATOM   450  C CB  A SER A 1 54  ? 7.989   3.729   5.925   0.54 37.34 ? 1032 SER A CB  1 
ATOM   451  C CB  B SER A 1 54  ? 7.992   3.731   5.923   0.46 37.03 ? 1032 SER A CB  1 
ATOM   452  O OG  A SER A 1 54  ? 7.725   2.781   6.943   0.54 38.30 ? 1032 SER A OG  1 
ATOM   453  O OG  B SER A 1 54  ? 7.893   5.136   6.069   0.46 36.42 ? 1032 SER A OG  1 
ATOM   454  N N   . SER A 1 55  ? 7.093   0.866   4.808   1.00 32.51 ? 1033 SER A N   1 
ATOM   455  C CA  . SER A 1 55  ? 7.379   -0.527  4.499   1.00 35.39 ? 1033 SER A CA  1 
ATOM   456  C C   . SER A 1 55  ? 7.068   -0.838  3.043   1.00 32.65 ? 1033 SER A C   1 
ATOM   457  O O   . SER A 1 55  ? 7.790   -1.612  2.404   1.00 30.70 ? 1033 SER A O   1 
ATOM   458  C CB  . SER A 1 55  ? 6.590   -1.433  5.441   1.00 35.06 ? 1033 SER A CB  1 
ATOM   459  O OG  . SER A 1 55  ? 6.927   -1.119  6.788   1.00 41.70 ? 1033 SER A OG  1 
ATOM   460  N N   . VAL A 1 56  ? 6.005   -0.229  2.499   1.00 27.98 ? 1034 VAL A N   1 
ATOM   461  C CA  . VAL A 1 56  ? 5.702   -0.387  1.076   1.00 30.33 ? 1034 VAL A CA  1 
ATOM   462  C C   . VAL A 1 56  ? 6.871   0.112   0.228   1.00 27.68 ? 1034 VAL A C   1 
ATOM   463  O O   . VAL A 1 56  ? 7.279   -0.544  -0.736  1.00 28.24 ? 1034 VAL A O   1 
ATOM   464  C CB  . VAL A 1 56  ? 4.387   0.336   0.723   1.00 28.38 ? 1034 VAL A CB  1 
ATOM   465  C CG1 . VAL A 1 56  ? 4.258   0.511   -0.786  1.00 25.87 ? 1034 VAL A CG1 1 
ATOM   466  C CG2 . VAL A 1 56  ? 3.179   -0.436  1.288   1.00 26.99 ? 1034 VAL A CG2 1 
ATOM   467  N N   . ILE A 1 57  ? 7.425   1.275   0.579   1.00 25.57 ? 1035 ILE A N   1 
ATOM   468  C CA  . ILE A 1 57  ? 8.576   1.814   -0.153  1.00 28.39 ? 1035 ILE A CA  1 
ATOM   469  C C   . ILE A 1 57  ? 9.741   0.834   -0.104  1.00 29.50 ? 1035 ILE A C   1 
ATOM   470  O O   . ILE A 1 57  ? 10.393  0.567   -1.121  1.00 28.76 ? 1035 ILE A O   1 
ATOM   471  C CB  . ILE A 1 57  ? 8.994   3.183   0.420   1.00 31.03 ? 1035 ILE A CB  1 
ATOM   472  C CG1 . ILE A 1 57  ? 7.950   4.254   0.099   1.00 32.51 ? 1035 ILE A CG1 1 
ATOM   473  C CG2 . ILE A 1 57  ? 10.343  3.598   -0.154  1.00 31.40 ? 1035 ILE A CG2 1 
ATOM   474  C CD1 . ILE A 1 57  ? 7.938   4.629   -1.368  1.00 36.71 ? 1035 ILE A CD1 1 
ATOM   475  N N   . SER A 1 58  ? 10.043  0.311   1.090   1.00 32.32 ? 1036 SER A N   1 
ATOM   476  C CA  . SER A 1 58  ? 11.130  -0.662  1.213   1.00 32.94 ? 1036 SER A CA  1 
ATOM   477  C C   . SER A 1 58  ? 10.887  -1.874  0.330   1.00 28.88 ? 1036 SER A C   1 
ATOM   478  O O   . SER A 1 58  ? 11.814  -2.378  -0.314  1.00 30.31 ? 1036 SER A O   1 
ATOM   479  C CB  . SER A 1 58  ? 11.287  -1.102  2.671   1.00 34.19 ? 1036 SER A CB  1 
ATOM   480  O OG  . SER A 1 58  ? 11.683  -0.007  3.471   1.00 42.64 ? 1036 SER A OG  1 
ATOM   481  N N   . LYS A 1 59  ? 9.645   -2.368  0.289   1.00 28.79 ? 1037 LYS A N   1 
ATOM   482  C CA  . LYS A 1 59  ? 9.360   -3.543  -0.523  1.00 27.53 ? 1037 LYS A CA  1 
ATOM   483  C C   . LYS A 1 59  ? 9.488   -3.238  -2.013  1.00 30.02 ? 1037 LYS A C   1 
ATOM   484  O O   . LYS A 1 59  ? 9.936   -4.091  -2.789  1.00 27.56 ? 1037 LYS A O   1 
ATOM   485  C CB  . LYS A 1 59  ? 7.973   -4.098  -0.182  1.00 28.07 ? 1037 LYS A CB  1 
ATOM   486  C CG  . LYS A 1 59  ? 7.936   -4.794  1.197   1.00 27.53 ? 1037 LYS A CG  1 
ATOM   487  C CD  . LYS A 1 59  ? 6.546   -5.359  1.518   1.00 30.34 ? 1037 LYS A CD  1 
ATOM   488  C CE  . LYS A 1 59  ? 6.179   -6.512  0.592   1.00 30.61 ? 1037 LYS A CE  1 
ATOM   489  N NZ  . LYS A 1 59  ? 4.936   -7.221  1.009   1.00 34.61 ? 1037 LYS A NZ  1 
ATOM   490  N N   . ILE A 1 60  ? 9.125   -2.028  -2.439  1.00 26.40 ? 1038 ILE A N   1 
ATOM   491  C CA  . ILE A 1 60  ? 9.354   -1.662  -3.839  1.00 25.49 ? 1038 ILE A CA  1 
ATOM   492  C C   . ILE A 1 60  ? 10.831  -1.797  -4.178  1.00 27.42 ? 1038 ILE A C   1 
ATOM   493  O O   . ILE A 1 60  ? 11.203  -2.395  -5.198  1.00 27.69 ? 1038 ILE A O   1 
ATOM   494  C CB  . ILE A 1 60  ? 8.874   -0.226  -4.132  1.00 27.55 ? 1038 ILE A CB  1 
ATOM   495  C CG1 . ILE A 1 60  ? 7.362   -0.073  -3.947  1.00 25.48 ? 1038 ILE A CG1 1 
ATOM   496  C CG2 . ILE A 1 60  ? 9.309   0.179   -5.559  1.00 24.61 ? 1038 ILE A CG2 1 
ATOM   497  C CD1 . ILE A 1 60  ? 6.913   1.416   -4.060  1.00 24.40 ? 1038 ILE A CD1 1 
ATOM   498  N N   . ASP A 1 61  ? 11.694  -1.239  -3.320  1.00 25.10 ? 1039 ASP A N   1 
ATOM   499  C CA  . ASP A 1 61  ? 13.128  -1.225  -3.595  1.00 30.42 ? 1039 ASP A CA  1 
ATOM   500  C C   . ASP A 1 61  ? 13.769  -2.600  -3.440  1.00 34.10 ? 1039 ASP A C   1 
ATOM   501  O O   . ASP A 1 61  ? 14.847  -2.832  -4.000  1.00 33.90 ? 1039 ASP A O   1 
ATOM   502  C CB  . ASP A 1 61  ? 13.828  -0.222  -2.679  1.00 29.06 ? 1039 ASP A CB  1 
ATOM   503  C CG  . ASP A 1 61  ? 13.438  1.217   -2.990  1.00 35.48 ? 1039 ASP A CG  1 
ATOM   504  O OD1 . ASP A 1 61  ? 12.954  1.461   -4.113  1.00 33.52 ? 1039 ASP A OD1 1 
ATOM   505  O OD2 . ASP A 1 61  ? 13.614  2.095   -2.119  1.00 31.05 ? 1039 ASP A OD2 1 
ATOM   506  N N   . LEU A 1 62  ? 13.145  -3.507  -2.693  1.00 31.92 ? 1040 LEU A N   1 
ATOM   507  C CA  . LEU A 1 62  ? 13.556  -4.910  -2.655  1.00 30.13 ? 1040 LEU A CA  1 
ATOM   508  C C   . LEU A 1 62  ? 12.952  -5.722  -3.790  1.00 33.68 ? 1040 LEU A C   1 
ATOM   509  O O   . LEU A 1 62  ? 13.076  -6.949  -3.797  1.00 33.57 ? 1040 LEU A O   1 
ATOM   510  C CB  . LEU A 1 62  ? 13.177  -5.540  -1.307  1.00 28.36 ? 1040 LEU A CB  1 
ATOM   511  C CG  . LEU A 1 62  ? 13.945  -4.956  -0.113  1.00 32.00 ? 1040 LEU A CG  1 
ATOM   512  C CD1 . LEU A 1 62  ? 13.304  -5.364  1.198   1.00 35.99 ? 1040 LEU A CD1 1 
ATOM   513  C CD2 . LEU A 1 62  ? 15.398  -5.393  -0.143  1.00 36.59 ? 1040 LEU A CD2 1 
ATOM   514  N N   . HIS A 1 63  ? 12.300  -5.071  -4.751  1.00 28.24 ? 1041 HIS A N   1 
ATOM   515  C CA  . HIS A 1 63  ? 11.712  -5.748  -5.905  1.00 27.75 ? 1041 HIS A CA  1 
ATOM   516  C C   . HIS A 1 63  ? 10.685  -6.802  -5.489  1.00 33.44 ? 1041 HIS A C   1 
ATOM   517  O O   . HIS A 1 63  ? 10.553  -7.849  -6.130  1.00 32.69 ? 1041 HIS A O   1 
ATOM   518  C CB  . HIS A 1 63  ? 12.799  -6.370  -6.807  1.00 29.40 ? 1041 HIS A CB  1 
ATOM   519  C CG  . HIS A 1 63  ? 13.796  -5.378  -7.328  1.00 28.95 ? 1041 HIS A CG  1 
ATOM   520  N ND1 . HIS A 1 63  ? 14.685  -5.681  -8.337  1.00 32.85 ? 1041 HIS A ND1 1 
ATOM   521  C CD2 . HIS A 1 63  ? 14.051  -4.092  -6.981  1.00 32.48 ? 1041 HIS A CD2 1 
ATOM   522  C CE1 . HIS A 1 63  ? 15.450  -4.632  -8.582  1.00 30.35 ? 1041 HIS A CE1 1 
ATOM   523  N NE2 . HIS A 1 63  ? 15.080  -3.650  -7.778  1.00 35.71 ? 1041 HIS A NE2 1 
ATOM   524  N N   . LYS A 1 64  ? 9.929   -6.531  -4.425  1.00 31.47 ? 1042 LYS A N   1 
ATOM   525  C CA  . LYS A 1 64  ? 8.901   -7.468  -3.984  1.00 28.63 ? 1042 LYS A CA  1 
ATOM   526  C C   . LYS A 1 64  ? 7.603   -7.365  -4.771  1.00 29.93 ? 1042 LYS A C   1 
ATOM   527  O O   . LYS A 1 64  ? 6.789   -8.288  -4.704  1.00 31.81 ? 1042 LYS A O   1 
ATOM   528  C CB  . LYS A 1 64  ? 8.588   -7.255  -2.500  1.00 27.29 ? 1042 LYS A CB  1 
ATOM   529  C CG  . LYS A 1 64  ? 9.775   -7.490  -1.595  1.00 35.63 ? 1042 LYS A CG  1 
ATOM   530  C CD  . LYS A 1 64  ? 10.083  -8.952  -1.463  1.00 41.87 ? 1042 LYS A CD  1 
ATOM   531  C CE  . LYS A 1 64  ? 11.188  -9.168  -0.424  1.00 46.69 ? 1042 LYS A CE  1 
ATOM   532  N NZ  . LYS A 1 64  ? 11.225  -10.586 0.030   1.00 60.04 ? 1042 LYS A NZ  1 
ATOM   533  N N   . TYR A 1 65  ? 7.367   -6.268  -5.489  1.00 28.18 ? 1043 TYR A N   1 
ATOM   534  C CA  . TYR A 1 65  ? 6.138   -6.090  -6.261  1.00 25.84 ? 1043 TYR A CA  1 
ATOM   535  C C   . TYR A 1 65  ? 6.453   -6.282  -7.739  1.00 29.27 ? 1043 TYR A C   1 
ATOM   536  O O   . TYR A 1 65  ? 7.163   -5.466  -8.337  1.00 31.65 ? 1043 TYR A O   1 
ATOM   537  C CB  . TYR A 1 65  ? 5.527   -4.706  -6.031  1.00 26.24 ? 1043 TYR A CB  1 
ATOM   538  C CG  . TYR A 1 65  ? 5.231   -4.383  -4.581  1.00 27.61 ? 1043 TYR A CG  1 
ATOM   539  C CD1 . TYR A 1 65  ? 4.392   -5.192  -3.818  1.00 27.24 ? 1043 TYR A CD1 1 
ATOM   540  C CD2 . TYR A 1 65  ? 5.793   -3.265  -3.979  1.00 26.07 ? 1043 TYR A CD2 1 
ATOM   541  C CE1 . TYR A 1 65  ? 4.115   -4.879  -2.473  1.00 27.67 ? 1043 TYR A CE1 1 
ATOM   542  C CE2 . TYR A 1 65  ? 5.522   -2.943  -2.651  1.00 26.27 ? 1043 TYR A CE2 1 
ATOM   543  C CZ  . TYR A 1 65  ? 4.687   -3.748  -1.909  1.00 26.99 ? 1043 TYR A CZ  1 
ATOM   544  O OH  . TYR A 1 65  ? 4.433   -3.420  -0.595  1.00 26.42 ? 1043 TYR A OH  1 
ATOM   545  N N   . LEU A 1 66  ? 5.898   -7.330  -8.337  1.00 29.02 ? 1044 LEU A N   1 
ATOM   546  C CA  . LEU A 1 66  ? 6.037   -7.551  -9.769  1.00 30.41 ? 1044 LEU A CA  1 
ATOM   547  C C   . LEU A 1 66  ? 4.802   -7.133  -10.541 1.00 30.83 ? 1044 LEU A C   1 
ATOM   548  O O   . LEU A 1 66  ? 4.847   -7.090  -11.771 1.00 27.31 ? 1044 LEU A O   1 
ATOM   549  C CB  . LEU A 1 66  ? 6.323   -9.028  -10.070 1.00 30.64 ? 1044 LEU A CB  1 
ATOM   550  C CG  . LEU A 1 66  ? 7.584   -9.634  -9.479  1.00 38.13 ? 1044 LEU A CG  1 
ATOM   551  C CD1 . LEU A 1 66  ? 7.856   -10.957 -10.181 1.00 40.34 ? 1044 LEU A CD1 1 
ATOM   552  C CD2 . LEU A 1 66  ? 8.752   -8.702  -9.622  1.00 36.62 ? 1044 LEU A CD2 1 
ATOM   553  N N   . THR A 1 67  ? 3.699   -6.845  -9.857  1.00 27.74 ? 1045 THR A N   1 
ATOM   554  C CA  . THR A 1 67  ? 2.472   -6.406  -10.505 1.00 26.54 ? 1045 THR A CA  1 
ATOM   555  C C   . THR A 1 67  ? 1.819   -5.361  -9.611  1.00 28.73 ? 1045 THR A C   1 
ATOM   556  O O   . THR A 1 67  ? 2.114   -5.271  -8.417  1.00 28.84 ? 1045 THR A O   1 
ATOM   557  C CB  . THR A 1 67  ? 1.475   -7.551  -10.740 1.00 32.56 ? 1045 THR A CB  1 
ATOM   558  O OG1 . THR A 1 67  ? 0.879   -7.920  -9.494  1.00 32.12 ? 1045 THR A OG1 1 
ATOM   559  C CG2 . THR A 1 67  ? 2.148   -8.790  -11.360 1.00 29.12 ? 1045 THR A CG2 1 
ATOM   560  N N   . VAL A 1 68  ? 0.901   -4.586  -10.188 1.00 27.49 ? 1046 VAL A N   1 
ATOM   561  C CA  . VAL A 1 68  ? 0.176   -3.635  -9.353  1.00 28.48 ? 1046 VAL A CA  1 
ATOM   562  C C   . VAL A 1 68  ? -0.756  -4.367  -8.400  1.00 31.40 ? 1046 VAL A C   1 
ATOM   563  O O   . VAL A 1 68  ? -1.095  -3.834  -7.338  1.00 30.77 ? 1046 VAL A O   1 
ATOM   564  C CB  . VAL A 1 68  ? -0.601  -2.611  -10.207 1.00 28.18 ? 1046 VAL A CB  1 
ATOM   565  C CG1 . VAL A 1 68  ? -1.938  -3.174  -10.637 1.00 35.52 ? 1046 VAL A CG1 1 
ATOM   566  C CG2 . VAL A 1 68  ? -0.796  -1.298  -9.424  1.00 29.96 ? 1046 VAL A CG2 1 
ATOM   567  N N   . LYS A 1 69  ? -1.151  -5.600  -8.729  1.00 31.47 ? 1047 LYS A N   1 
ATOM   568  C CA  . LYS A 1 69  ? -2.005  -6.357  -7.818  1.00 35.05 ? 1047 LYS A CA  1 
ATOM   569  C C   . LYS A 1 69  ? -1.261  -6.718  -6.543  1.00 32.55 ? 1047 LYS A C   1 
ATOM   570  O O   . LYS A 1 69  ? -1.844  -6.674  -5.451  1.00 32.57 ? 1047 LYS A O   1 
ATOM   571  C CB  . LYS A 1 69  ? -2.539  -7.610  -8.512  1.00 37.46 ? 1047 LYS A CB  1 
ATOM   572  C CG  . LYS A 1 69  ? -3.778  -7.354  -9.332  1.00 41.43 ? 1047 LYS A CG  1 
ATOM   573  C CD  . LYS A 1 69  ? -4.170  -8.587  -10.134 1.00 50.44 ? 1047 LYS A CD  1 
ATOM   574  C CE  . LYS A 1 69  ? -5.260  -8.254  -11.148 1.00 59.68 ? 1047 LYS A CE  1 
ATOM   575  N NZ  . LYS A 1 69  ? -5.737  -9.471  -11.897 1.00 65.53 ? 1047 LYS A NZ  1 
ATOM   576  N N   . ASP A 1 70  ? 0.027   -7.075  -6.654  1.00 30.88 ? 1048 ASP A N   1 
ATOM   577  C CA  . ASP A 1 70  ? 0.837   -7.304  -5.461  1.00 30.40 ? 1048 ASP A CA  1 
ATOM   578  C C   . ASP A 1 70  ? 0.894   -6.050  -4.592  1.00 33.37 ? 1048 ASP A C   1 
ATOM   579  O O   . ASP A 1 70  ? 0.805   -6.128  -3.362  1.00 27.68 ? 1048 ASP A O   1 
ATOM   580  C CB  . ASP A 1 70  ? 2.266   -7.706  -5.838  1.00 32.24 ? 1048 ASP A CB  1 
ATOM   581  C CG  . ASP A 1 70  ? 2.354   -9.048  -6.562  1.00 44.68 ? 1048 ASP A CG  1 
ATOM   582  O OD1 . ASP A 1 70  ? 1.357   -9.811  -6.572  1.00 40.85 ? 1048 ASP A OD1 1 
ATOM   583  O OD2 . ASP A 1 70  ? 3.458   -9.318  -7.111  1.00 41.73 ? 1048 ASP A OD2 1 
ATOM   584  N N   . TYR A 1 71  ? 1.095   -4.890  -5.221  1.00 28.70 ? 1049 TYR A N   1 
ATOM   585  C CA  . TYR A 1 71  ? 1.131   -3.624  -4.493  1.00 27.57 ? 1049 TYR A CA  1 
ATOM   586  C C   . TYR A 1 71  ? -0.200  -3.345  -3.807  1.00 29.13 ? 1049 TYR A C   1 
ATOM   587  O O   . TYR A 1 71  ? -0.241  -2.988  -2.620  1.00 29.95 ? 1049 TYR A O   1 
ATOM   588  C CB  . TYR A 1 71  ? 1.478   -2.510  -5.476  1.00 26.76 ? 1049 TYR A CB  1 
ATOM   589  C CG  . TYR A 1 71  ? 1.430   -1.103  -4.945  1.00 25.91 ? 1049 TYR A CG  1 
ATOM   590  C CD1 . TYR A 1 71  ? 2.517   -0.556  -4.281  1.00 24.95 ? 1049 TYR A CD1 1 
ATOM   591  C CD2 . TYR A 1 71  ? 0.305   -0.305  -5.154  1.00 27.97 ? 1049 TYR A CD2 1 
ATOM   592  C CE1 . TYR A 1 71  ? 2.486   0.765   -3.823  1.00 25.33 ? 1049 TYR A CE1 1 
ATOM   593  C CE2 . TYR A 1 71  ? 0.261   1.003   -4.683  1.00 23.34 ? 1049 TYR A CE2 1 
ATOM   594  C CZ  . TYR A 1 71  ? 1.344   1.528   -4.032  1.00 23.77 ? 1049 TYR A CZ  1 
ATOM   595  O OH  . TYR A 1 71  ? 1.300   2.831   -3.589  1.00 24.33 ? 1049 TYR A OH  1 
ATOM   596  N N   . LEU A 1 72  ? -1.305  -3.520  -4.539  1.00 26.56 ? 1050 LEU A N   1 
ATOM   597  C CA  . LEU A 1 72  ? -2.617  -3.209  -3.980  1.00 31.72 ? 1050 LEU A CA  1 
ATOM   598  C C   . LEU A 1 72  ? -2.980  -4.133  -2.823  1.00 33.21 ? 1050 LEU A C   1 
ATOM   599  O O   . LEU A 1 72  ? -3.760  -3.738  -1.949  1.00 31.38 ? 1050 LEU A O   1 
ATOM   600  C CB  . LEU A 1 72  ? -3.681  -3.272  -5.071  1.00 29.36 ? 1050 LEU A CB  1 
ATOM   601  C CG  . LEU A 1 72  ? -3.636  -2.037  -5.977  1.00 32.07 ? 1050 LEU A CG  1 
ATOM   602  C CD1 . LEU A 1 72  ? -4.588  -2.161  -7.150  1.00 32.53 ? 1050 LEU A CD1 1 
ATOM   603  C CD2 . LEU A 1 72  ? -3.909  -0.756  -5.185  1.00 31.06 ? 1050 LEU A CD2 1 
ATOM   604  N N   . ARG A 1 73  ? -2.438  -5.357  -2.788  1.00 29.41 ? 1051 ARG A N   1 
ATOM   605  C CA  . ARG A 1 73  ? -2.675  -6.206  -1.621  1.00 32.00 ? 1051 ARG A CA  1 
ATOM   606  C C   . ARG A 1 73  ? -2.087  -5.589  -0.357  1.00 30.63 ? 1051 ARG A C   1 
ATOM   607  O O   . ARG A 1 73  ? -2.669  -5.722  0.726   1.00 29.62 ? 1051 ARG A O   1 
ATOM   608  C CB  . ARG A 1 73  ? -2.093  -7.607  -1.842  1.00 37.10 ? 1051 ARG A CB  1 
ATOM   609  C CG  . ARG A 1 73  ? -2.961  -8.510  -2.694  1.00 41.49 ? 1051 ARG A CG  1 
ATOM   610  C CD  . ARG A 1 73  ? -2.593  -9.994  -2.484  1.00 49.16 ? 1051 ARG A CD  1 
ATOM   611  N NE  . ARG A 1 73  ? -1.147  -10.189 -2.437  1.00 49.33 ? 1051 ARG A NE  1 
ATOM   612  C CZ  . ARG A 1 73  ? -0.388  -10.381 -3.512  1.00 52.64 ? 1051 ARG A CZ  1 
ATOM   613  N NH1 . ARG A 1 73  ? 0.925   -10.537 -3.377  1.00 51.07 ? 1051 ARG A NH1 1 
ATOM   614  N NH2 . ARG A 1 73  ? -0.943  -10.411 -4.722  1.00 51.32 ? 1051 ARG A NH2 1 
ATOM   615  N N   . ASP A 1 74  ? -0.946  -4.902  -0.472  1.00 29.56 ? 1052 ASP A N   1 
ATOM   616  C CA  . ASP A 1 74  ? -0.382  -4.259  0.705   1.00 27.24 ? 1052 ASP A CA  1 
ATOM   617  C C   . ASP A 1 74  ? -1.116  -2.956  1.044   1.00 28.72 ? 1052 ASP A C   1 
ATOM   618  O O   . ASP A 1 74  ? -1.285  -2.633  2.225   1.00 28.92 ? 1052 ASP A O   1 
ATOM   619  C CB  . ASP A 1 74  ? 1.120   -4.020  0.512   1.00 28.98 ? 1052 ASP A CB  1 
ATOM   620  C CG  . ASP A 1 74  ? 1.960   -5.216  0.949   1.00 36.31 ? 1052 ASP A CG  1 
ATOM   621  O OD1 . ASP A 1 74  ? 1.394   -6.103  1.615   1.00 34.08 ? 1052 ASP A OD1 1 
ATOM   622  O OD2 . ASP A 1 74  ? 3.171   -5.266  0.635   1.00 29.83 ? 1052 ASP A OD2 1 
ATOM   623  N N   . ILE A 1 75  ? -1.565  -2.197  0.038   1.00 28.07 ? 1053 ILE A N   1 
ATOM   624  C CA  . ILE A 1 75  ? -2.437  -1.056  0.328   1.00 26.91 ? 1053 ILE A CA  1 
ATOM   625  C C   . ILE A 1 75  ? -3.694  -1.535  1.045   1.00 29.56 ? 1053 ILE A C   1 
ATOM   626  O O   . ILE A 1 75  ? -4.102  -0.976  2.070   1.00 28.95 ? 1053 ILE A O   1 
ATOM   627  C CB  . ILE A 1 75  ? -2.788  -0.288  -0.961  1.00 28.44 ? 1053 ILE A CB  1 
ATOM   628  C CG1 . ILE A 1 75  ? -1.530  0.305   -1.624  1.00 28.45 ? 1053 ILE A CG1 1 
ATOM   629  C CG2 . ILE A 1 75  ? -3.836  0.807   -0.674  1.00 29.16 ? 1053 ILE A CG2 1 
ATOM   630  C CD1 . ILE A 1 75  ? -0.680  1.182   -0.705  1.00 26.86 ? 1053 ILE A CD1 1 
ATOM   631  N N   . ASP A 1 76  ? -4.313  -2.599  0.526   1.00 26.47 ? 1054 ASP A N   1 
ATOM   632  C CA  . ASP A 1 76  ? -5.518  -3.135  1.147   1.00 28.12 ? 1054 ASP A CA  1 
ATOM   633  C C   . ASP A 1 76  ? -5.249  -3.607  2.566   1.00 31.22 ? 1054 ASP A C   1 
ATOM   634  O O   . ASP A 1 76  ? -6.132  -3.507  3.436   1.00 31.16 ? 1054 ASP A O   1 
ATOM   635  C CB  . ASP A 1 76  ? -6.077  -4.287  0.307   1.00 30.46 ? 1054 ASP A CB  1 
ATOM   636  C CG  . ASP A 1 76  ? -6.820  -3.804  -0.919  1.00 34.16 ? 1054 ASP A CG  1 
ATOM   637  O OD1 . ASP A 1 76  ? -7.429  -2.719  -0.872  1.00 40.80 ? 1054 ASP A OD1 1 
ATOM   638  O OD2 . ASP A 1 76  ? -6.825  -4.523  -1.928  1.00 41.03 ? 1054 ASP A OD2 1 
ATOM   639  N N   . LEU A 1 77  ? -4.036  -4.105  2.821   1.00 28.45 ? 1055 LEU A N   1 
ATOM   640  C CA  . LEU A 1 77  ? -3.676  -4.563  4.156   1.00 27.94 ? 1055 LEU A CA  1 
ATOM   641  C C   . LEU A 1 77  ? -3.549  -3.390  5.127   1.00 34.56 ? 1055 LEU A C   1 
ATOM   642  O O   . LEU A 1 77  ? -3.977  -3.484  6.285   1.00 31.63 ? 1055 LEU A O   1 
ATOM   643  C CB  . LEU A 1 77  ? -2.375  -5.356  4.085   1.00 31.41 ? 1055 LEU A CB  1 
ATOM   644  C CG  . LEU A 1 77  ? -1.788  -5.876  5.394   1.00 34.96 ? 1055 LEU A CG  1 
ATOM   645  C CD1 . LEU A 1 77  ? -2.767  -6.834  6.071   1.00 35.76 ? 1055 LEU A CD1 1 
ATOM   646  C CD2 . LEU A 1 77  ? -0.438  -6.549  5.131   1.00 35.22 ? 1055 LEU A CD2 1 
ATOM   647  N N   . ILE A 1 78  ? -2.951  -2.280  4.677   1.00 29.39 ? 1056 ILE A N   1 
ATOM   648  C CA  . ILE A 1 78  ? -2.950  -1.060  5.485   1.00 30.01 ? 1056 ILE A CA  1 
ATOM   649  C C   . ILE A 1 78  ? -4.372  -0.711  5.893   1.00 26.73 ? 1056 ILE A C   1 
ATOM   650  O O   . ILE A 1 78  ? -4.658  -0.437  7.066   1.00 31.84 ? 1056 ILE A O   1 
ATOM   651  C CB  . ILE A 1 78  ? -2.289  0.098   4.716   1.00 28.05 ? 1056 ILE A CB  1 
ATOM   652  C CG1 . ILE A 1 78  ? -0.800  -0.189  4.480   1.00 27.31 ? 1056 ILE A CG1 1 
ATOM   653  C CG2 . ILE A 1 78  ? -2.460  1.408   5.474   1.00 26.69 ? 1056 ILE A CG2 1 
ATOM   654  C CD1 . ILE A 1 78  ? -0.070  0.896   3.702   1.00 27.66 ? 1056 ILE A CD1 1 
ATOM   655  N N   . CYS A 1 79  ? -5.288  -0.735  4.927   1.00 25.54 ? 1057 CYS A N   1 
ATOM   656  C CA  . CYS A 1 79  ? -6.663  -0.339  5.195   1.00 31.86 ? 1057 CYS A CA  1 
ATOM   657  C C   . CYS A 1 79  ? -7.363  -1.338  6.113   1.00 36.39 ? 1057 CYS A C   1 
ATOM   658  O O   . CYS A 1 79  ? -7.972  -0.951  7.119   1.00 33.90 ? 1057 CYS A O   1 
ATOM   659  C CB  . CYS A 1 79  ? -7.429  -0.195  3.885   1.00 27.98 ? 1057 CYS A CB  1 
ATOM   660  S SG  . CYS A 1 79  ? -9.130  0.353   4.113   1.00 38.08 ? 1057 CYS A SG  1 
ATOM   661  N N   . SER A 1 80  ? -7.292  -2.632  5.785   1.00 30.53 ? 1058 SER A N   1 
ATOM   662  C CA  . SER A 1 80  ? -8.027  -3.606  6.583   1.00 32.58 ? 1058 SER A CA  1 
ATOM   663  C C   . SER A 1 80  ? -7.471  -3.693  8.002   1.00 32.33 ? 1058 SER A C   1 
ATOM   664  O O   . SER A 1 80  ? -8.242  -3.866  8.951   1.00 35.49 ? 1058 SER A O   1 
ATOM   665  C CB  . SER A 1 80  ? -8.016  -4.975  5.890   1.00 36.42 ? 1058 SER A CB  1 
ATOM   666  O OG  . SER A 1 80  ? -6.701  -5.501  5.825   1.00 42.22 ? 1058 SER A OG  1 
ATOM   667  N N   . ASN A 1 81  ? -6.153  -3.542  8.175   1.00 31.08 ? 1059 ASN A N   1 
ATOM   668  C CA  . ASN A 1 81  ? -5.589  -3.478  9.520   1.00 31.61 ? 1059 ASN A CA  1 
ATOM   669  C C   . ASN A 1 81  ? -6.171  -2.310  10.299  1.00 35.29 ? 1059 ASN A C   1 
ATOM   670  O O   . ASN A 1 81  ? -6.449  -2.426  11.501  1.00 30.72 ? 1059 ASN A O   1 
ATOM   671  C CB  . ASN A 1 81  ? -4.068  -3.327  9.473   1.00 32.69 ? 1059 ASN A CB  1 
ATOM   672  C CG  . ASN A 1 81  ? -3.360  -4.630  9.143   1.00 34.37 ? 1059 ASN A CG  1 
ATOM   673  O OD1 . ASN A 1 81  ? -3.993  -5.677  9.063   1.00 35.36 ? 1059 ASN A OD1 1 
ATOM   674  N ND2 . ASN A 1 81  ? -2.047  -4.564  8.961   1.00 31.57 ? 1059 ASN A ND2 1 
ATOM   675  N N   . ALA A 1 82  ? -6.307  -1.161  9.640   1.00 31.79 ? 1060 ALA A N   1 
ATOM   676  C CA  . ALA A 1 82  ? -6.800  0.021   10.331  1.00 33.37 ? 1060 ALA A CA  1 
ATOM   677  C C   . ALA A 1 82  ? -8.248  -0.171  10.765  1.00 33.24 ? 1060 ALA A C   1 
ATOM   678  O O   . ALA A 1 82  ? -8.630  0.226   11.872  1.00 35.71 ? 1060 ALA A O   1 
ATOM   679  C CB  . ALA A 1 82  ? -6.648  1.243   9.419   1.00 32.21 ? 1060 ALA A CB  1 
ATOM   680  N N   . LEU A 1 83  ? -9.070  -0.772  9.903   1.00 33.22 ? 1061 LEU A N   1 
ATOM   681  C CA  . LEU A 1 83  ? -10.461 -1.016  10.266  1.00 35.05 ? 1061 LEU A CA  1 
ATOM   682  C C   . LEU A 1 83  ? -10.567 -2.027  11.392  1.00 37.93 ? 1061 LEU A C   1 
ATOM   683  O O   . LEU A 1 83  ? -11.472 -1.933  12.232  1.00 37.32 ? 1061 LEU A O   1 
ATOM   684  C CB  . LEU A 1 83  ? -11.250 -1.516  9.062   1.00 32.93 ? 1061 LEU A CB  1 
ATOM   685  C CG  . LEU A 1 83  ? -11.223 -0.663  7.804   1.00 36.47 ? 1061 LEU A CG  1 
ATOM   686  C CD1 . LEU A 1 83  ? -12.184 -1.249  6.781   1.00 41.29 ? 1061 LEU A CD1 1 
ATOM   687  C CD2 . LEU A 1 83  ? -11.592 0.752   8.126   1.00 36.33 ? 1061 LEU A CD2 1 
ATOM   688  N N   . GLU A 1 84  ? -9.666  -3.002  11.403  1.00 35.31 ? 1062 GLU A N   1 
ATOM   689  C CA  . GLU A 1 84  ? -9.656  -4.029  12.436  1.00 38.33 ? 1062 GLU A CA  1 
ATOM   690  C C   . GLU A 1 84  ? -9.286  -3.442  13.787  1.00 38.21 ? 1062 GLU A C   1 
ATOM   691  O O   . GLU A 1 84  ? -9.927  -3.737  14.803  1.00 38.08 ? 1062 GLU A O   1 
ATOM   692  C CB  . GLU A 1 84  ? -8.663  -5.116  12.035  1.00 40.54 ? 1062 GLU A CB  1 
ATOM   693  C CG  . GLU A 1 84  ? -8.788  -6.450  12.708  1.00 51.49 ? 1062 GLU A CG  1 
ATOM   694  C CD  . GLU A 1 84  ? -7.736  -7.405  12.168  1.00 59.35 ? 1062 GLU A CD  1 
ATOM   695  O OE1 . GLU A 1 84  ? -6.948  -7.953  12.971  1.00 63.11 ? 1062 GLU A OE1 1 
ATOM   696  O OE2 . GLU A 1 84  ? -7.680  -7.564  10.924  1.00 53.52 ? 1062 GLU A OE2 1 
ATOM   697  N N   . TYR A 1 85  ? -8.240  -2.617  13.816  1.00 35.07 ? 1063 TYR A N   1 
ATOM   698  C CA  . TYR A 1 85  ? -7.776  -2.027  15.062  1.00 38.47 ? 1063 TYR A CA  1 
ATOM   699  C C   . TYR A 1 85  ? -8.675  -0.900  15.561  1.00 40.72 ? 1063 TYR A C   1 
ATOM   700  O O   . TYR A 1 85  ? -8.619  -0.568  16.748  1.00 40.92 ? 1063 TYR A O   1 
ATOM   701  C CB  . TYR A 1 85  ? -6.350  -1.508  14.891  1.00 34.45 ? 1063 TYR A CB  1 
ATOM   702  C CG  . TYR A 1 85  ? -5.721  -1.049  16.185  1.00 45.26 ? 1063 TYR A CG  1 
ATOM   703  C CD1 . TYR A 1 85  ? -5.314  -1.972  17.144  1.00 50.18 ? 1063 TYR A CD1 1 
ATOM   704  C CD2 . TYR A 1 85  ? -5.537  0.300   16.455  1.00 44.26 ? 1063 TYR A CD2 1 
ATOM   705  C CE1 . TYR A 1 85  ? -4.739  -1.563  18.336  1.00 58.66 ? 1063 TYR A CE1 1 
ATOM   706  C CE2 . TYR A 1 85  ? -4.963  0.717   17.647  1.00 51.72 ? 1063 TYR A CE2 1 
ATOM   707  C CZ  . TYR A 1 85  ? -4.565  -0.220  18.583  1.00 58.86 ? 1063 TYR A CZ  1 
ATOM   708  O OH  . TYR A 1 85  ? -3.989  0.182   19.766  1.00 65.14 ? 1063 TYR A OH  1 
ATOM   709  N N   . ASN A 1 86  ? -9.507  -0.319  14.699  1.00 34.36 ? 1064 ASN A N   1 
ATOM   710  C CA  . ASN A 1 86  ? -10.375 0.810   15.049  1.00 32.35 ? 1064 ASN A CA  1 
ATOM   711  C C   . ASN A 1 86  ? -11.838 0.479   14.783  1.00 30.51 ? 1064 ASN A C   1 
ATOM   712  O O   . ASN A 1 86  ? -12.498 1.137   13.967  1.00 33.96 ? 1064 ASN A O   1 
ATOM   713  C CB  . ASN A 1 86  ? -9.965  2.059   14.274  1.00 33.72 ? 1064 ASN A CB  1 
ATOM   714  C CG  . ASN A 1 86  ? -8.568  2.519   14.615  1.00 38.43 ? 1064 ASN A CG  1 
ATOM   715  O OD1 . ASN A 1 86  ? -8.372  3.275   15.563  1.00 39.69 ? 1064 ASN A OD1 1 
ATOM   716  N ND2 . ASN A 1 86  ? -7.587  2.077   13.838  1.00 34.09 ? 1064 ASN A ND2 1 
ATOM   717  N N   . PRO A 1 87  ? -12.395 -0.527  15.471  1.00 34.12 ? 1065 PRO A N   1 
ATOM   718  C CA  . PRO A 1 87  ? -13.765 -0.951  15.179  1.00 32.09 ? 1065 PRO A CA  1 
ATOM   719  C C   . PRO A 1 87  ? -14.856 -0.207  15.938  1.00 37.46 ? 1065 PRO A C   1 
ATOM   720  O O   . PRO A 1 87  ? -16.035 -0.418  15.630  1.00 36.96 ? 1065 PRO A O   1 
ATOM   721  C CB  . PRO A 1 87  ? -13.736 -2.430  15.590  1.00 31.82 ? 1065 PRO A CB  1 
ATOM   722  C CG  . PRO A 1 87  ? -12.787 -2.441  16.764  1.00 36.75 ? 1065 PRO A CG  1 
ATOM   723  C CD  . PRO A 1 87  ? -11.808 -1.312  16.574  1.00 34.61 ? 1065 PRO A CD  1 
ATOM   724  N N   . ASP A 1 88  ? -14.511 0.657   16.889  1.00 35.88 ? 1066 ASP A N   1 
ATOM   725  C CA  . ASP A 1 88  ? -15.488 1.232   17.806  1.00 36.27 ? 1066 ASP A CA  1 
ATOM   726  C C   . ASP A 1 88  ? -16.182 2.439   17.187  1.00 42.39 ? 1066 ASP A C   1 
ATOM   727  O O   . ASP A 1 88  ? -15.725 3.007   16.188  1.00 36.33 ? 1066 ASP A O   1 
ATOM   728  C CB  . ASP A 1 88  ? -14.815 1.637   19.113  1.00 36.62 ? 1066 ASP A CB  1 
ATOM   729  C CG  . ASP A 1 88  ? -14.323 0.442   19.899  1.00 51.57 ? 1066 ASP A CG  1 
ATOM   730  O OD1 . ASP A 1 88  ? -14.853 -0.670  19.660  1.00 49.45 ? 1066 ASP A OD1 1 
ATOM   731  O OD2 . ASP A 1 88  ? -13.427 0.616   20.753  1.00 53.13 ? 1066 ASP A OD2 1 
ATOM   732  N N   . ARG A 1 89  ? -17.302 2.847   17.807  1.00 36.50 ? 1067 ARG A N   1 
ATOM   733  C CA  . ARG A 1 89  ? -18.023 4.023   17.323  1.00 32.30 ? 1067 ARG A CA  1 
ATOM   734  C C   . ARG A 1 89  ? -17.354 5.327   17.729  1.00 32.08 ? 1067 ARG A C   1 
ATOM   735  O O   . ARG A 1 89  ? -17.780 6.392   17.257  1.00 32.97 ? 1067 ARG A O   1 
ATOM   736  C CB  . ARG A 1 89  ? -19.482 4.032   17.808  1.00 31.56 ? 1067 ARG A CB  1 
ATOM   737  C CG  . ARG A 1 89  ? -19.696 4.136   19.330  1.00 32.72 ? 1067 ARG A CG  1 
ATOM   738  C CD  . ARG A 1 89  ? -19.846 5.603   19.802  1.00 33.13 ? 1067 ARG A CD  1 
ATOM   739  N NE  . ARG A 1 89  ? -20.747 6.384   18.949  1.00 31.94 ? 1067 ARG A NE  1 
ATOM   740  C CZ  . ARG A 1 89  ? -20.662 7.705   18.777  1.00 33.05 ? 1067 ARG A CZ  1 
ATOM   741  N NH1 . ARG A 1 89  ? -19.724 8.409   19.410  1.00 32.32 ? 1067 ARG A NH1 1 
ATOM   742  N NH2 . ARG A 1 89  ? -21.506 8.330   17.964  1.00 32.88 ? 1067 ARG A NH2 1 
ATOM   743  N N   . ASP A 1 90  ? -16.333 5.262   18.582  1.00 29.79 ? 1068 ASP A N   1 
ATOM   744  C CA  . ASP A 1 90  ? -15.668 6.452   19.092  1.00 34.93 ? 1068 ASP A CA  1 
ATOM   745  C C   . ASP A 1 90  ? -15.101 7.293   17.949  1.00 37.83 ? 1068 ASP A C   1 
ATOM   746  O O   . ASP A 1 90  ? -14.688 6.759   16.912  1.00 33.10 ? 1068 ASP A O   1 
ATOM   747  C CB  . ASP A 1 90  ? -14.541 6.061   20.044  1.00 34.42 ? 1068 ASP A CB  1 
ATOM   748  C CG  . ASP A 1 90  ? -15.046 5.303   21.266  1.00 50.79 ? 1068 ASP A CG  1 
ATOM   749  O OD1 . ASP A 1 90  ? -15.820 4.336   21.093  1.00 48.86 ? 1068 ASP A OD1 1 
ATOM   750  O OD2 . ASP A 1 90  ? -14.669 5.676   22.398  1.00 54.93 ? 1068 ASP A OD2 1 
ATOM   751  N N   . PRO A 1 91  ? -15.064 8.617   18.111  1.00 33.53 ? 1069 PRO A N   1 
ATOM   752  C CA  . PRO A 1 91  ? -14.608 9.468   17.002  1.00 32.52 ? 1069 PRO A CA  1 
ATOM   753  C C   . PRO A 1 91  ? -13.156 9.249   16.615  1.00 29.21 ? 1069 PRO A C   1 
ATOM   754  O O   . PRO A 1 91  ? -12.813 9.439   15.442  1.00 31.20 ? 1069 PRO A O   1 
ATOM   755  C CB  . PRO A 1 91  ? -14.851 10.896  17.521  1.00 33.87 ? 1069 PRO A CB  1 
ATOM   756  C CG  . PRO A 1 91  ? -15.084 10.754  18.987  1.00 34.37 ? 1069 PRO A CG  1 
ATOM   757  C CD  . PRO A 1 91  ? -15.636 9.398   19.224  1.00 34.46 ? 1069 PRO A CD  1 
ATOM   758  N N   . GLY A 1 92  ? -12.286 8.890   17.556  1.00 30.33 ? 1070 GLY A N   1 
ATOM   759  C CA  . GLY A 1 92  ? -10.920 8.559   17.183  1.00 32.78 ? 1070 GLY A CA  1 
ATOM   760  C C   . GLY A 1 92  ? -10.872 7.369   16.243  1.00 33.88 ? 1070 GLY A C   1 
ATOM   761  O O   . GLY A 1 92  ? -10.144 7.384   15.248  1.00 34.15 ? 1070 GLY A O   1 
ATOM   762  N N   . ASP A 1 93  ? -11.668 6.333   16.539  1.00 32.89 ? 1071 ASP A N   1 
ATOM   763  C CA  . ASP A 1 93  ? -11.781 5.184   15.642  1.00 34.53 ? 1071 ASP A CA  1 
ATOM   764  C C   . ASP A 1 93  ? -12.390 5.592   14.313  1.00 33.91 ? 1071 ASP A C   1 
ATOM   765  O O   . ASP A 1 93  ? -11.899 5.205   13.245  1.00 33.51 ? 1071 ASP A O   1 
ATOM   766  C CB  . ASP A 1 93  ? -12.641 4.084   16.269  1.00 34.18 ? 1071 ASP A CB  1 
ATOM   767  C CG  . ASP A 1 93  ? -12.018 3.475   17.491  1.00 36.73 ? 1071 ASP A CG  1 
ATOM   768  O OD1 . ASP A 1 93  ? -11.615 4.235   18.392  1.00 41.63 ? 1071 ASP A OD1 1 
ATOM   769  O OD2 . ASP A 1 93  ? -11.938 2.227   17.549  1.00 39.01 ? 1071 ASP A OD2 1 
ATOM   770  N N   . ARG A 1 94  ? -13.476 6.364   14.356  1.00 27.20 ? 1072 ARG A N   1 
ATOM   771  C CA  . ARG A 1 94  ? -14.163 6.699   13.113  1.00 31.04 ? 1072 ARG A CA  1 
ATOM   772  C C   . ARG A 1 94  ? -13.285 7.554   12.209  1.00 32.49 ? 1072 ARG A C   1 
ATOM   773  O O   . ARG A 1 94  ? -13.366 7.433   10.982  1.00 32.56 ? 1072 ARG A O   1 
ATOM   774  C CB  . ARG A 1 94  ? -15.495 7.397   13.407  1.00 35.08 ? 1072 ARG A CB  1 
ATOM   775  N N   . LEU A 1 95  ? -12.413 8.389   12.791  1.00 31.58 ? 1073 LEU A N   1 
ATOM   776  C CA  . LEU A 1 95  ? -11.523 9.216   11.982  1.00 30.05 ? 1073 LEU A CA  1 
ATOM   777  C C   . LEU A 1 95  ? -10.483 8.364   11.254  1.00 32.94 ? 1073 LEU A C   1 
ATOM   778  O O   . LEU A 1 95  ? -10.238 8.557   10.053  1.00 29.40 ? 1073 LEU A O   1 
ATOM   779  C CB  . LEU A 1 95  ? -10.830 10.257  12.861  1.00 26.19 ? 1073 LEU A CB  1 
ATOM   780  C CG  . LEU A 1 95  ? -9.789  11.167  12.204  1.00 27.37 ? 1073 LEU A CG  1 
ATOM   781  C CD1 . LEU A 1 95  ? -10.409 11.959  11.076  1.00 29.19 ? 1073 LEU A CD1 1 
ATOM   782  C CD2 . LEU A 1 95  ? -9.155  12.093  13.243  1.00 31.65 ? 1073 LEU A CD2 1 
ATOM   783  N N   . ILE A 1 96  ? -9.839  7.443   11.974  1.00 28.84 ? 1074 ILE A N   1 
ATOM   784  C CA  . ILE A 1 96  ? -8.841  6.574   11.348  1.00 29.57 ? 1074 ILE A CA  1 
ATOM   785  C C   . ILE A 1 96  ? -9.488  5.700   10.282  1.00 30.22 ? 1074 ILE A C   1 
ATOM   786  O O   . ILE A 1 96  ? -8.922  5.505   9.197   1.00 31.90 ? 1074 ILE A O   1 
ATOM   787  C CB  . ILE A 1 96  ? -8.110  5.724   12.402  1.00 32.60 ? 1074 ILE A CB  1 
ATOM   788  C CG1 . ILE A 1 96  ? -7.394  6.601   13.430  1.00 34.86 ? 1074 ILE A CG1 1 
ATOM   789  C CG2 . ILE A 1 96  ? -7.084  4.837   11.724  1.00 33.13 ? 1074 ILE A CG2 1 
ATOM   790  C CD1 . ILE A 1 96  ? -6.451  7.596   12.834  1.00 39.14 ? 1074 ILE A CD1 1 
ATOM   791  N N   . ARG A 1 97  ? -10.689 5.168   10.561  1.00 28.89 ? 1075 ARG A N   1 
ATOM   792  C CA  . ARG A 1 97  ? -11.392 4.360   9.562   1.00 29.19 ? 1075 ARG A CA  1 
ATOM   793  C C   . ARG A 1 97  ? -11.660 5.163   8.301   1.00 36.71 ? 1075 ARG A C   1 
ATOM   794  O O   . ARG A 1 97  ? -11.492 4.657   7.185   1.00 31.48 ? 1075 ARG A O   1 
ATOM   795  C CB  . ARG A 1 97  ? -12.720 3.824   10.113  1.00 33.62 ? 1075 ARG A CB  1 
ATOM   796  C CG  . ARG A 1 97  ? -12.605 2.666   11.096  1.00 32.66 ? 1075 ARG A CG  1 
ATOM   797  C CD  . ARG A 1 97  ? -13.875 1.791   11.130  1.00 32.86 ? 1075 ARG A CD  1 
ATOM   798  N NE  . ARG A 1 97  ? -15.115 2.522   11.422  1.00 41.16 ? 1075 ARG A NE  1 
ATOM   799  C CZ  . ARG A 1 97  ? -15.556 2.798   12.650  1.00 39.57 ? 1075 ARG A CZ  1 
ATOM   800  N NH1 . ARG A 1 97  ? -14.855 2.423   13.711  1.00 35.02 ? 1075 ARG A NH1 1 
ATOM   801  N NH2 . ARG A 1 97  ? -16.701 3.458   12.820  1.00 41.97 ? 1075 ARG A NH2 1 
ATOM   802  N N   . HIS A 1 98  ? -12.119 6.410   8.456   1.00 28.67 ? 1076 HIS A N   1 
ATOM   803  C CA  . HIS A 1 98  ? -12.394 7.231   7.286   1.00 29.64 ? 1076 HIS A CA  1 
ATOM   804  C C   . HIS A 1 98  ? -11.120 7.483   6.489   1.00 27.65 ? 1076 HIS A C   1 
ATOM   805  O O   . HIS A 1 98  ? -11.121 7.414   5.252   1.00 30.30 ? 1076 HIS A O   1 
ATOM   806  C CB  . HIS A 1 98  ? -13.033 8.554   7.716   1.00 27.70 ? 1076 HIS A CB  1 
ATOM   807  C CG  . HIS A 1 98  ? -13.587 9.348   6.577   1.00 31.00 ? 1076 HIS A CG  1 
ATOM   808  N ND1 . HIS A 1 98  ? -12.859 10.320  5.925   1.00 32.65 ? 1076 HIS A ND1 1 
ATOM   809  C CD2 . HIS A 1 98  ? -14.791 9.304   5.960   1.00 30.98 ? 1076 HIS A CD2 1 
ATOM   810  C CE1 . HIS A 1 98  ? -13.595 10.846  4.962   1.00 31.72 ? 1076 HIS A CE1 1 
ATOM   811  N NE2 . HIS A 1 98  ? -14.775 10.252  4.966   1.00 32.40 ? 1076 HIS A NE2 1 
ATOM   812  N N   . ARG A 1 99  ? -10.026 7.777   7.182   1.00 25.75 ? 1077 ARG A N   1 
ATOM   813  C CA  . ARG A 1 99  ? -8.753  8.000   6.505   1.00 31.81 ? 1077 ARG A CA  1 
ATOM   814  C C   . ARG A 1 99  ? -8.253  6.731   5.826   1.00 30.70 ? 1077 ARG A C   1 
ATOM   815  O O   . ARG A 1 99  ? -7.682  6.785   4.727   1.00 28.81 ? 1077 ARG A O   1 
ATOM   816  C CB  . ARG A 1 99  ? -7.720  8.500   7.504   1.00 29.71 ? 1077 ARG A CB  1 
ATOM   817  C CG  . ARG A 1 99  ? -8.011  9.896   8.044   1.00 25.84 ? 1077 ARG A CG  1 
ATOM   818  C CD  . ARG A 1 99  ? -7.091  10.208  9.208   1.00 29.22 ? 1077 ARG A CD  1 
ATOM   819  N NE  . ARG A 1 99  ? -7.085  11.634  9.511   1.00 30.58 ? 1077 ARG A NE  1 
ATOM   820  C CZ  . ARG A 1 99  ? -6.507  12.176  10.579  1.00 30.67 ? 1077 ARG A CZ  1 
ATOM   821  N NH1 . ARG A 1 99  ? -5.878  11.419  11.457  1.00 32.31 ? 1077 ARG A NH1 1 
ATOM   822  N NH2 . ARG A 1 99  ? -6.560  13.486  10.767  1.00 32.12 ? 1077 ARG A NH2 1 
ATOM   823  N N   . ALA A 1 100 ? -8.427  5.585   6.484   1.00 25.78 ? 1078 ALA A N   1 
ATOM   824  C CA  . ALA A 1 100 ? -7.988  4.326   5.892   1.00 31.20 ? 1078 ALA A CA  1 
ATOM   825  C C   . ALA A 1 100 ? -8.736  4.042   4.600   1.00 30.48 ? 1078 ALA A C   1 
ATOM   826  O O   . ALA A 1 100 ? -8.134  3.642   3.594   1.00 32.79 ? 1078 ALA A O   1 
ATOM   827  C CB  . ALA A 1 100 ? -8.185  3.180   6.886   1.00 30.45 ? 1078 ALA A CB  1 
ATOM   828  N N   . CYS A 1 101 ? -10.050 4.252   4.602   1.00 28.86 ? 1079 CYS A N   1 
ATOM   829  C CA  . CYS A 1 101 ? -10.814 4.042   3.384   1.00 32.23 ? 1079 CYS A CA  1 
ATOM   830  C C   . CYS A 1 101 ? -10.454 5.073   2.325   1.00 33.68 ? 1079 CYS A C   1 
ATOM   831  O O   . CYS A 1 101 ? -10.448 4.754   1.130   1.00 29.82 ? 1079 CYS A O   1 
ATOM   832  C CB  . CYS A 1 101 ? -12.310 4.073   3.688   1.00 35.91 ? 1079 CYS A CB  1 
ATOM   833  S SG  . CYS A 1 101 ? -12.869 2.582   4.568   1.00 41.94 ? 1079 CYS A SG  1 
ATOM   834  N N   . ALA A 1 102 ? -10.137 6.302   2.738   1.00 28.92 ? 1080 ALA A N   1 
ATOM   835  C CA  . ALA A 1 102 ? -9.724  7.304   1.760   1.00 29.54 ? 1080 ALA A CA  1 
ATOM   836  C C   . ALA A 1 102 ? -8.382  6.935   1.143   1.00 29.61 ? 1080 ALA A C   1 
ATOM   837  O O   . ALA A 1 102 ? -8.179  7.122   -0.061  1.00 30.32 ? 1080 ALA A O   1 
ATOM   838  C CB  . ALA A 1 102 ? -9.653  8.690   2.396   1.00 28.33 ? 1080 ALA A CB  1 
ATOM   839  N N   . LEU A 1 103 ? -7.460  6.401   1.950   1.00 30.23 ? 1081 LEU A N   1 
ATOM   840  C CA  . LEU A 1 103 ? -6.173  5.954   1.417   1.00 27.33 ? 1081 LEU A CA  1 
ATOM   841  C C   . LEU A 1 103 ? -6.368  4.887   0.348   1.00 31.75 ? 1081 LEU A C   1 
ATOM   842  O O   . LEU A 1 103 ? -5.830  4.996   -0.764  1.00 27.60 ? 1081 LEU A O   1 
ATOM   843  C CB  . LEU A 1 103 ? -5.288  5.416   2.544   1.00 29.29 ? 1081 LEU A CB  1 
ATOM   844  C CG  . LEU A 1 103 ? -4.021  4.742   1.999   1.00 33.67 ? 1081 LEU A CG  1 
ATOM   845  C CD1 . LEU A 1 103 ? -3.051  5.784   1.512   1.00 32.68 ? 1081 LEU A CD1 1 
ATOM   846  C CD2 . LEU A 1 103 ? -3.374  3.865   3.049   1.00 38.61 ? 1081 LEU A CD2 1 
ATOM   847  N N   . ARG A 1 104 ? -7.139  3.847   0.675   1.00 30.71 ? 1082 ARG A N   1 
ATOM   848  C CA  . ARG A 1 104 ? -7.432  2.777   -0.276  1.00 31.21 ? 1082 ARG A CA  1 
ATOM   849  C C   . ARG A 1 104 ? -8.096  3.314   -1.536  1.00 33.77 ? 1082 ARG A C   1 
ATOM   850  O O   . ARG A 1 104 ? -7.656  3.022   -2.653  1.00 29.05 ? 1082 ARG A O   1 
ATOM   851  C CB  . ARG A 1 104 ? -8.320  1.728   0.395   1.00 32.01 ? 1082 ARG A CB  1 
ATOM   852  C CG  . ARG A 1 104 ? -8.583  0.456   -0.435  1.00 33.72 ? 1082 ARG A CG  1 
ATOM   853  C CD  . ARG A 1 104 ? -9.848  -0.238  0.037   1.00 44.02 ? 1082 ARG A CD  1 
ATOM   854  N NE  . ARG A 1 104 ? -10.968 0.709   0.051   1.00 55.65 ? 1082 ARG A NE  1 
ATOM   855  C CZ  . ARG A 1 104 ? -11.996 0.666   0.897   1.00 55.56 ? 1082 ARG A CZ  1 
ATOM   856  N NH1 . ARG A 1 104 ? -12.064 -0.291  1.825   1.00 56.48 ? 1082 ARG A NH1 1 
ATOM   857  N NH2 . ARG A 1 104 ? -12.955 1.584   0.818   1.00 47.29 ? 1082 ARG A NH2 1 
ATOM   858  N N   . ASP A 1 105 ? -9.168  4.103   -1.375  1.00 30.03 ? 1083 ASP A N   1 
ATOM   859  C CA  . ASP A 1 105 ? -9.874  4.655   -2.528  1.00 29.82 ? 1083 ASP A CA  1 
ATOM   860  C C   . ASP A 1 105 ? -8.958  5.507   -3.403  1.00 31.03 ? 1083 ASP A C   1 
ATOM   861  O O   . ASP A 1 105 ? -9.037  5.449   -4.640  1.00 29.35 ? 1083 ASP A O   1 
ATOM   862  C CB  . ASP A 1 105 ? -11.064 5.496   -2.066  1.00 31.52 ? 1083 ASP A CB  1 
ATOM   863  C CG  . ASP A 1 105 ? -12.192 4.657   -1.464  1.00 43.55 ? 1083 ASP A CG  1 
ATOM   864  O OD1 . ASP A 1 105 ? -12.148 3.408   -1.530  1.00 38.55 ? 1083 ASP A OD1 1 
ATOM   865  O OD2 . ASP A 1 105 ? -13.126 5.267   -0.903  1.00 43.46 ? 1083 ASP A OD2 1 
ATOM   866  N N   . THR A 1 106 ? -8.116  6.331   -2.780  1.00 26.78 ? 1084 THR A N   1 
ATOM   867  C CA  . THR A 1 106 ? -7.233  7.206   -3.542  1.00 26.61 ? 1084 THR A CA  1 
ATOM   868  C C   . THR A 1 106 ? -6.230  6.392   -4.352  1.00 28.74 ? 1084 THR A C   1 
ATOM   869  O O   . THR A 1 106 ? -6.002  6.668   -5.538  1.00 26.69 ? 1084 THR A O   1 
ATOM   870  C CB  . THR A 1 106 ? -6.512  8.171   -2.595  1.00 27.33 ? 1084 THR A CB  1 
ATOM   871  O OG1 . THR A 1 106 ? -7.479  8.997   -1.923  1.00 29.40 ? 1084 THR A OG1 1 
ATOM   872  C CG2 . THR A 1 106 ? -5.516  9.068   -3.358  1.00 27.52 ? 1084 THR A CG2 1 
ATOM   873  N N   . ALA A 1 107 ? -5.623  5.384   -3.725  1.00 23.05 ? 1085 ALA A N   1 
ATOM   874  C CA  . ALA A 1 107 ? -4.667  4.535   -4.434  1.00 25.68 ? 1085 ALA A CA  1 
ATOM   875  C C   . ALA A 1 107 ? -5.328  3.852   -5.623  1.00 25.97 ? 1085 ALA A C   1 
ATOM   876  O O   . ALA A 1 107 ? -4.800  3.870   -6.741  1.00 25.22 ? 1085 ALA A O   1 
ATOM   877  C CB  . ALA A 1 107 ? -4.080  3.502   -3.474  1.00 25.42 ? 1085 ALA A CB  1 
ATOM   878  N N   . TYR A 1 108 ? -6.501  3.252   -5.402  1.00 26.35 ? 1086 TYR A N   1 
ATOM   879  C CA  . TYR A 1 108 ? -7.201  2.595   -6.500  1.00 28.59 ? 1086 TYR A CA  1 
ATOM   880  C C   . TYR A 1 108 ? -7.530  3.581   -7.614  1.00 28.23 ? 1086 TYR A C   1 
ATOM   881  O O   . TYR A 1 108 ? -7.379  3.266   -8.800  1.00 28.13 ? 1086 TYR A O   1 
ATOM   882  C CB  . TYR A 1 108 ? -8.470  1.903   -5.978  1.00 28.61 ? 1086 TYR A CB  1 
ATOM   883  C CG  . TYR A 1 108 ? -8.222  0.484   -5.500  1.00 30.00 ? 1086 TYR A CG  1 
ATOM   884  C CD1 . TYR A 1 108 ? -7.799  0.231   -4.199  1.00 31.04 ? 1086 TYR A CD1 1 
ATOM   885  C CD2 . TYR A 1 108 ? -8.386  -0.602  -6.362  1.00 32.02 ? 1086 TYR A CD2 1 
ATOM   886  C CE1 . TYR A 1 108 ? -7.562  -1.059  -3.758  1.00 30.65 ? 1086 TYR A CE1 1 
ATOM   887  C CE2 . TYR A 1 108 ? -8.152  -1.899  -5.929  1.00 30.89 ? 1086 TYR A CE2 1 
ATOM   888  C CZ  . TYR A 1 108 ? -7.742  -2.121  -4.629  1.00 34.21 ? 1086 TYR A CZ  1 
ATOM   889  O OH  . TYR A 1 108 ? -7.510  -3.408  -4.195  1.00 33.37 ? 1086 TYR A OH  1 
ATOM   890  N N   . ALA A 1 109 ? -7.945  4.794   -7.257  1.00 27.58 ? 1087 ALA A N   1 
ATOM   891  C CA  . ALA A 1 109 ? -8.330  5.763   -8.278  1.00 29.61 ? 1087 ALA A CA  1 
ATOM   892  C C   . ALA A 1 109 ? -7.126  6.236   -9.089  1.00 29.26 ? 1087 ALA A C   1 
ATOM   893  O O   . ALA A 1 109 ? -7.234  6.432   -10.305 1.00 26.74 ? 1087 ALA A O   1 
ATOM   894  C CB  . ALA A 1 109 ? -9.026  6.962   -7.632  1.00 31.30 ? 1087 ALA A CB  1 
ATOM   895  N N   . ILE A 1 110 ? -5.984  6.464   -8.435  1.00 26.15 ? 1088 ILE A N   1 
ATOM   896  C CA  . ILE A 1 110 ? -4.782  6.861   -9.169  1.00 26.30 ? 1088 ILE A CA  1 
ATOM   897  C C   . ILE A 1 110 ? -4.398  5.771   -10.165 1.00 27.89 ? 1088 ILE A C   1 
ATOM   898  O O   . ILE A 1 110 ? -4.105  6.040   -11.336 1.00 27.57 ? 1088 ILE A O   1 
ATOM   899  C CB  . ILE A 1 110 ? -3.627  7.165   -8.196  1.00 23.94 ? 1088 ILE A CB  1 
ATOM   900  C CG1 . ILE A 1 110 ? -3.906  8.464   -7.421  1.00 29.44 ? 1088 ILE A CG1 1 
ATOM   901  C CG2 . ILE A 1 110 ? -2.311  7.296   -8.965  1.00 23.67 ? 1088 ILE A CG2 1 
ATOM   902  C CD1 . ILE A 1 110 ? -2.911  8.739   -6.325  1.00 26.43 ? 1088 ILE A CD1 1 
ATOM   903  N N   . ILE A 1 111 ? -4.426  4.521   -9.712  1.00 25.29 ? 1089 ILE A N   1 
ATOM   904  C CA  . ILE A 1 111 ? -4.058  3.402   -10.575 1.00 28.27 ? 1089 ILE A CA  1 
ATOM   905  C C   . ILE A 1 111 ? -5.060  3.237   -11.719 1.00 30.44 ? 1089 ILE A C   1 
ATOM   906  O O   . ILE A 1 111 ? -4.675  2.998   -12.872 1.00 30.74 ? 1089 ILE A O   1 
ATOM   907  C CB  . ILE A 1 111 ? -3.920  2.131   -9.722  1.00 27.32 ? 1089 ILE A CB  1 
ATOM   908  C CG1 . ILE A 1 111 ? -2.580  2.188   -8.989  1.00 30.54 ? 1089 ILE A CG1 1 
ATOM   909  C CG2 . ILE A 1 111 ? -4.057  0.856   -10.576 1.00 31.80 ? 1089 ILE A CG2 1 
ATOM   910  C CD1 . ILE A 1 111 ? -2.512  1.374   -7.751  1.00 31.34 ? 1089 ILE A CD1 1 
ATOM   911  N N   . LYS A 1 112 ? -6.358  3.368   -11.431 1.00 28.10 ? 1090 LYS A N   1 
ATOM   912  C CA  . LYS A 1 112 ? -7.346  3.270   -12.502 1.00 27.81 ? 1090 LYS A CA  1 
ATOM   913  C C   . LYS A 1 112 ? -7.122  4.348   -13.558 1.00 31.08 ? 1090 LYS A C   1 
ATOM   914  O O   . LYS A 1 112 ? -7.273  4.103   -14.762 1.00 32.95 ? 1090 LYS A O   1 
ATOM   915  C CB  . LYS A 1 112 ? -8.763  3.370   -11.928 1.00 34.78 ? 1090 LYS A CB  1 
ATOM   916  C CG  . LYS A 1 112 ? -9.853  3.140   -12.967 1.00 43.15 ? 1090 LYS A CG  1 
ATOM   917  C CD  . LYS A 1 112 ? -11.245 3.440   -12.416 1.00 50.11 ? 1090 LYS A CD  1 
ATOM   918  C CE  . LYS A 1 112 ? -12.328 3.068   -13.429 1.00 54.90 ? 1090 LYS A CE  1 
ATOM   919  N NZ  . LYS A 1 112 ? -12.288 1.613   -13.750 1.00 61.15 ? 1090 LYS A NZ  1 
ATOM   920  N N   . GLU A 1 113 ? -6.728  5.535   -13.134 1.00 32.16 ? 1091 GLU A N   1 
ATOM   921  C CA  . GLU A 1 113 ? -6.598  6.652   -14.051 1.00 28.18 ? 1091 GLU A CA  1 
ATOM   922  C C   . GLU A 1 113 ? -5.253  6.685   -14.769 1.00 32.02 ? 1091 GLU A C   1 
ATOM   923  O O   . GLU A 1 113 ? -5.174  7.191   -15.892 1.00 37.30 ? 1091 GLU A O   1 
ATOM   924  C CB  . GLU A 1 113 ? -6.808  7.951   -13.277 1.00 35.32 ? 1091 GLU A CB  1 
ATOM   925  C CG  . GLU A 1 113 ? -7.075  9.163   -14.111 1.00 48.23 ? 1091 GLU A CG  1 
ATOM   926  C CD  . GLU A 1 113 ? -7.583  10.329  -13.260 1.00 54.94 ? 1091 GLU A CD  1 
ATOM   927  O OE1 . GLU A 1 113 ? -8.804  10.600  -13.307 1.00 61.23 ? 1091 GLU A OE1 1 
ATOM   928  O OE2 . GLU A 1 113 ? -6.770  10.967  -12.548 1.00 57.04 ? 1091 GLU A OE2 1 
ATOM   929  N N   . GLU A 1 114 ? -4.194  6.149   -14.166 1.00 26.59 ? 1092 GLU A N   1 
ATOM   930  C CA  . GLU A 1 114 ? -2.839  6.409   -14.648 1.00 26.35 ? 1092 GLU A CA  1 
ATOM   931  C C   . GLU A 1 114 ? -2.042  5.174   -15.053 1.00 29.50 ? 1092 GLU A C   1 
ATOM   932  O O   . GLU A 1 114 ? -1.042  5.323   -15.768 1.00 29.56 ? 1092 GLU A O   1 
ATOM   933  C CB  . GLU A 1 114 ? -2.036  7.177   -13.583 1.00 27.04 ? 1092 GLU A CB  1 
ATOM   934  C CG  . GLU A 1 114 ? -2.710  8.491   -13.161 1.00 26.88 ? 1092 GLU A CG  1 
ATOM   935  C CD  . GLU A 1 114 ? -1.915  9.254   -12.122 1.00 27.78 ? 1092 GLU A CD  1 
ATOM   936  O OE1 . GLU A 1 114 ? -0.688  9.037   -12.021 1.00 27.16 ? 1092 GLU A OE1 1 
ATOM   937  O OE2 . GLU A 1 114 ? -2.518  10.075  -11.393 1.00 28.52 ? 1092 GLU A OE2 1 
ATOM   938  N N   . LEU A 1 115 ? -2.412  3.980   -14.604 1.00 26.82 ? 1093 LEU A N   1 
ATOM   939  C CA  . LEU A 1 115 ? -1.695  2.776   -15.012 1.00 30.78 ? 1093 LEU A CA  1 
ATOM   940  C C   . LEU A 1 115 ? -2.377  2.176   -16.233 1.00 33.20 ? 1093 LEU A C   1 
ATOM   941  O O   . LEU A 1 115 ? -3.564  1.837   -16.181 1.00 31.38 ? 1093 LEU A O   1 
ATOM   942  C CB  . LEU A 1 115 ? -1.638  1.750   -13.884 1.00 31.08 ? 1093 LEU A CB  1 
ATOM   943  C CG  . LEU A 1 115 ? -0.645  0.607   -14.148 1.00 30.23 ? 1093 LEU A CG  1 
ATOM   944  C CD1 . LEU A 1 115 ? 0.779   1.145   -14.330 1.00 33.92 ? 1093 LEU A CD1 1 
ATOM   945  C CD2 . LEU A 1 115 ? -0.712  -0.408  -13.021 1.00 35.84 ? 1093 LEU A CD2 1 
ATOM   946  N N   . ASP A 1 116 ? -1.632  2.034   -17.329 1.00 30.77 ? 1094 ASP A N   1 
ATOM   947  C CA  . ASP A 1 116 ? -2.205  1.439   -18.530 1.00 31.45 ? 1094 ASP A CA  1 
ATOM   948  C C   . ASP A 1 116 ? -2.542  -0.030  -18.291 1.00 29.57 ? 1094 ASP A C   1 
ATOM   949  O O   . ASP A 1 116 ? -1.717  -0.787  -17.774 1.00 29.67 ? 1094 ASP A O   1 
ATOM   950  C CB  . ASP A 1 116 ? -1.239  1.584   -19.701 1.00 32.15 ? 1094 ASP A CB  1 
ATOM   951  C CG  . ASP A 1 116 ? -1.855  1.145   -21.017 1.00 37.32 ? 1094 ASP A CG  1 
ATOM   952  O OD1 . ASP A 1 116 ? -2.058  -0.066  -21.207 1.00 40.92 ? 1094 ASP A OD1 1 
ATOM   953  O OD2 . ASP A 1 116 ? -2.153  2.007   -21.858 1.00 38.93 ? 1094 ASP A OD2 1 
ATOM   954  N N   . GLU A 1 117 ? -3.762  -0.428  -18.677 1.00 28.94 ? 1095 GLU A N   1 
ATOM   955  C CA  . GLU A 1 117 ? -4.225  -1.802  -18.480 1.00 32.96 ? 1095 GLU A CA  1 
ATOM   956  C C   . GLU A 1 117 ? -3.315  -2.809  -19.167 1.00 30.64 ? 1095 GLU A C   1 
ATOM   957  O O   . GLU A 1 117 ? -3.124  -3.923  -18.671 1.00 28.92 ? 1095 GLU A O   1 
ATOM   958  C CB  . GLU A 1 117 ? -5.643  -1.974  -19.033 1.00 32.61 ? 1095 GLU A CB  1 
ATOM   959  C CG  . GLU A 1 117 ? -6.782  -1.476  -18.166 1.00 50.47 ? 1095 GLU A CG  1 
ATOM   960  C CD  . GLU A 1 117 ? -8.137  -1.757  -18.813 1.00 64.00 ? 1095 GLU A CD  1 
ATOM   961  O OE1 . GLU A 1 117 ? -8.421  -1.166  -19.876 1.00 70.68 ? 1095 GLU A OE1 1 
ATOM   962  O OE2 . GLU A 1 117 ? -8.911  -2.578  -18.272 1.00 68.42 ? 1095 GLU A OE2 1 
ATOM   963  N N   . ASP A 1 118 ? -2.797  -2.458  -20.342 1.00 30.48 ? 1096 ASP A N   1 
ATOM   964  C CA  . ASP A 1 118 ? -1.917  -3.383  -21.053 1.00 31.42 ? 1096 ASP A CA  1 
ATOM   965  C C   . ASP A 1 118 ? -0.555  -3.481  -20.381 1.00 30.62 ? 1096 ASP A C   1 
ATOM   966  O O   . ASP A 1 118 ? 0.106   -4.524  -20.469 1.00 28.30 ? 1096 ASP A O   1 
ATOM   967  C CB  . ASP A 1 118 ? -1.741  -2.945  -22.509 1.00 29.88 ? 1096 ASP A CB  1 
ATOM   968  C CG  . ASP A 1 118 ? -3.004  -3.130  -23.334 1.00 37.27 ? 1096 ASP A CG  1 
ATOM   969  O OD1 . ASP A 1 118 ? -3.790  -4.037  -23.009 1.00 37.54 ? 1096 ASP A OD1 1 
ATOM   970  O OD2 . ASP A 1 118 ? -3.206  -2.367  -24.297 1.00 38.92 ? 1096 ASP A OD2 1 
ATOM   971  N N   . PHE A 1 119 ? -0.105  -2.400  -19.737 1.00 27.04 ? 1097 PHE A N   1 
ATOM   972  C CA  . PHE A 1 119 ? 1.131   -2.474  -18.969 1.00 27.15 ? 1097 PHE A CA  1 
ATOM   973  C C   . PHE A 1 119 ? 0.975   -3.430  -17.791 1.00 28.38 ? 1097 PHE A C   1 
ATOM   974  O O   . PHE A 1 119 ? 1.843   -4.275  -17.541 1.00 29.46 ? 1097 PHE A O   1 
ATOM   975  C CB  . PHE A 1 119 ? 1.565   -1.078  -18.489 1.00 26.79 ? 1097 PHE A CB  1 
ATOM   976  C CG  . PHE A 1 119 ? 2.847   -1.096  -17.696 1.00 28.23 ? 1097 PHE A CG  1 
ATOM   977  C CD1 . PHE A 1 119 ? 4.076   -1.017  -18.337 1.00 29.26 ? 1097 PHE A CD1 1 
ATOM   978  C CD2 . PHE A 1 119 ? 2.824   -1.256  -16.318 1.00 26.57 ? 1097 PHE A CD2 1 
ATOM   979  C CE1 . PHE A 1 119 ? 5.255   -1.074  -17.619 1.00 28.55 ? 1097 PHE A CE1 1 
ATOM   980  C CE2 . PHE A 1 119 ? 4.002   -1.317  -15.589 1.00 29.70 ? 1097 PHE A CE2 1 
ATOM   981  C CZ  . PHE A 1 119 ? 5.227   -1.213  -16.244 1.00 26.72 ? 1097 PHE A CZ  1 
ATOM   982  N N   . GLU A 1 120 ? -0.134  -3.324  -17.060 1.00 27.72 ? 1098 GLU A N   1 
ATOM   983  C CA  . GLU A 1 120 ? -0.341  -4.247  -15.949 1.00 29.50 ? 1098 GLU A CA  1 
ATOM   984  C C   . GLU A 1 120 ? -0.480  -5.679  -16.450 1.00 31.10 ? 1098 GLU A C   1 
ATOM   985  O O   . GLU A 1 120 ? 0.044   -6.607  -15.835 1.00 29.11 ? 1098 GLU A O   1 
ATOM   986  C CB  . GLU A 1 120 ? -1.567  -3.841  -15.135 1.00 31.07 ? 1098 GLU A CB  1 
ATOM   987  C CG  . GLU A 1 120 ? -2.037  -4.897  -14.121 1.00 30.88 ? 1098 GLU A CG  1 
ATOM   988  C CD  . GLU A 1 120 ? -1.017  -5.204  -13.029 1.00 29.97 ? 1098 GLU A CD  1 
ATOM   989  O OE1 . GLU A 1 120 ? -0.026  -4.446  -12.870 1.00 30.38 ? 1098 GLU A OE1 1 
ATOM   990  O OE2 . GLU A 1 120 ? -1.220  -6.198  -12.288 1.00 33.05 ? 1098 GLU A OE2 1 
ATOM   991  N N   . GLN A 1 121 ? -1.168  -5.869  -17.580 1.00 30.21 ? 1099 GLN A N   1 
ATOM   992  C CA  . GLN A 1 121 ? -1.323  -7.209  -18.142 1.00 32.63 ? 1099 GLN A CA  1 
ATOM   993  C C   . GLN A 1 121 ? 0.032   -7.826  -18.459 1.00 30.02 ? 1099 GLN A C   1 
ATOM   994  O O   . GLN A 1 121 ? 0.279   -8.998  -18.160 1.00 30.48 ? 1099 GLN A O   1 
ATOM   995  C CB  . GLN A 1 121 ? -2.194  -7.144  -19.399 1.00 32.04 ? 1099 GLN A CB  1 
ATOM   996  C CG  . GLN A 1 121 ? -2.519  -8.518  -19.989 1.00 30.91 ? 1099 GLN A CG  1 
ATOM   997  C CD  . GLN A 1 121 ? -3.293  -9.377  -19.009 1.00 39.92 ? 1099 GLN A CD  1 
ATOM   998  O OE1 . GLN A 1 121 ? -4.124  -8.873  -18.258 1.00 37.53 ? 1099 GLN A OE1 1 
ATOM   999  N NE2 . GLN A 1 121 ? -3.026  -10.676 -19.009 1.00 39.23 ? 1099 GLN A NE2 1 
ATOM   1000 N N   . LEU A 1 122 ? 0.933   -7.036  -19.040 1.00 29.60 ? 1100 LEU A N   1 
ATOM   1001 C CA  . LEU A 1 122 ? 2.280   -7.521  -19.320 1.00 27.73 ? 1100 LEU A CA  1 
ATOM   1002 C C   . LEU A 1 122 ? 2.984   -7.957  -18.043 1.00 33.36 ? 1100 LEU A C   1 
ATOM   1003 O O   . LEU A 1 122 ? 3.590   -9.037  -17.993 1.00 28.17 ? 1100 LEU A O   1 
ATOM   1004 C CB  . LEU A 1 122 ? 3.079   -6.434  -20.038 1.00 27.42 ? 1100 LEU A CB  1 
ATOM   1005 C CG  . LEU A 1 122 ? 4.549   -6.765  -20.295 1.00 27.60 ? 1100 LEU A CG  1 
ATOM   1006 C CD1 . LEU A 1 122 ? 4.648   -8.037  -21.136 1.00 28.59 ? 1100 LEU A CD1 1 
ATOM   1007 C CD2 . LEU A 1 122 ? 5.253   -5.606  -20.971 1.00 29.29 ? 1100 LEU A CD2 1 
ATOM   1008 N N   . CYS A 1 123 ? 2.933   -7.114  -16.999 1.00 27.84 ? 1101 CYS A N   1 
ATOM   1009 C CA  . CYS A 1 123 ? 3.552   -7.472  -15.726 1.00 28.36 ? 1101 CYS A CA  1 
ATOM   1010 C C   . CYS A 1 123 ? 3.021   -8.813  -15.231 1.00 27.99 ? 1101 CYS A C   1 
ATOM   1011 O O   . CYS A 1 123 ? 3.789   -9.683  -14.801 1.00 33.19 ? 1101 CYS A O   1 
ATOM   1012 C CB  . CYS A 1 123 ? 3.297   -6.372  -14.681 1.00 26.37 ? 1101 CYS A CB  1 
ATOM   1013 S SG  . CYS A 1 123 ? 4.162   -4.830  -14.998 1.00 28.15 ? 1101 CYS A SG  1 
ATOM   1014 N N   . GLU A 1 124 ? 1.703   -8.992  -15.281 1.00 30.30 ? 1102 GLU A N   1 
ATOM   1015 C CA  . GLU A 1 124 ? 1.111   -10.240 -14.809 1.00 32.19 ? 1102 GLU A CA  1 
ATOM   1016 C C   . GLU A 1 124 ? 1.586   -11.427 -15.644 1.00 38.29 ? 1102 GLU A C   1 
ATOM   1017 O O   . GLU A 1 124 ? 1.892   -12.497 -15.102 1.00 37.21 ? 1102 GLU A O   1 
ATOM   1018 C CB  . GLU A 1 124 ? -0.412  -10.121 -14.825 1.00 30.37 ? 1102 GLU A CB  1 
ATOM   1019 C CG  . GLU A 1 124 ? -0.920  -9.046  -13.845 1.00 35.30 ? 1102 GLU A CG  1 
ATOM   1020 C CD  . GLU A 1 124 ? -2.422  -8.946  -13.781 1.00 44.46 ? 1102 GLU A CD  1 
ATOM   1021 O OE1 . GLU A 1 124 ? -3.094  -9.900  -14.218 1.00 46.54 ? 1102 GLU A OE1 1 
ATOM   1022 O OE2 . GLU A 1 124 ? -2.938  -7.910  -13.285 1.00 41.81 ? 1102 GLU A OE2 1 
ATOM   1023 N N   . GLU A 1 125 ? 1.703   -11.245 -16.962 1.00 37.76 ? 1103 GLU A N   1 
ATOM   1024 C CA  . GLU A 1 125 ? 2.116   -12.367 -17.805 1.00 37.59 ? 1103 GLU A CA  1 
ATOM   1025 C C   . GLU A 1 125 ? 3.582   -12.722 -17.574 1.00 38.57 ? 1103 GLU A C   1 
ATOM   1026 O O   . GLU A 1 125 ? 3.937   -13.906 -17.543 1.00 42.31 ? 1103 GLU A O   1 
ATOM   1027 C CB  . GLU A 1 125 ? 1.803   -12.063 -19.281 1.00 33.94 ? 1103 GLU A CB  1 
ATOM   1028 C CG  . GLU A 1 125 ? 0.298   -12.142 -19.529 1.00 36.17 ? 1103 GLU A CG  1 
ATOM   1029 C CD  . GLU A 1 125 ? -0.171  -11.886 -20.964 1.00 34.61 ? 1103 GLU A CD  1 
ATOM   1030 O OE1 . GLU A 1 125 ? 0.650   -11.838 -21.898 1.00 33.56 ? 1103 GLU A OE1 1 
ATOM   1031 O OE2 . GLU A 1 125 ? -1.392  -11.714 -21.156 1.00 34.31 ? 1103 GLU A OE2 1 
ATOM   1032 N N   . ILE A 1 126 ? 4.447   -11.723 -17.357 1.00 36.64 ? 1104 ILE A N   1 
ATOM   1033 C CA  . ILE A 1 126 ? 5.819   -12.035 -16.974 1.00 34.68 ? 1104 ILE A CA  1 
ATOM   1034 C C   . ILE A 1 126 ? 5.837   -12.775 -15.643 1.00 47.99 ? 1104 ILE A C   1 
ATOM   1035 O O   . ILE A 1 126 ? 6.566   -13.761 -15.471 1.00 43.05 ? 1104 ILE A O   1 
ATOM   1036 C CB  . ILE A 1 126 ? 6.682   -10.764 -16.921 1.00 34.31 ? 1104 ILE A CB  1 
ATOM   1037 C CG1 . ILE A 1 126 ? 6.624   -10.002 -18.248 1.00 31.71 ? 1104 ILE A CG1 1 
ATOM   1038 C CG2 . ILE A 1 126 ? 8.124   -11.120 -16.574 1.00 38.46 ? 1104 ILE A CG2 1 
ATOM   1039 C CD1 . ILE A 1 126 ? 7.393   -8.665  -18.190 1.00 31.91 ? 1104 ILE A CD1 1 
ATOM   1040 N N   . GLN A 1 127 ? 5.016   -12.326 -14.687 1.00 41.01 ? 1105 GLN A N   1 
ATOM   1041 C CA  . GLN A 1 127 ? 4.984   -12.969 -13.374 1.00 46.97 ? 1105 GLN A CA  1 
ATOM   1042 C C   . GLN A 1 127 ? 4.499   -14.414 -13.481 1.00 46.81 ? 1105 GLN A C   1 
ATOM   1043 O O   . GLN A 1 127 ? 5.119   -15.330 -12.929 1.00 50.60 ? 1105 GLN A O   1 
ATOM   1044 C CB  . GLN A 1 127 ? 4.099   -12.165 -12.421 1.00 41.84 ? 1105 GLN A CB  1 
ATOM   1045 C CG  . GLN A 1 127 ? 4.074   -12.701 -10.992 1.00 47.48 ? 1105 GLN A CG  1 
ATOM   1046 C CD  . GLN A 1 127 ? 2.952   -12.096 -10.154 1.00 46.18 ? 1105 GLN A CD  1 
ATOM   1047 O OE1 . GLN A 1 127 ? 1.813   -11.956 -10.612 1.00 45.29 ? 1105 GLN A OE1 1 
ATOM   1048 N NE2 . GLN A 1 127 ? 3.278   -11.721 -8.917  1.00 45.67 ? 1105 GLN A NE2 1 
ATOM   1049 N N   . GLU A 1 128 ? 3.398   -14.637 -14.199 1.00 44.84 ? 1106 GLU A N   1 
ATOM   1050 C CA  . GLU A 1 128 ? 2.846   -15.978 -14.365 1.00 48.21 ? 1106 GLU A CA  1 
ATOM   1051 C C   . GLU A 1 128 ? 3.782   -16.932 -15.100 1.00 53.43 ? 1106 GLU A C   1 
ATOM   1052 O O   . GLU A 1 128 ? 3.517   -18.140 -15.112 1.00 55.16 ? 1106 GLU A O   1 
ATOM   1053 C CB  . GLU A 1 128 ? 1.515   -15.908 -15.110 1.00 44.53 ? 1106 GLU A CB  1 
ATOM   1054 C CG  . GLU A 1 128 ? 0.397   -15.268 -14.309 1.00 51.91 ? 1106 GLU A CG  1 
ATOM   1055 C CD  . GLU A 1 128 ? -0.717  -14.727 -15.182 1.00 60.15 ? 1106 GLU A CD  1 
ATOM   1056 O OE1 . GLU A 1 128 ? -0.732  -15.035 -16.392 1.00 64.47 ? 1106 GLU A OE1 1 
ATOM   1057 O OE2 . GLU A 1 128 ? -1.578  -13.985 -14.659 1.00 64.38 ? 1106 GLU A OE2 1 
ATOM   1058 N N   . SER A 1 129 ? 4.855   -16.433 -15.712 1.00 51.29 ? 1107 SER A N   1 
ATOM   1059 C CA  . SER A 1 129 ? 5.804   -17.267 -16.438 1.00 58.78 ? 1107 SER A CA  1 
ATOM   1060 C C   . SER A 1 129 ? 7.018   -17.660 -15.601 1.00 61.42 ? 1107 SER A C   1 
ATOM   1061 O O   . SER A 1 129 ? 7.888   -18.383 -16.099 1.00 63.91 ? 1107 SER A O   1 
ATOM   1062 C CB  . SER A 1 129 ? 6.274   -16.550 -17.710 1.00 48.65 ? 1107 SER A CB  1 
ATOM   1063 O OG  . SER A 1 129 ? 7.416   -15.739 -17.449 1.00 52.30 ? 1107 SER A OG  1 
ATOM   1064 N N   . ARG A 1 130 ? 7.109   -17.197 -14.359 1.00 57.52 ? 1108 ARG A N   1 
ATOM   1065 C CA  . ARG A 1 130 ? 8.262   -17.513 -13.525 1.00 61.13 ? 1108 ARG A CA  1 
ATOM   1066 C C   . ARG A 1 130 ? 7.873   -18.438 -12.373 1.00 67.13 ? 1108 ARG A C   1 
ATOM   1067 O O   . ARG A 1 130 ? 6.706   -18.809 -12.212 1.00 65.87 ? 1108 ARG A O   1 
ATOM   1068 C CB  . ARG A 1 130 ? 8.903   -16.229 -12.995 1.00 58.77 ? 1108 ARG A CB  1 
ATOM   1069 C CG  . ARG A 1 130 ? 9.524   -15.376 -14.096 1.00 63.25 ? 1108 ARG A CG  1 
ATOM   1070 C CD  . ARG A 1 130 ? 10.157  -14.096 -13.558 1.00 59.26 ? 1108 ARG A CD  1 
ATOM   1071 N NE  . ARG A 1 130 ? 10.788  -13.324 -14.629 1.00 58.55 ? 1108 ARG A NE  1 
ATOM   1072 C CZ  . ARG A 1 130 ? 11.470  -12.199 -14.438 1.00 51.89 ? 1108 ARG A CZ  1 
ATOM   1073 N NH1 . ARG A 1 130 ? 12.009  -11.562 -15.470 1.00 51.90 ? 1108 ARG A NH1 1 
ATOM   1074 N NH2 . ARG A 1 130 ? 11.613  -11.710 -13.211 1.00 57.64 ? 1108 ARG A NH2 1 
ATOM   1075 O OXT . ARG A 1 130 ? 8.725   -18.846 -11.583 1.00 72.10 ? 1108 ARG A OXT 1 
HETATM 1076 S S   . SO4 B 2 .   ? 15.140  1.118   -9.871  1.00 37.26 ? 1201 SO4 A S   1 
HETATM 1077 O O1  . SO4 B 2 .   ? 15.347  2.342   -10.661 1.00 39.84 ? 1201 SO4 A O1  1 
HETATM 1078 O O2  . SO4 B 2 .   ? 15.636  -0.029  -10.611 1.00 35.63 ? 1201 SO4 A O2  1 
HETATM 1079 O O3  . SO4 B 2 .   ? 15.842  1.268   -8.602  1.00 36.60 ? 1201 SO4 A O3  1 
HETATM 1080 O O4  . SO4 B 2 .   ? 13.718  0.933   -9.582  1.00 37.47 ? 1201 SO4 A O4  1 
HETATM 1081 C CAA . G6W C 3 .   ? -2.275  2.714   12.264  1.00 43.41 ? 1202 G6W A CAA 1 
HETATM 1082 C CAB . G6W C 3 .   ? -7.895  3.310   18.877  1.00 45.42 ? 1202 G6W A CAB 1 
HETATM 1083 C CAC . G6W C 3 .   ? -7.158  5.318   20.156  1.00 44.94 ? 1202 G6W A CAC 1 
HETATM 1084 C CAO . G6W C 3 .   ? -3.581  2.694   13.089  1.00 47.10 ? 1202 G6W A CAO 1 
HETATM 1085 C CAP . G6W C 3 .   ? -6.042  4.753   18.026  1.00 46.66 ? 1202 G6W A CAP 1 
HETATM 1086 C CAR . G6W C 3 .   ? -1.515  4.469   14.622  1.00 57.61 ? 1202 G6W A CAR 1 
HETATM 1087 C CAS . G6W C 3 .   ? -4.950  4.050   16.039  1.00 42.49 ? 1202 G6W A CAS 1 
HETATM 1088 C CAT . G6W C 3 .   ? -3.694  3.395   14.251  1.00 49.32 ? 1202 G6W A CAT 1 
HETATM 1089 C CAU . G6W C 3 .   ? -2.786  4.167   14.907  1.00 52.98 ? 1202 G6W A CAU 1 
HETATM 1090 C CAV . G6W C 3 .   ? -7.386  4.746   18.760  1.00 44.01 ? 1202 G6W A CAV 1 
HETATM 1091 N NAE . G6W C 3 .   ? -8.357  5.566   18.019  1.00 44.09 ? 1202 G6W A NAE 1 
HETATM 1092 N NAL . G6W C 3 .   ? -4.890  3.350   14.897  1.00 45.01 ? 1202 G6W A NAL 1 
HETATM 1093 N NAM . G6W C 3 .   ? -6.048  4.129   16.816  1.00 46.08 ? 1202 G6W A NAM 1 
HETATM 1094 O OAF . G6W C 3 .   ? -4.538  2.037   12.671  1.00 39.01 ? 1202 G6W A OAF 1 
HETATM 1095 O OAG . G6W C 3 .   ? -5.075  5.300   18.557  1.00 51.85 ? 1202 G6W A OAG 1 
HETATM 1096 S SAN . G6W C 3 .   ? -3.490  4.760   16.272  1.00 50.30 ? 1202 G6W A SAN 1 
HETATM 1097 O O   . HOH D 4 .   ? -0.985  -15.577 -18.134 1.00 65.62 ? 1301 HOH A O   1 
HETATM 1098 O O   . HOH D 4 .   ? 5.869   12.004  -10.068 1.00 46.52 ? 1302 HOH A O   1 
HETATM 1099 O O   . HOH D 4 .   ? 0.055   11.557  12.903  1.00 60.60 ? 1303 HOH A O   1 
HETATM 1100 O O   . HOH D 4 .   ? 10.831  -12.186 1.700   1.00 53.70 ? 1304 HOH A O   1 
HETATM 1101 O O   . HOH D 4 .   ? -5.029  10.638  -10.990 1.00 37.11 ? 1305 HOH A O   1 
HETATM 1102 O O   . HOH D 4 .   ? -5.950  -6.765  8.266   1.00 39.89 ? 1306 HOH A O   1 
HETATM 1103 O O   . HOH D 4 .   ? 13.094  -0.945  -21.959 1.00 57.53 ? 1307 HOH A O   1 
HETATM 1104 O O   . HOH D 4 .   ? 5.137   -11.595 -7.396  1.00 53.44 ? 1308 HOH A O   1 
HETATM 1105 O O   . HOH D 4 .   ? -14.155 11.053  14.221  1.00 37.96 ? 1309 HOH A O   1 
HETATM 1106 O O   . HOH D 4 .   ? -10.996 1.023   19.529  1.00 45.70 ? 1310 HOH A O   1 
HETATM 1107 O O   . HOH D 4 .   ? -5.697  -6.610  -2.728  1.00 41.81 ? 1311 HOH A O   1 
HETATM 1108 O O   . HOH D 4 .   ? 8.321   -14.373 -19.372 1.00 44.97 ? 1312 HOH A O   1 
HETATM 1109 O O   . HOH D 4 .   ? -3.674  -0.213  11.519  1.00 38.04 ? 1313 HOH A O   1 
HETATM 1110 O O   . HOH D 4 .   ? 4.151   -1.503  9.574   1.00 42.40 ? 1314 HOH A O   1 
HETATM 1111 O O   . HOH D 4 .   ? 3.009   4.882   16.676  1.00 59.70 ? 1315 HOH A O   1 
HETATM 1112 O O   . HOH D 4 .   ? -10.453 -5.104  8.499   1.00 44.56 ? 1316 HOH A O   1 
HETATM 1113 O O   . HOH D 4 .   ? -0.662  -2.047  9.940   1.00 38.20 ? 1317 HOH A O   1 
HETATM 1114 O O   . HOH D 4 .   ? 3.773   2.781   -16.297 1.00 36.61 ? 1318 HOH A O   1 
HETATM 1115 O O   . HOH D 4 .   ? -9.163  -7.416  8.781   1.00 55.15 ? 1319 HOH A O   1 
HETATM 1116 O O   . HOH D 4 .   ? 15.353  -0.873  -7.158  1.00 41.88 ? 1320 HOH A O   1 
HETATM 1117 O O   . HOH D 4 .   ? 14.295  1.405   0.325   1.00 41.14 ? 1321 HOH A O   1 
HETATM 1118 O O   . HOH D 4 .   ? -4.249  -7.467  -16.034 1.00 52.63 ? 1322 HOH A O   1 
HETATM 1119 O O   . HOH D 4 .   ? 1.340   12.213  5.425   1.00 35.42 ? 1323 HOH A O   1 
HETATM 1120 O O   . HOH D 4 .   ? 7.715   -0.218  -20.559 1.00 44.71 ? 1324 HOH A O   1 
HETATM 1121 O O   . HOH D 4 .   ? 3.023   -16.014 -18.867 1.00 48.27 ? 1325 HOH A O   1 
HETATM 1122 O O   . HOH D 4 .   ? -0.215  -10.342 -9.425  1.00 40.81 ? 1326 HOH A O   1 
HETATM 1123 O O   . HOH D 4 .   ? 4.308   2.146   -20.306 1.00 33.62 ? 1327 HOH A O   1 
HETATM 1124 O O   . HOH D 4 .   ? 2.445   -8.352  2.574   1.00 46.15 ? 1328 HOH A O   1 
HETATM 1125 O O   . HOH D 4 .   ? -7.899  11.595  -2.343  1.00 40.40 ? 1329 HOH A O   1 
HETATM 1126 O O   . HOH D 4 .   ? 11.564  -10.922 -23.158 1.00 54.47 ? 1330 HOH A O   1 
HETATM 1127 O O   . HOH D 4 .   ? -11.745 -5.686  15.080  1.00 45.53 ? 1331 HOH A O   1 
HETATM 1128 O O   . HOH D 4 .   ? -4.761  -6.130  -21.633 1.00 44.12 ? 1332 HOH A O   1 
HETATM 1129 O O   . HOH D 4 .   ? 12.961  4.649   -2.693  1.00 39.42 ? 1333 HOH A O   1 
HETATM 1130 O O   . HOH D 4 .   ? -3.129  -13.779 -21.149 1.00 43.45 ? 1334 HOH A O   1 
HETATM 1131 O O   . HOH D 4 .   ? 9.172   7.290   -9.090  1.00 28.21 ? 1335 HOH A O   1 
HETATM 1132 O O   . HOH D 4 .   ? 10.841  -14.393 -17.379 1.00 52.93 ? 1336 HOH A O   1 
HETATM 1133 O O   . HOH D 4 .   ? 1.420   6.474   -15.453 1.00 32.51 ? 1337 HOH A O   1 
HETATM 1134 O O   . HOH D 4 .   ? 4.860   11.463  -6.306  1.00 37.44 ? 1338 HOH A O   1 
HETATM 1135 O O   . HOH D 4 .   ? 5.594   10.449  9.045   1.00 54.14 ? 1339 HOH A O   1 
HETATM 1136 O O   . HOH D 4 .   ? -4.545  -7.544  1.547   1.00 32.73 ? 1340 HOH A O   1 
HETATM 1137 O O   . HOH D 4 .   ? -0.639  14.053  -2.563  1.00 38.68 ? 1341 HOH A O   1 
HETATM 1138 O O   . HOH D 4 .   ? -13.140 7.808   3.426   1.00 38.60 ? 1342 HOH A O   1 
HETATM 1139 O O   . HOH D 4 .   ? -5.549  3.599   -16.917 1.00 44.79 ? 1343 HOH A O   1 
HETATM 1140 O O   . HOH D 4 .   ? 15.374  -11.446 -16.552 1.00 57.80 ? 1344 HOH A O   1 
HETATM 1141 O O   . HOH D 4 .   ? -11.258 4.320   -5.836  1.00 34.29 ? 1345 HOH A O   1 
HETATM 1142 O O   . HOH D 4 .   ? -14.165 -1.808  11.624  1.00 44.73 ? 1346 HOH A O   1 
HETATM 1143 O O   . HOH D 4 .   ? 0.909   2.840   10.611  1.00 43.62 ? 1347 HOH A O   1 
HETATM 1144 O O   . HOH D 4 .   ? -5.079  16.287  2.423   1.00 47.64 ? 1348 HOH A O   1 
HETATM 1145 O O   . HOH D 4 .   ? -2.028  14.757  9.771   1.00 49.40 ? 1349 HOH A O   1 
HETATM 1146 O O   . HOH D 4 .   ? 15.479  -8.224  -9.101  1.00 58.44 ? 1350 HOH A O   1 
HETATM 1147 O O   . HOH D 4 .   ? -0.472  1.638   8.592   1.00 33.18 ? 1351 HOH A O   1 
HETATM 1148 O O   . HOH D 4 .   ? 3.087   -11.513 13.651  1.00 51.30 ? 1352 HOH A O   1 
HETATM 1149 O O   . HOH D 4 .   ? -13.326 8.098   22.698  1.00 47.32 ? 1353 HOH A O   1 
HETATM 1150 O O   . HOH D 4 .   ? -1.884  17.108  2.479   1.00 40.06 ? 1354 HOH A O   1 
HETATM 1151 O O   . HOH D 4 .   ? 0.862   -16.093 -18.419 1.00 51.67 ? 1355 HOH A O   1 
HETATM 1152 O O   . HOH D 4 .   ? -9.855  6.744   -11.220 1.00 41.70 ? 1356 HOH A O   1 
HETATM 1153 O O   . HOH D 4 .   ? -5.669  1.398   -19.620 1.00 42.73 ? 1357 HOH A O   1 
HETATM 1154 O O   . HOH D 4 .   ? -4.255  -9.023  12.096  1.00 52.11 ? 1358 HOH A O   1 
HETATM 1155 O O   . HOH D 4 .   ? -0.389  7.821   -16.871 1.00 44.10 ? 1359 HOH A O   1 
HETATM 1156 O O   . HOH D 4 .   ? 3.160   -12.785 -22.752 1.00 33.52 ? 1360 HOH A O   1 
HETATM 1157 O O   . HOH D 4 .   ? 3.074   7.030   -11.023 1.00 39.85 ? 1361 HOH A O   1 
HETATM 1158 O O   . HOH D 4 .   ? -4.824  -5.039  -16.723 1.00 44.43 ? 1362 HOH A O   1 
HETATM 1159 O O   . HOH D 4 .   ? -5.367  14.098  13.247  1.00 50.59 ? 1363 HOH A O   1 
HETATM 1160 O O   . HOH D 4 .   ? 9.612   0.770   7.586   1.00 55.63 ? 1364 HOH A O   1 
HETATM 1161 O O   . HOH D 4 .   ? -4.649  -6.928  -5.154  1.00 39.64 ? 1365 HOH A O   1 
HETATM 1162 O O   . HOH D 4 .   ? 16.884  -1.017  -4.768  1.00 37.03 ? 1366 HOH A O   1 
HETATM 1163 O O   . HOH D 4 .   ? -2.830  0.437   -24.119 1.00 42.36 ? 1367 HOH A O   1 
HETATM 1164 O O   . HOH D 4 .   ? 1.981   -8.134  -1.727  1.00 44.24 ? 1368 HOH A O   1 
HETATM 1165 O O   . HOH D 4 .   ? -6.376  -6.974  3.415   1.00 42.59 ? 1369 HOH A O   1 
HETATM 1166 O O   . HOH D 4 .   ? 15.026  1.202   -17.215 0.50 43.01 ? 1370 HOH A O   1 
HETATM 1167 O O   . HOH D 4 .   ? -1.840  13.224  13.518  1.00 70.74 ? 1371 HOH A O   1 
HETATM 1168 O O   . HOH D 4 .   ? 14.318  -1.564  0.781   1.00 44.78 ? 1372 HOH A O   1 
HETATM 1169 O O   . HOH D 4 .   ? 13.810  -4.930  -12.723 1.00 48.09 ? 1373 HOH A O   1 
HETATM 1170 O O   . HOH D 4 .   ? 5.131   -9.529  -0.668  1.00 54.44 ? 1374 HOH A O   1 
HETATM 1171 O O   . HOH D 4 .   ? -18.088 7.696   21.654  1.00 32.84 ? 1375 HOH A O   1 
HETATM 1172 O O   . HOH D 4 .   ? -3.246  10.610  9.619   1.00 31.36 ? 1376 HOH A O   1 
HETATM 1173 O O   . HOH D 4 .   ? 10.304  -5.227  -9.135  1.00 31.30 ? 1377 HOH A O   1 
HETATM 1174 O O   . HOH D 4 .   ? 5.522   11.877  4.588   1.00 47.03 ? 1378 HOH A O   1 
HETATM 1175 O O   . HOH D 4 .   ? -12.351 8.709   20.429  1.00 36.39 ? 1379 HOH A O   1 
HETATM 1176 O O   . HOH D 4 .   ? -8.831  -3.317  2.450   1.00 41.11 ? 1380 HOH A O   1 
HETATM 1177 O O   . HOH D 4 .   ? 7.863   -3.071  -21.755 1.00 55.01 ? 1381 HOH A O   1 
HETATM 1178 O O   . HOH D 4 .   ? -3.007  -8.230  9.981   1.00 40.70 ? 1382 HOH A O   1 
HETATM 1179 O O   . HOH D 4 .   ? 5.916   -7.981  3.625   1.00 44.07 ? 1383 HOH A O   1 
HETATM 1180 O O   . HOH D 4 .   ? -6.967  7.876   -18.065 1.00 48.58 ? 1384 HOH A O   1 
HETATM 1181 O O   . HOH D 4 .   ? 11.175  3.269   3.651   1.00 42.64 ? 1385 HOH A O   1 
HETATM 1182 O O   . HOH D 4 .   ? -2.615  0.272   9.006   1.00 34.92 ? 1386 HOH A O   1 
HETATM 1183 O O   . HOH D 4 .   ? 17.940  3.522   -10.057 1.00 56.53 ? 1387 HOH A O   1 
HETATM 1184 O O   . HOH D 4 .   ? 10.686  -7.330  -28.101 1.00 56.95 ? 1388 HOH A O   1 
HETATM 1185 O O   . HOH D 4 .   ? 4.526   -9.104  -3.045  1.00 47.77 ? 1389 HOH A O   1 
HETATM 1186 O O   . HOH D 4 .   ? -17.987 9.233   16.604  1.00 31.77 ? 1390 HOH A O   1 
HETATM 1187 O O   . HOH D 4 .   ? -10.966 12.578  3.300   1.00 37.91 ? 1391 HOH A O   1 
HETATM 1188 O O   . HOH D 4 .   ? -2.946  11.624  -1.809  1.00 37.89 ? 1392 HOH A O   1 
HETATM 1189 O O   . HOH D 4 .   ? 3.594   -11.580 -4.044  1.00 52.46 ? 1393 HOH A O   1 
HETATM 1190 O O   . HOH D 4 .   ? 8.987   -3.947  -6.374  1.00 28.62 ? 1394 HOH A O   1 
HETATM 1191 O O   . HOH D 4 .   ? 8.777   -6.994  -21.362 1.00 31.44 ? 1395 HOH A O   1 
HETATM 1192 O O   . HOH D 4 .   ? 6.280   7.085   4.507   1.00 42.62 ? 1396 HOH A O   1 
HETATM 1193 O O   . HOH D 4 .   ? -4.683  12.266  14.059  1.00 54.73 ? 1397 HOH A O   1 
HETATM 1194 O O   . HOH D 4 .   ? -8.068  0.486   -9.657  1.00 36.82 ? 1398 HOH A O   1 
HETATM 1195 O O   . HOH D 4 .   ? -18.769 0.913   19.555  1.00 43.16 ? 1399 HOH A O   1 
HETATM 1196 O O   . HOH D 4 .   ? -1.512  13.264  -6.106  1.00 41.51 ? 1400 HOH A O   1 
HETATM 1197 O O   . HOH D 4 .   ? 5.997   5.480   -19.280 1.00 28.49 ? 1401 HOH A O   1 
HETATM 1198 O O   . HOH D 4 .   ? -16.143 5.412   24.990  1.00 50.48 ? 1402 HOH A O   1 
HETATM 1199 O O   . HOH D 4 .   ? 1.183   3.050   -17.487 1.00 36.52 ? 1403 HOH A O   1 
HETATM 1200 O O   . HOH D 4 .   ? -7.751  9.062   15.926  1.00 50.79 ? 1404 HOH A O   1 
HETATM 1201 O O   . HOH D 4 .   ? -10.887 11.526  -0.842  1.00 47.76 ? 1405 HOH A O   1 
HETATM 1202 O O   . HOH D 4 .   ? -0.252  4.358   -21.901 1.00 44.22 ? 1406 HOH A O   1 
HETATM 1203 O O   . HOH D 4 .   ? -16.693 4.570   9.848   1.00 54.80 ? 1407 HOH A O   1 
HETATM 1204 O O   . HOH D 4 .   ? 2.656   6.761   11.256  1.00 53.52 ? 1408 HOH A O   1 
HETATM 1205 O O   . HOH D 4 .   ? -18.839 5.676   14.464  1.00 46.38 ? 1409 HOH A O   1 
HETATM 1206 O O   . HOH D 4 .   ? -9.568  9.585   -10.500 1.00 49.56 ? 1410 HOH A O   1 
HETATM 1207 O O   . HOH D 4 .   ? 9.482   -8.712  -26.201 1.00 50.62 ? 1411 HOH A O   1 
HETATM 1208 O O   . HOH D 4 .   ? -15.849 6.628   9.329   1.00 44.01 ? 1412 HOH A O   1 
HETATM 1209 O O   . HOH D 4 .   ? 10.786  -0.934  6.292   1.00 49.64 ? 1413 HOH A O   1 
HETATM 1210 O O   . HOH D 4 .   ? 7.860   4.333   13.969  1.00 55.33 ? 1414 HOH A O   1 
HETATM 1211 O O   . HOH D 4 .   ? -5.250  13.731  -12.181 1.00 53.34 ? 1415 HOH A O   1 
HETATM 1212 O O   . HOH D 4 .   ? -3.987  4.328   -20.666 1.00 60.37 ? 1416 HOH A O   1 
HETATM 1213 O O   . HOH D 4 .   ? -10.954 -2.693  3.636   1.00 56.83 ? 1417 HOH A O   1 
HETATM 1214 O O   . HOH D 4 .   ? 1.456   -0.767  10.845  1.00 55.79 ? 1418 HOH A O   1 
HETATM 1215 O O   . HOH D 4 .   ? -6.982  9.606   -6.467  1.00 42.43 ? 1419 HOH A O   1 
HETATM 1216 O O   . HOH D 4 .   ? -10.728 9.200   -1.419  1.00 46.33 ? 1420 HOH A O   1 
HETATM 1217 O O   . HOH D 4 .   ? -6.361  -5.511  -6.494  1.00 47.32 ? 1421 HOH A O   1 
HETATM 1218 O O   . HOH D 4 .   ? 8.815   -3.988  4.540   1.00 45.62 ? 1422 HOH A O   1 
HETATM 1219 O O   . HOH D 4 .   ? 17.174  -5.239  -4.598  1.00 58.79 ? 1423 HOH A O   1 
HETATM 1220 O O   . HOH D 4 .   ? -2.600  12.648  11.647  1.00 50.52 ? 1424 HOH A O   1 
HETATM 1221 O O   . HOH D 4 .   ? 13.084  3.027   2.345   1.00 48.64 ? 1425 HOH A O   1 
HETATM 1222 O O   . HOH D 4 .   ? 11.966  -7.380  -10.201 1.00 39.65 ? 1426 HOH A O   1 
HETATM 1223 O O   . HOH D 4 .   ? 8.849   8.887   -6.777  1.00 37.01 ? 1427 HOH A O   1 
HETATM 1224 O O   . HOH D 4 .   ? -10.083 15.382  -0.195  1.00 57.33 ? 1428 HOH A O   1 
HETATM 1225 O O   . HOH D 4 .   ? -3.810  5.249   -18.617 1.00 45.23 ? 1429 HOH A O   1 
HETATM 1226 O O   . HOH D 4 .   ? 3.552   9.028   12.283  1.00 56.57 ? 1430 HOH A O   1 
HETATM 1227 O O   . HOH D 4 .   ? -10.758 8.657   -4.197  1.00 49.29 ? 1431 HOH A O   1 
HETATM 1228 O O   . HOH D 4 .   ? -5.227  -9.328  7.267   1.00 46.24 ? 1432 HOH A O   1 
HETATM 1229 O O   . HOH D 4 .   ? -11.255 3.632   -8.411  1.00 39.40 ? 1433 HOH A O   1 
HETATM 1230 O O   . HOH D 4 .   ? 0.833   16.003  8.747   1.00 53.80 ? 1434 HOH A O   1 
HETATM 1231 O O   . HOH D 4 .   ? 9.773   -3.387  -22.685 1.00 50.17 ? 1435 HOH A O   1 
HETATM 1232 O O   . HOH D 4 .   ? 10.009  6.145   3.189   1.00 56.55 ? 1436 HOH A O   1 
HETATM 1233 O O   . HOH D 4 .   ? -7.462  -0.077  -12.321 1.00 43.43 ? 1437 HOH A O   1 
HETATM 1234 O O   . HOH D 4 .   ? -5.125  -1.102  -14.456 1.00 55.37 ? 1438 HOH A O   1 
HETATM 1235 O O   . HOH D 4 .   ? 16.738  -2.039  -0.837  1.00 47.14 ? 1439 HOH A O   1 
HETATM 1236 O O   . HOH D 4 .   ? -12.419 11.179  1.864   1.00 43.85 ? 1440 HOH A O   1 
HETATM 1237 O O   . HOH D 4 .   ? 10.188  -10.573 -25.265 1.00 48.41 ? 1441 HOH A O   1 
HETATM 1238 O O   . HOH D 4 .   ? -6.532  -6.365  -19.785 1.00 52.00 ? 1442 HOH A O   1 
HETATM 1239 O O   . HOH D 4 .   ? -12.529 6.740   -5.419  1.00 47.76 ? 1443 HOH A O   1 
HETATM 1240 O O   . HOH D 4 .   ? 7.741   8.657   -0.823  1.00 45.89 ? 1444 HOH A O   1 
HETATM 1241 O O   . HOH D 4 .   ? 5.004   6.909   -12.883 1.00 29.51 ? 1445 HOH A O   1 
HETATM 1242 O O   . HOH D 4 .   ? 5.648   -11.201 6.081   1.00 50.27 ? 1446 HOH A O   1 
HETATM 1243 O O   . HOH D 4 .   ? 7.509   10.175  0.938   1.00 54.55 ? 1447 HOH A O   1 
HETATM 1244 O O   . HOH D 4 .   ? -5.515  -12.931 -21.184 1.00 49.60 ? 1448 HOH A O   1 
HETATM 1245 O O   . HOH D 4 .   ? -2.806  -16.160 -19.656 1.00 54.52 ? 1449 HOH A O   1 
HETATM 1246 O O   . HOH D 4 .   ? -6.165  -8.326  -0.609  1.00 39.87 ? 1450 HOH A O   1 
HETATM 1247 O O   . HOH D 4 .   ? -4.842  1.791   -24.929 1.00 58.70 ? 1451 HOH A O   1 
HETATM 1248 O O   . HOH D 4 .   ? 16.936  -7.382  -5.378  1.00 51.30 ? 1452 HOH A O   1 
HETATM 1249 O O   . HOH D 4 .   ? -10.701 0.923   -9.249  1.00 46.17 ? 1453 HOH A O   1 
HETATM 1250 O O   . HOH D 4 .   ? -2.648  -9.554  2.215   1.00 47.75 ? 1454 HOH A O   1 
HETATM 1251 O O   . HOH D 4 .   ? -10.514 6.719   -14.324 1.00 47.90 ? 1455 HOH A O   1 
HETATM 1252 O O   . HOH D 4 .   ? 10.807  -4.976  3.342   1.00 50.13 ? 1456 HOH A O   1 
HETATM 1253 O O   . HOH D 4 .   ? -8.951  -6.411  2.314   1.00 49.79 ? 1457 HOH A O   1 
HETATM 1254 O O   . HOH D 4 .   ? 1.919   3.659   -19.944 1.00 42.97 ? 1458 HOH A O   1 
HETATM 1255 O O   . HOH D 4 .   ? -9.422  10.100  -5.649  1.00 44.70 ? 1459 HOH A O   1 
HETATM 1256 O O   . HOH D 4 .   ? 3.925   5.586   -15.205 1.00 33.96 ? 1460 HOH A O   1 
HETATM 1257 O O   . HOH D 4 .   ? -14.099 4.844   -11.364 1.00 58.52 ? 1461 HOH A O   1 
HETATM 1258 O O   . HOH D 4 .   ? -5.729  -3.507  -15.132 1.00 58.74 ? 1462 HOH A O   1 
HETATM 1259 O O   . HOH D 4 .   ? 2.323   14.362  6.773   1.00 47.49 ? 1463 HOH A O   1 
HETATM 1260 O O   . HOH D 4 .   ? -17.112 10.265  14.385  1.00 43.93 ? 1464 HOH A O   1 
HETATM 1261 O O   . HOH D 4 .   ? -11.590 -4.858  6.076   1.00 48.39 ? 1465 HOH A O   1 
HETATM 1262 O O   . HOH D 4 .   ? 6.852   9.515   4.949   1.00 51.05 ? 1466 HOH A O   1 
HETATM 1263 O O   . HOH D 4 .   ? -9.950  -8.826  5.886   1.00 61.09 ? 1467 HOH A O   1 
HETATM 1264 O O   . HOH D 4 .   ? 10.367  6.148   -2.677  1.00 45.51 ? 1468 HOH A O   1 
HETATM 1265 O O   . HOH D 4 .   ? -11.884 5.837   -9.929  1.00 46.86 ? 1469 HOH A O   1 
HETATM 1266 O O   . HOH D 4 .   ? 18.625  -3.801  -1.369  1.00 52.70 ? 1470 HOH A O   1 
HETATM 1267 O O   . HOH D 4 .   ? -9.499  12.553  -4.360  1.00 58.32 ? 1471 HOH A O   1 
HETATM 1268 O O   . HOH D 4 .   ? -3.654  12.123  -4.376  1.00 44.61 ? 1472 HOH A O   1 
HETATM 1269 O O   . HOH D 4 .   ? -10.979 -7.282  4.337   1.00 59.80 ? 1473 HOH A O   1 
HETATM 1270 O O   . HOH D 4 .   ? -5.671  11.604  -6.020  1.00 44.69 ? 1474 HOH A O   1 
HETATM 1271 O O   . HOH D 4 .   ? -6.804  -4.552  -9.080  1.00 64.16 ? 1475 HOH A O   1 
HETATM 1272 O O   . HOH D 4 .   ? -5.181  -2.419  -12.506 1.00 51.85 ? 1476 HOH A O   1 
HETATM 1273 O O   . HOH D 4 .   ? -12.762 7.696   -8.068  1.00 49.88 ? 1477 HOH A O   1 
HETATM 1274 O O   . HOH D 4 .   ? -8.854  -2.971  -9.745  1.00 59.35 ? 1478 HOH A O   1 
HETATM 1275 O O   . HOH D 4 .   ? -11.314 9.916   -8.124  1.00 55.44 ? 1479 HOH A O   1 
HETATM 1276 O O   . HOH D 4 .   ? -11.960 -0.594  -7.034  1.00 55.57 ? 1480 HOH A O   1 
HETATM 1277 O O   . HOH D 4 .   ? -6.762  -3.323  -10.679 1.00 55.10 ? 1481 HOH A O   1 
# 
